data_8DI0
#
_entry.id   8DI0
#
_cell.length_a   113.180
_cell.length_b   121.110
_cell.length_c   144.660
_cell.angle_alpha   90.000
_cell.angle_beta   90.000
_cell.angle_gamma   90.000
#
_symmetry.space_group_name_H-M   'P 21 21 21'
#
loop_
_entity.id
_entity.type
_entity.pdbx_description
1 polymer Arylsulfatase
2 non-polymer 'SULFATE ION'
3 water water
#
_entity_poly.entity_id   1
_entity_poly.type   'polypeptide(L)'
_entity_poly.pdbx_seq_one_letter_code
;MKASKLSCLGLIGVIPACIHAQEHRADDTLRPNIIYIFPDQMRNSAMGFWNDPAFASHLQGKADPVETPNLNRFARESVV
FSSAMSNCPLSSPHRASLLTGMYPHRSGVPLNVNSRRPFSTLRNDATTVSDVFSRNGYDCAYIGKYHLDTPTPNDPENPG
NYVENRDLVWDAYTPPERRHGFNFWYSYGTFDVHKHPHYWDTDGKRHDINQWSPSHETDMAISYLKNEFGRRDVSKPFFL
MISMNPPHHPYNSFNDCMEEDYTHYKDRTLSELLVRHNADTTMEKSSSAAYYFAQITGVDREFGRLLEALDELGLSKNTM
VVFSSDHGETMCSHGLQDAKNSPYIESMNVPFLIRYPQRLKPKVVDYLLSSPDIMPTLLGLSNLGQHIPHEVQGTDFSKA
LFSNQPDKPLPDAALYIRNMDGRQDQDGKVRTYVPVARGIKTHRYTLSLTVDKENKQLKEILLFDDLDDPYQMNNIDWNT
RPQLKRQLLIQLGQLLKKYDDPWYKDGILKDLIMYE
;
_entity_poly.pdbx_strand_id   A,B,C
#
# COMPACT_ATOMS: atom_id res chain seq x y z
N ARG A 31 28.50 15.06 -5.46
CA ARG A 31 28.26 13.88 -4.63
C ARG A 31 26.89 13.86 -3.92
N PRO A 32 26.53 14.92 -3.18
CA PRO A 32 25.38 14.80 -2.28
C PRO A 32 24.05 14.92 -3.01
N ASN A 33 23.08 14.14 -2.52
CA ASN A 33 21.69 14.31 -2.92
C ASN A 33 21.10 15.53 -2.22
N ILE A 34 20.06 16.10 -2.83
CA ILE A 34 19.42 17.30 -2.31
C ILE A 34 17.92 17.12 -2.35
N ILE A 35 17.27 17.31 -1.20
CA ILE A 35 15.81 17.33 -1.11
C ILE A 35 15.40 18.71 -0.59
N TYR A 36 14.68 19.46 -1.41
CA TYR A 36 14.19 20.78 -1.05
C TYR A 36 12.68 20.70 -0.88
N ILE A 37 12.21 20.78 0.36
CA ILE A 37 10.80 20.72 0.69
C ILE A 37 10.34 22.10 1.12
N PHE A 38 9.28 22.60 0.51
CA PHE A 38 8.75 23.88 0.94
C PHE A 38 7.23 23.94 0.83
N PRO A 39 6.53 23.95 1.97
CA PRO A 39 5.08 24.15 1.94
C PRO A 39 4.74 25.61 1.69
N ASP A 40 3.46 25.85 1.46
CA ASP A 40 2.98 27.21 1.22
C ASP A 40 2.51 27.86 2.52
N GLN A 41 2.72 29.16 2.60
CA GLN A 41 2.12 30.02 3.63
C GLN A 41 2.52 29.62 5.04
N MET A 42 3.67 28.98 5.21
CA MET A 42 4.16 28.60 6.53
C MET A 42 5.17 29.64 7.01
N ARG A 43 4.83 30.34 8.09
CA ARG A 43 5.73 31.33 8.65
C ARG A 43 6.76 30.67 9.55
N ASN A 44 7.89 31.37 9.75
CA ASN A 44 8.99 30.81 10.51
C ASN A 44 8.61 30.59 11.97
N SER A 45 7.73 31.44 12.52
CA SER A 45 7.36 31.34 13.91
C SER A 45 6.47 30.13 14.20
N ALA A 46 5.93 29.49 13.17
CA ALA A 46 5.00 28.37 13.35
C ALA A 46 5.71 27.03 13.38
N MET A 47 6.73 26.92 14.25
CA MET A 47 7.48 25.67 14.42
C MET A 47 7.80 25.51 15.90
N GLY A 48 7.51 24.32 16.43
CA GLY A 48 7.43 24.17 17.88
C GLY A 48 8.73 24.46 18.61
N PHE A 49 9.87 24.11 18.00
CA PHE A 49 11.14 24.24 18.70
C PHE A 49 11.55 25.69 18.95
N TRP A 50 10.88 26.66 18.32
CA TRP A 50 11.16 28.07 18.64
C TRP A 50 10.73 28.43 20.05
N ASN A 51 10.05 27.53 20.76
CA ASN A 51 9.67 27.76 22.15
C ASN A 51 10.75 27.36 23.14
N ASP A 52 11.73 26.58 22.71
CA ASP A 52 12.78 26.08 23.59
C ASP A 52 13.84 27.14 23.84
N PRO A 53 14.47 27.12 25.01
CA PRO A 53 15.46 28.16 25.33
C PRO A 53 16.63 28.23 24.36
N ALA A 54 17.04 27.10 23.80
CA ALA A 54 18.18 27.08 22.89
C ALA A 54 17.88 27.72 21.54
N PHE A 55 16.62 28.07 21.28
CA PHE A 55 16.20 28.63 20.00
C PHE A 55 15.44 29.94 20.15
N ALA A 56 14.65 30.11 21.23
CA ALA A 56 13.66 31.18 21.28
C ALA A 56 14.29 32.56 21.15
N SER A 57 15.52 32.73 21.63
CA SER A 57 16.16 34.04 21.60
C SER A 57 16.46 34.53 20.19
N HIS A 58 16.27 33.68 19.18
CA HIS A 58 16.57 34.06 17.80
C HIS A 58 15.33 34.36 16.97
N LEU A 59 14.15 33.95 17.40
CA LEU A 59 12.92 34.19 16.66
C LEU A 59 12.32 35.53 17.08
N GLN A 60 11.98 36.35 16.10
CA GLN A 60 11.34 37.64 16.36
C GLN A 60 9.91 37.39 16.83
N GLY A 61 9.69 37.48 18.14
CA GLY A 61 8.39 37.27 18.72
C GLY A 61 8.25 35.87 19.29
N LYS A 62 7.07 35.62 19.85
CA LYS A 62 6.79 34.32 20.44
C LYS A 62 6.51 33.28 19.35
N ALA A 63 6.93 32.05 19.62
CA ALA A 63 6.64 30.96 18.70
C ALA A 63 5.15 30.68 18.67
N ASP A 64 4.69 30.12 17.56
CA ASP A 64 3.30 29.72 17.49
C ASP A 64 3.10 28.42 18.27
N PRO A 65 1.96 28.27 18.95
CA PRO A 65 1.73 27.05 19.73
C PRO A 65 1.43 25.85 18.86
N VAL A 66 2.27 25.60 17.88
CA VAL A 66 2.03 24.59 16.86
C VAL A 66 2.69 23.29 17.26
N GLU A 67 2.16 22.18 16.74
CA GLU A 67 2.67 20.85 17.02
C GLU A 67 3.44 20.36 15.79
N THR A 68 4.76 20.35 15.88
CA THR A 68 5.62 19.93 14.78
C THR A 68 6.76 19.08 15.32
N PRO A 69 6.46 17.86 15.77
CA PRO A 69 7.51 17.04 16.43
C PRO A 69 8.67 16.69 15.52
N ASN A 70 8.40 16.41 14.24
CA ASN A 70 9.47 16.01 13.32
C ASN A 70 10.41 17.17 13.03
N LEU A 71 9.85 18.35 12.75
CA LEU A 71 10.67 19.54 12.58
C LEU A 71 11.46 19.86 13.85
N ASN A 72 10.90 19.53 15.01
CA ASN A 72 11.59 19.78 16.27
C ASN A 72 12.87 18.94 16.37
N ARG A 73 12.75 17.62 16.13
CA ARG A 73 13.93 16.78 16.10
C ARG A 73 14.85 17.17 14.96
N PHE A 74 14.27 17.58 13.82
CA PHE A 74 15.07 17.96 12.66
C PHE A 74 15.94 19.18 12.97
N ALA A 75 15.39 20.14 13.70
CA ALA A 75 16.13 21.38 13.96
C ALA A 75 17.40 21.12 14.77
N ARG A 76 17.38 20.12 15.65
CA ARG A 76 18.52 19.87 16.51
C ARG A 76 19.68 19.20 15.79
N GLU A 77 19.47 18.71 14.56
CA GLU A 77 20.54 18.09 13.78
C GLU A 77 20.85 18.87 12.51
N SER A 78 20.41 20.13 12.43
CA SER A 78 20.54 20.90 11.21
C SER A 78 20.91 22.34 11.53
N VAL A 79 21.26 23.08 10.49
CA VAL A 79 21.54 24.51 10.59
C VAL A 79 20.21 25.25 10.46
N VAL A 80 19.86 26.02 11.48
CA VAL A 80 18.57 26.70 11.54
C VAL A 80 18.78 28.18 11.23
N PHE A 81 18.05 28.68 10.24
CA PHE A 81 18.10 30.10 9.89
C PHE A 81 16.98 30.81 10.62
N SER A 82 17.33 31.80 11.44
CA SER A 82 16.32 32.52 12.20
C SER A 82 15.70 33.65 11.38
N SER A 83 16.45 34.21 10.44
CA SER A 83 16.04 35.42 9.73
C SER A 83 16.08 35.22 8.22
N ALA A 84 15.69 34.04 7.76
CA ALA A 84 15.49 33.83 6.34
C ALA A 84 14.24 34.59 5.88
N MET A 85 14.36 35.32 4.77
CA MET A 85 13.29 36.20 4.32
C MET A 85 12.85 35.87 2.90
N SER A 86 11.57 36.16 2.63
CA SER A 86 11.01 36.11 1.29
C SER A 86 10.82 37.56 0.85
N ASN A 87 11.76 38.04 0.01
CA ASN A 87 11.77 39.45 -0.37
C ASN A 87 10.46 39.87 -1.01
N CYS A 88 9.95 39.08 -1.95
CA CYS A 88 8.62 39.29 -2.49
C CYS A 88 7.70 38.23 -1.90
N PRO A 89 6.97 38.53 -0.81
CA PRO A 89 6.18 37.49 -0.15
C PRO A 89 4.95 37.07 -0.96
N LEU A 90 5.18 36.47 -2.12
CA LEU A 90 4.13 35.90 -2.93
C LEU A 90 4.61 34.56 -3.46
N SER A 91 3.65 33.70 -3.83
CA SER A 91 3.98 32.32 -4.21
C SER A 91 4.81 32.29 -5.49
N SER A 92 4.31 32.93 -6.55
CA SER A 92 4.99 32.85 -7.84
C SER A 92 6.31 33.61 -7.85
N PRO A 93 6.40 34.86 -7.36
CA PRO A 93 7.72 35.54 -7.36
C PRO A 93 8.79 34.78 -6.59
N HIS A 94 8.46 34.22 -5.43
CA HIS A 94 9.47 33.47 -4.67
C HIS A 94 9.96 32.26 -5.44
N ARG A 95 9.04 31.49 -6.01
CA ARG A 95 9.43 30.30 -6.76
C ARG A 95 10.33 30.66 -7.94
N ALA A 96 10.05 31.78 -8.61
CA ALA A 96 10.92 32.23 -9.68
C ALA A 96 12.29 32.63 -9.15
N SER A 97 12.31 33.37 -8.04
CA SER A 97 13.59 33.74 -7.43
C SER A 97 14.29 32.53 -6.84
N LEU A 98 13.54 31.53 -6.40
CA LEU A 98 14.14 30.30 -5.88
C LEU A 98 14.84 29.52 -6.97
N LEU A 99 14.24 29.44 -8.16
CA LEU A 99 14.82 28.64 -9.24
C LEU A 99 15.90 29.39 -10.01
N THR A 100 15.83 30.72 -10.08
CA THR A 100 16.77 31.49 -10.88
C THR A 100 17.85 32.19 -10.06
N GLY A 101 17.67 32.34 -8.76
CA GLY A 101 18.62 33.11 -7.98
C GLY A 101 18.64 34.59 -8.31
N MET A 102 17.54 35.12 -8.82
CA MET A 102 17.46 36.53 -9.22
C MET A 102 16.16 37.12 -8.70
N TYR A 103 16.14 38.45 -8.59
CA TYR A 103 15.03 39.17 -8.01
C TYR A 103 13.90 39.33 -9.03
N PRO A 104 12.68 39.63 -8.56
CA PRO A 104 11.50 39.57 -9.45
C PRO A 104 11.59 40.37 -10.74
N HIS A 105 12.43 41.41 -10.80
CA HIS A 105 12.56 42.15 -12.04
C HIS A 105 13.46 41.45 -13.05
N ARG A 106 14.36 40.58 -12.58
CA ARG A 106 15.20 39.81 -13.49
C ARG A 106 14.70 38.38 -13.68
N SER A 107 13.99 37.83 -12.70
CA SER A 107 13.49 36.46 -12.81
C SER A 107 12.34 36.35 -13.80
N GLY A 108 11.67 37.45 -14.11
CA GLY A 108 10.52 37.42 -14.99
C GLY A 108 9.18 37.22 -14.32
N VAL A 109 9.15 37.05 -13.01
CA VAL A 109 7.89 36.91 -12.27
C VAL A 109 7.86 37.94 -11.15
N PRO A 110 7.41 39.17 -11.42
CA PRO A 110 7.29 40.16 -10.34
C PRO A 110 5.90 40.15 -9.73
N LEU A 111 4.95 39.53 -10.42
CA LEU A 111 3.59 39.39 -9.95
C LEU A 111 3.19 37.93 -10.01
N ASN A 112 2.14 37.59 -9.26
CA ASN A 112 1.63 36.23 -9.24
C ASN A 112 1.24 35.81 -10.65
N VAL A 113 1.72 34.63 -11.07
CA VAL A 113 1.50 34.17 -12.44
C VAL A 113 0.01 34.03 -12.70
N ASN A 114 -0.45 34.59 -13.80
CA ASN A 114 -1.87 34.67 -14.11
C ASN A 114 -2.01 35.01 -15.59
N SER A 115 -3.09 34.50 -16.19
CA SER A 115 -3.37 34.85 -17.58
C SER A 115 -3.52 36.34 -17.77
N ARG A 116 -3.92 37.07 -16.72
CA ARG A 116 -4.22 38.48 -16.88
C ARG A 116 -2.98 39.35 -16.69
N ARG A 117 -1.82 38.72 -16.48
CA ARG A 117 -0.52 39.37 -16.50
C ARG A 117 0.40 38.47 -17.32
N PRO A 118 0.27 38.50 -18.64
CA PRO A 118 1.06 37.57 -19.47
C PRO A 118 2.57 37.78 -19.38
N PHE A 119 3.02 39.00 -19.07
CA PHE A 119 4.45 39.27 -19.02
C PHE A 119 5.11 38.72 -17.75
N SER A 120 4.35 38.24 -16.78
CA SER A 120 4.89 37.68 -15.55
C SER A 120 5.04 36.18 -15.74
N THR A 121 6.26 35.74 -16.06
CA THR A 121 6.51 34.35 -16.39
C THR A 121 8.00 34.07 -16.29
N LEU A 122 8.34 32.86 -15.82
CA LEU A 122 9.72 32.42 -15.78
C LEU A 122 10.37 32.55 -17.15
N ARG A 123 11.51 33.23 -17.20
CA ARG A 123 12.23 33.42 -18.45
C ARG A 123 12.67 32.07 -19.00
N ASN A 124 12.27 31.77 -20.24
CA ASN A 124 12.60 30.49 -20.82
C ASN A 124 14.10 30.31 -20.97
N ASP A 125 14.80 31.37 -21.33
CA ASP A 125 16.25 31.34 -21.54
C ASP A 125 17.04 31.46 -20.24
N ALA A 126 16.45 31.14 -19.10
CA ALA A 126 17.11 31.27 -17.81
C ALA A 126 17.75 29.95 -17.41
N THR A 127 18.85 30.05 -16.68
CA THR A 127 19.54 28.89 -16.12
C THR A 127 19.05 28.69 -14.70
N THR A 128 18.24 27.66 -14.49
CA THR A 128 17.68 27.38 -13.18
C THR A 128 18.62 26.50 -12.35
N VAL A 129 18.28 26.35 -11.07
CA VAL A 129 19.07 25.52 -10.18
C VAL A 129 19.07 24.07 -10.68
N SER A 130 17.93 23.60 -11.17
CA SER A 130 17.87 22.27 -11.77
C SER A 130 18.68 22.20 -13.06
N ASP A 131 18.72 23.30 -13.82
CA ASP A 131 19.54 23.33 -15.03
C ASP A 131 21.00 23.04 -14.71
N VAL A 132 21.53 23.68 -13.68
CA VAL A 132 22.93 23.45 -13.31
C VAL A 132 23.12 22.04 -12.79
N PHE A 133 22.22 21.58 -11.90
CA PHE A 133 22.35 20.25 -11.32
C PHE A 133 22.24 19.17 -12.39
N SER A 134 21.22 19.27 -13.25
CA SER A 134 21.07 18.27 -14.30
C SER A 134 22.23 18.30 -15.28
N ARG A 135 22.75 19.49 -15.58
CA ARG A 135 23.94 19.58 -16.43
C ARG A 135 25.20 19.09 -15.74
N ASN A 136 25.14 18.81 -14.44
CA ASN A 136 26.27 18.29 -13.69
C ASN A 136 25.96 16.90 -13.14
N GLY A 137 25.26 16.09 -13.92
CA GLY A 137 25.08 14.69 -13.60
C GLY A 137 24.08 14.38 -12.51
N TYR A 138 23.05 15.20 -12.34
CA TYR A 138 22.02 14.96 -11.35
C TYR A 138 20.73 14.52 -12.01
N ASP A 139 19.98 13.68 -11.30
CA ASP A 139 18.57 13.47 -11.61
C ASP A 139 17.77 14.56 -10.92
N CYS A 140 16.84 15.18 -11.64
CA CYS A 140 16.09 16.31 -11.12
C CYS A 140 14.60 16.01 -11.17
N ALA A 141 13.94 16.14 -10.03
CA ALA A 141 12.52 15.83 -9.89
C ALA A 141 11.83 17.01 -9.23
N TYR A 142 10.68 17.41 -9.78
CA TYR A 142 9.85 18.45 -9.20
C TYR A 142 8.46 17.88 -8.92
N ILE A 143 7.96 18.14 -7.71
CA ILE A 143 6.65 17.65 -7.28
C ILE A 143 5.92 18.81 -6.61
N GLY A 144 4.66 19.01 -6.99
CA GLY A 144 3.81 20.00 -6.37
C GLY A 144 3.47 21.15 -7.30
N LYS A 145 2.99 22.24 -6.68
CA LYS A 145 2.59 23.42 -7.43
C LYS A 145 3.80 24.06 -8.10
N TYR A 146 3.72 24.21 -9.44
CA TYR A 146 4.73 24.93 -10.19
C TYR A 146 4.04 26.16 -10.74
N HIS A 147 3.52 26.13 -11.95
CA HIS A 147 2.71 27.24 -12.50
C HIS A 147 3.49 28.55 -12.45
N LEU A 148 4.67 28.52 -13.08
CA LEU A 148 5.49 29.70 -13.28
C LEU A 148 5.42 30.19 -14.73
N ASP A 149 4.57 29.58 -15.54
CA ASP A 149 4.39 29.94 -16.94
C ASP A 149 2.99 30.47 -17.15
N THR A 150 2.86 31.61 -17.83
CA THR A 150 1.54 32.16 -18.09
C THR A 150 0.78 31.25 -19.05
N PRO A 151 -0.54 31.09 -18.85
CA PRO A 151 -1.35 30.30 -19.79
C PRO A 151 -1.68 31.06 -21.06
N ARG A 179 9.73 22.04 -18.41
CA ARG A 179 10.77 21.65 -17.44
C ARG A 179 12.05 22.44 -17.69
N HIS A 180 13.04 22.23 -16.81
CA HIS A 180 14.31 22.93 -16.86
C HIS A 180 15.41 21.98 -16.41
N GLY A 181 15.50 20.84 -17.07
CA GLY A 181 16.39 19.78 -16.65
C GLY A 181 15.77 18.81 -15.66
N PHE A 182 14.49 18.96 -15.34
CA PHE A 182 13.77 18.05 -14.44
C PHE A 182 13.40 16.80 -15.23
N ASN A 183 14.04 15.67 -14.90
CA ASN A 183 13.64 14.40 -15.51
C ASN A 183 12.25 13.99 -15.06
N PHE A 184 11.92 14.21 -13.79
CA PHE A 184 10.68 13.76 -13.19
C PHE A 184 9.79 14.96 -12.91
N TRP A 185 8.55 14.90 -13.36
CA TRP A 185 7.60 15.99 -13.25
C TRP A 185 6.30 15.46 -12.65
N TYR A 186 5.83 16.13 -11.57
CA TYR A 186 4.56 15.79 -10.96
C TYR A 186 3.95 17.08 -10.39
N SER A 187 3.42 17.91 -11.29
CA SER A 187 2.86 19.20 -10.90
C SER A 187 1.51 19.03 -10.21
N TYR A 188 1.03 20.12 -9.63
CA TYR A 188 -0.23 20.11 -8.89
C TYR A 188 -1.21 21.14 -9.45
N PRO A 197 -6.18 17.79 -6.60
CA PRO A 197 -7.18 17.24 -7.52
C PRO A 197 -6.69 17.11 -8.96
N HIS A 198 -5.60 17.80 -9.29
CA HIS A 198 -5.05 17.77 -10.64
C HIS A 198 -3.54 17.62 -10.56
N TYR A 199 -3.03 16.48 -11.02
CA TYR A 199 -1.59 16.24 -11.12
C TYR A 199 -1.27 15.78 -12.53
N TRP A 200 -0.04 16.08 -12.97
CA TRP A 200 0.43 15.70 -14.30
C TRP A 200 1.71 14.89 -14.19
N ASP A 201 1.79 13.79 -14.93
CA ASP A 201 2.98 12.96 -14.93
C ASP A 201 4.08 13.57 -15.80
N THR A 202 5.22 12.89 -15.81
CA THR A 202 6.28 13.21 -16.75
C THR A 202 5.83 13.08 -18.19
N ASP A 203 4.81 12.25 -18.45
CA ASP A 203 4.31 12.02 -19.79
C ASP A 203 3.24 13.02 -20.21
N GLY A 204 2.71 13.80 -19.29
CA GLY A 204 1.49 14.55 -19.54
C GLY A 204 0.23 13.89 -19.05
N LYS A 205 0.36 12.84 -18.23
CA LYS A 205 -0.78 12.08 -17.72
C LYS A 205 -1.45 12.85 -16.60
N ARG A 206 -2.76 13.07 -16.72
CA ARG A 206 -3.50 13.79 -15.68
C ARG A 206 -4.05 12.81 -14.65
N HIS A 207 -3.76 13.08 -13.38
CA HIS A 207 -4.17 12.24 -12.25
C HIS A 207 -5.06 13.05 -11.33
N ASP A 208 -6.29 12.58 -11.14
CA ASP A 208 -7.26 13.21 -10.25
C ASP A 208 -7.38 12.31 -9.02
N ILE A 209 -6.76 12.73 -7.91
CA ILE A 209 -6.84 11.99 -6.66
C ILE A 209 -7.28 12.96 -5.56
N ASN A 210 -8.28 12.54 -4.77
CA ASN A 210 -8.81 13.34 -3.68
C ASN A 210 -8.02 13.21 -2.40
N GLN A 211 -6.96 12.39 -2.38
CA GLN A 211 -6.13 12.27 -1.19
C GLN A 211 -5.56 13.64 -0.82
N TRP A 212 -5.48 13.90 0.48
CA TRP A 212 -4.92 15.14 0.98
C TRP A 212 -3.59 15.41 0.30
N SER A 213 -3.52 16.57 -0.37
CA SER A 213 -2.43 16.84 -1.31
C SER A 213 -1.03 16.66 -0.72
N PRO A 214 -0.70 17.15 0.48
CA PRO A 214 0.62 16.85 1.02
C PRO A 214 0.90 15.36 1.18
N SER A 215 -0.13 14.57 1.50
CA SER A 215 0.05 13.13 1.63
C SER A 215 0.37 12.49 0.29
N HIS A 216 -0.37 12.86 -0.76
CA HIS A 216 -0.13 12.29 -2.08
C HIS A 216 1.21 12.72 -2.64
N GLU A 217 1.64 13.95 -2.35
CA GLU A 217 2.94 14.42 -2.82
C GLU A 217 4.07 13.76 -2.06
N THR A 218 3.87 13.47 -0.77
CA THR A 218 4.87 12.70 -0.02
C THR A 218 4.96 11.28 -0.56
N ASP A 219 3.81 10.67 -0.85
CA ASP A 219 3.80 9.32 -1.42
C ASP A 219 4.60 9.28 -2.71
N MET A 220 4.36 10.22 -3.61
CA MET A 220 5.08 10.25 -4.88
C MET A 220 6.55 10.57 -4.66
N ALA A 221 6.87 11.41 -3.67
CA ALA A 221 8.24 11.68 -3.31
C ALA A 221 8.93 10.42 -2.79
N ILE A 222 8.24 9.66 -1.94
CA ILE A 222 8.85 8.47 -1.36
C ILE A 222 9.09 7.42 -2.44
N SER A 223 8.09 7.16 -3.28
CA SER A 223 8.26 6.20 -4.37
C SER A 223 9.42 6.60 -5.27
N TYR A 224 9.58 7.91 -5.51
CA TYR A 224 10.71 8.37 -6.29
C TYR A 224 12.02 8.08 -5.57
N LEU A 225 12.04 8.21 -4.25
CA LEU A 225 13.26 7.97 -3.49
C LEU A 225 13.62 6.49 -3.51
N LYS A 226 12.63 5.62 -3.28
CA LYS A 226 12.85 4.19 -3.36
C LYS A 226 13.12 3.70 -4.77
N ASN A 227 12.87 4.53 -5.78
CA ASN A 227 12.87 4.11 -7.18
C ASN A 227 11.88 2.97 -7.39
N GLU A 228 10.68 3.13 -6.82
CA GLU A 228 9.66 2.10 -6.92
C GLU A 228 9.26 1.82 -8.35
N PHE A 229 9.31 2.85 -9.22
CA PHE A 229 8.83 2.72 -10.59
C PHE A 229 9.92 3.05 -11.60
N GLY A 230 11.18 3.04 -11.18
CA GLY A 230 12.29 3.22 -12.10
C GLY A 230 12.32 4.55 -12.83
N ARG A 231 11.95 5.63 -12.14
CA ARG A 231 11.90 6.95 -12.73
C ARG A 231 13.20 7.73 -12.54
N ARG A 232 14.24 7.09 -12.02
CA ARG A 232 15.53 7.77 -11.84
C ARG A 232 16.64 6.74 -11.84
N ASP A 233 17.83 7.17 -12.26
CA ASP A 233 19.03 6.34 -12.26
C ASP A 233 19.67 6.45 -10.89
N VAL A 234 19.60 5.38 -10.11
CA VAL A 234 20.08 5.42 -8.74
C VAL A 234 21.60 5.59 -8.64
N SER A 235 22.32 5.34 -9.74
CA SER A 235 23.77 5.54 -9.73
C SER A 235 24.15 7.01 -9.85
N LYS A 236 23.19 7.91 -10.02
CA LYS A 236 23.41 9.34 -10.04
C LYS A 236 22.86 9.99 -8.78
N PRO A 237 23.37 11.16 -8.40
CA PRO A 237 22.72 11.94 -7.35
C PRO A 237 21.43 12.54 -7.87
N PHE A 238 20.53 12.87 -6.93
CA PHE A 238 19.25 13.44 -7.29
C PHE A 238 19.05 14.80 -6.64
N PHE A 239 18.22 15.62 -7.30
CA PHE A 239 17.81 16.93 -6.80
C PHE A 239 16.28 16.94 -6.87
N LEU A 240 15.63 16.75 -5.73
CA LEU A 240 14.19 16.52 -5.66
C LEU A 240 13.52 17.70 -4.98
N MET A 241 12.71 18.44 -5.74
CA MET A 241 11.99 19.59 -5.22
C MET A 241 10.55 19.21 -4.93
N ILE A 242 10.10 19.46 -3.71
CA ILE A 242 8.74 19.14 -3.27
C ILE A 242 8.11 20.41 -2.73
N SER A 243 7.12 20.93 -3.45
CA SER A 243 6.27 22.02 -2.97
C SER A 243 4.99 21.40 -2.44
N MET A 244 4.82 21.39 -1.13
CA MET A 244 3.64 20.82 -0.51
C MET A 244 2.53 21.84 -0.49
N ASN A 245 1.35 21.45 -0.96
CA ASN A 245 0.24 22.37 -1.20
C ASN A 245 -1.01 21.90 -0.47
N PRO A 246 -1.10 22.16 0.82
CA PRO A 246 -2.35 21.90 1.52
C PRO A 246 -3.46 22.79 0.97
N PRO A 247 -4.71 22.34 1.06
CA PRO A 247 -5.81 23.10 0.43
C PRO A 247 -6.43 24.18 1.30
N HIS A 248 -5.91 25.41 1.23
CA HIS A 248 -6.63 26.56 1.74
C HIS A 248 -7.50 27.24 0.72
N HIS A 249 -7.69 26.68 -0.47
CA HIS A 249 -8.55 27.43 -1.37
C HIS A 249 -10.01 27.42 -0.89
N PRO A 250 -10.50 26.39 -0.17
CA PRO A 250 -11.87 26.49 0.34
C PRO A 250 -11.95 27.27 1.64
N TYR A 251 -10.85 27.32 2.39
CA TYR A 251 -10.82 27.73 3.79
C TYR A 251 -12.05 27.25 4.55
N ASN A 252 -12.86 28.19 5.08
CA ASN A 252 -14.01 27.97 5.95
C ASN A 252 -14.15 26.56 6.51
N SER A 253 -14.73 25.65 5.73
CA SER A 253 -15.03 24.31 6.23
C SER A 253 -13.73 23.53 6.47
N PHE A 254 -13.69 22.81 7.59
CA PHE A 254 -12.49 22.11 8.05
C PHE A 254 -12.23 20.81 7.30
N ASN A 255 -12.94 20.57 6.18
CA ASN A 255 -12.83 19.29 5.48
C ASN A 255 -11.39 19.00 5.06
N ASP A 256 -10.68 20.01 4.58
CA ASP A 256 -9.34 19.82 4.06
C ASP A 256 -8.33 19.67 5.20
N CYS A 257 -8.63 18.78 6.14
CA CYS A 257 -7.76 18.55 7.28
C CYS A 257 -7.96 17.13 7.77
N MET A 258 -6.86 16.46 8.12
CA MET A 258 -6.92 15.09 8.59
C MET A 258 -7.09 15.09 10.11
N GLU A 259 -7.99 14.23 10.60
CA GLU A 259 -8.30 14.17 12.03
C GLU A 259 -7.04 14.01 12.88
N GLU A 260 -6.09 13.20 12.39
CA GLU A 260 -4.85 12.98 13.13
C GLU A 260 -4.13 14.27 13.46
N ASP A 261 -4.25 15.28 12.60
CA ASP A 261 -3.59 16.57 12.81
C ASP A 261 -4.49 17.60 13.47
N TYR A 262 -5.77 17.66 13.09
CA TYR A 262 -6.67 18.63 13.70
C TYR A 262 -6.88 18.35 15.18
N THR A 263 -6.76 17.08 15.59
CA THR A 263 -7.08 16.70 16.96
C THR A 263 -6.25 17.43 18.01
N HIS A 264 -5.12 18.01 17.63
CA HIS A 264 -4.30 18.77 18.56
C HIS A 264 -4.81 20.18 18.81
N TYR A 265 -5.71 20.70 17.97
CA TYR A 265 -6.12 22.08 18.05
C TYR A 265 -7.60 22.30 18.33
N LYS A 266 -8.42 21.25 18.28
CA LYS A 266 -9.78 21.38 18.78
C LYS A 266 -9.75 21.54 20.29
N ASP A 267 -10.79 22.17 20.83
CA ASP A 267 -10.87 22.52 22.25
C ASP A 267 -9.71 23.42 22.66
N ARG A 268 -9.37 24.38 21.79
CA ARG A 268 -8.35 25.38 22.07
C ARG A 268 -8.96 26.76 21.87
N THR A 269 -8.80 27.63 22.87
CA THR A 269 -9.33 28.98 22.76
C THR A 269 -8.46 29.82 21.83
N LEU A 270 -9.05 30.91 21.35
CA LEU A 270 -8.33 31.79 20.43
C LEU A 270 -7.10 32.39 21.11
N SER A 271 -7.19 32.69 22.41
CA SER A 271 -6.03 33.16 23.14
C SER A 271 -4.94 32.09 23.21
N GLU A 272 -5.34 30.81 23.25
CA GLU A 272 -4.37 29.73 23.27
C GLU A 272 -3.72 29.54 21.90
N LEU A 273 -4.43 29.91 20.83
CA LEU A 273 -3.94 29.68 19.47
C LEU A 273 -3.14 30.87 18.93
N LEU A 274 -3.66 32.08 19.11
CA LEU A 274 -3.02 33.30 18.61
C LEU A 274 -2.27 33.93 19.78
N VAL A 275 -0.98 33.60 19.91
CA VAL A 275 -0.19 34.03 21.06
C VAL A 275 0.70 35.23 20.75
N ARG A 276 0.79 35.65 19.50
CA ARG A 276 1.59 36.83 19.16
C ARG A 276 0.79 38.09 19.46
N HIS A 277 1.47 39.07 20.07
CA HIS A 277 0.77 40.21 20.66
C HIS A 277 0.07 41.08 19.64
N ASN A 278 0.46 41.02 18.37
CA ASN A 278 -0.21 41.79 17.33
C ASN A 278 -1.44 41.09 16.77
N ALA A 279 -1.81 39.93 17.31
CA ALA A 279 -2.90 39.15 16.75
C ALA A 279 -4.24 39.73 17.18
N ASP A 280 -5.10 40.01 16.21
CA ASP A 280 -6.46 40.48 16.46
C ASP A 280 -7.33 39.25 16.71
N THR A 281 -7.67 39.03 17.98
CA THR A 281 -8.48 37.88 18.39
C THR A 281 -9.97 38.15 18.31
N THR A 282 -10.40 39.05 17.42
CA THR A 282 -11.82 39.33 17.23
C THR A 282 -12.25 39.20 15.78
N MET A 283 -11.37 38.72 14.89
CA MET A 283 -11.71 38.63 13.48
C MET A 283 -12.49 37.36 13.17
N GLU A 284 -13.13 37.36 12.00
CA GLU A 284 -13.73 36.14 11.48
C GLU A 284 -12.67 35.16 11.03
N LYS A 285 -11.53 35.67 10.54
CA LYS A 285 -10.40 34.84 10.19
C LYS A 285 -9.78 34.15 11.40
N SER A 286 -10.09 34.61 12.61
CA SER A 286 -9.50 34.04 13.82
C SER A 286 -9.95 32.61 14.06
N SER A 287 -11.12 32.21 13.57
CA SER A 287 -11.58 30.84 13.68
C SER A 287 -10.80 29.88 12.77
N SER A 288 -10.06 30.40 11.78
CA SER A 288 -9.26 29.57 10.89
C SER A 288 -7.88 29.27 11.45
N ALA A 289 -7.53 29.83 12.61
CA ALA A 289 -6.18 29.67 13.15
C ALA A 289 -5.87 28.20 13.42
N ALA A 290 -6.81 27.50 14.06
CA ALA A 290 -6.64 26.07 14.30
C ALA A 290 -6.48 25.31 12.98
N TYR A 291 -7.29 25.66 11.98
CA TYR A 291 -7.15 25.08 10.65
C TYR A 291 -5.73 25.28 10.11
N TYR A 292 -5.22 26.51 10.17
CA TYR A 292 -3.89 26.81 9.66
C TYR A 292 -2.82 25.97 10.36
N PHE A 293 -2.84 25.96 11.70
CA PHE A 293 -1.84 25.22 12.46
C PHE A 293 -1.98 23.73 12.23
N ALA A 294 -3.21 23.23 12.10
CA ALA A 294 -3.41 21.80 11.90
C ALA A 294 -2.79 21.31 10.60
N GLN A 295 -2.92 22.08 9.52
CA GLN A 295 -2.30 21.68 8.26
C GLN A 295 -0.78 21.78 8.33
N ILE A 296 -0.24 22.74 9.07
CA ILE A 296 1.19 22.78 9.33
C ILE A 296 1.63 21.51 10.04
N THR A 297 0.88 21.11 11.07
CA THR A 297 1.14 19.85 11.76
C THR A 297 1.11 18.67 10.79
N GLY A 298 0.11 18.64 9.90
CA GLY A 298 0.05 17.58 8.91
C GLY A 298 1.23 17.60 7.96
N VAL A 299 1.64 18.79 7.54
CA VAL A 299 2.80 18.90 6.66
C VAL A 299 4.06 18.42 7.38
N ASP A 300 4.21 18.78 8.65
CA ASP A 300 5.34 18.29 9.44
C ASP A 300 5.30 16.78 9.57
N ARG A 301 4.11 16.21 9.76
CA ARG A 301 3.97 14.76 9.83
C ARG A 301 4.40 14.10 8.53
N GLU A 302 3.99 14.67 7.39
CA GLU A 302 4.44 14.15 6.10
C GLU A 302 5.93 14.33 5.93
N PHE A 303 6.48 15.46 6.42
CA PHE A 303 7.92 15.67 6.39
C PHE A 303 8.64 14.59 7.21
N GLY A 304 8.04 14.17 8.32
CA GLY A 304 8.63 13.11 9.11
C GLY A 304 8.62 11.78 8.37
N ARG A 305 7.55 11.49 7.63
CA ARG A 305 7.52 10.30 6.79
C ARG A 305 8.68 10.30 5.81
N LEU A 306 8.93 11.43 5.15
CA LEU A 306 10.06 11.54 4.23
C LEU A 306 11.38 11.28 4.94
N LEU A 307 11.55 11.82 6.15
CA LEU A 307 12.79 11.61 6.89
C LEU A 307 12.99 10.14 7.24
N GLU A 308 11.91 9.48 7.67
CA GLU A 308 12.01 8.05 7.97
C GLU A 308 12.30 7.24 6.71
N ALA A 309 11.68 7.61 5.58
CA ALA A 309 12.01 6.98 4.31
C ALA A 309 13.48 7.15 3.99
N LEU A 310 14.01 8.36 4.22
CA LEU A 310 15.44 8.61 4.01
C LEU A 310 16.29 7.69 4.87
N ASP A 311 15.80 7.34 6.07
CA ASP A 311 16.56 6.49 6.97
C ASP A 311 16.52 5.02 6.54
N GLU A 312 15.35 4.55 6.09
CA GLU A 312 15.21 3.15 5.71
C GLU A 312 15.99 2.82 4.44
N LEU A 313 16.24 3.80 3.58
CA LEU A 313 17.21 3.65 2.51
C LEU A 313 18.57 4.14 3.01
N GLY A 314 19.59 4.04 2.18
CA GLY A 314 20.93 4.44 2.61
C GLY A 314 21.20 5.92 2.44
N LEU A 315 20.15 6.73 2.44
CA LEU A 315 20.21 8.09 1.92
C LEU A 315 20.40 9.16 2.99
N SER A 316 20.13 8.87 4.26
CA SER A 316 20.10 9.93 5.26
C SER A 316 21.46 10.58 5.44
N LYS A 317 22.54 9.80 5.36
CA LYS A 317 23.86 10.32 5.70
C LYS A 317 24.43 11.19 4.60
N ASN A 318 24.05 10.95 3.34
CA ASN A 318 24.63 11.68 2.21
C ASN A 318 23.58 12.50 1.47
N THR A 319 22.53 12.93 2.16
CA THR A 319 21.51 13.78 1.57
C THR A 319 21.44 15.09 2.33
N MET A 320 21.48 16.20 1.59
CA MET A 320 21.24 17.52 2.16
C MET A 320 19.74 17.81 2.08
N VAL A 321 19.09 17.93 3.24
CA VAL A 321 17.66 18.16 3.32
C VAL A 321 17.43 19.61 3.72
N VAL A 322 16.75 20.37 2.87
CA VAL A 322 16.41 21.76 3.14
C VAL A 322 14.90 21.86 3.30
N PHE A 323 14.46 22.51 4.37
CA PHE A 323 13.06 22.80 4.61
C PHE A 323 12.88 24.31 4.62
N SER A 324 11.88 24.80 3.88
CA SER A 324 11.65 26.23 3.76
C SER A 324 10.19 26.47 3.46
N SER A 325 9.87 27.71 3.09
CA SER A 325 8.54 28.07 2.64
C SER A 325 8.67 29.21 1.65
N ASP A 326 7.60 29.46 0.90
CA ASP A 326 7.65 30.55 -0.07
C ASP A 326 7.37 31.90 0.60
N HIS A 327 6.41 31.93 1.52
CA HIS A 327 6.12 33.13 2.30
C HIS A 327 5.43 32.70 3.58
N GLY A 328 5.17 33.67 4.45
CA GLY A 328 4.51 33.41 5.71
C GLY A 328 3.01 33.65 5.63
N GLU A 329 2.42 33.86 6.81
CA GLU A 329 0.99 34.14 6.93
C GLU A 329 0.80 34.94 8.20
N THR A 330 0.30 36.18 8.12
CA THR A 330 0.23 36.97 9.34
C THR A 330 -0.76 36.34 10.31
N MET A 331 -1.85 35.78 9.79
CA MET A 331 -2.84 35.06 10.57
C MET A 331 -3.35 35.95 11.72
N CYS A 332 -4.15 36.93 11.31
CA CYS A 332 -4.77 37.92 12.18
C CYS A 332 -3.76 38.84 12.88
N SER A 333 -2.48 38.77 12.53
CA SER A 333 -1.52 39.72 13.04
C SER A 333 -1.80 41.10 12.44
N HIS A 334 -1.78 42.13 13.30
CA HIS A 334 -2.13 43.49 12.90
C HIS A 334 -3.55 43.56 12.33
N GLY A 335 -4.39 42.60 12.71
CA GLY A 335 -5.76 42.55 12.23
C GLY A 335 -5.87 42.47 10.72
N LEU A 336 -5.02 41.68 10.09
CA LEU A 336 -4.87 41.70 8.64
C LEU A 336 -5.76 40.64 7.99
N GLN A 337 -6.76 41.12 7.26
CA GLN A 337 -7.53 40.34 6.30
C GLN A 337 -6.81 40.42 4.95
N ASP A 338 -6.91 39.34 4.17
CA ASP A 338 -6.16 39.15 2.92
C ASP A 338 -4.66 39.04 3.17
N ALA A 339 -4.30 38.51 4.34
CA ALA A 339 -2.95 38.47 4.91
C ALA A 339 -1.86 37.98 3.96
N LYS A 340 -1.48 38.77 2.95
CA LYS A 340 -0.42 38.32 2.04
C LYS A 340 0.25 39.50 1.36
N ASN A 341 1.57 39.37 1.12
CA ASN A 341 2.39 40.41 0.51
C ASN A 341 2.43 41.68 1.37
N SER A 342 3.16 41.63 2.48
CA SER A 342 3.28 42.74 3.41
C SER A 342 4.64 42.65 4.09
N PRO A 343 5.20 43.77 4.56
CA PRO A 343 6.55 43.73 5.13
C PRO A 343 6.63 43.19 6.55
N TYR A 344 5.51 42.76 7.12
CA TYR A 344 5.50 42.33 8.51
C TYR A 344 6.20 40.99 8.67
N ILE A 345 6.84 40.81 9.83
CA ILE A 345 7.69 39.64 10.05
C ILE A 345 6.89 38.35 9.93
N GLU A 346 5.59 38.39 10.22
CA GLU A 346 4.76 37.21 10.07
C GLU A 346 4.59 36.83 8.60
N SER A 347 4.79 37.78 7.69
CA SER A 347 4.64 37.53 6.26
C SER A 347 5.97 37.33 5.54
N MET A 348 7.07 37.83 6.09
CA MET A 348 8.37 37.78 5.42
C MET A 348 9.28 36.68 5.96
N ASN A 349 9.24 36.41 7.26
CA ASN A 349 10.14 35.42 7.86
C ASN A 349 9.62 34.02 7.55
N VAL A 350 10.45 33.23 6.89
CA VAL A 350 10.06 31.88 6.48
C VAL A 350 10.99 30.91 7.18
N PRO A 351 10.60 29.65 7.30
CA PRO A 351 11.53 28.64 7.84
C PRO A 351 12.68 28.41 6.88
N PHE A 352 13.82 28.02 7.46
CA PHE A 352 14.95 27.56 6.63
C PHE A 352 15.85 26.69 7.50
N LEU A 353 15.89 25.41 7.19
CA LEU A 353 16.70 24.45 7.91
C LEU A 353 17.45 23.59 6.91
N ILE A 354 18.74 23.37 7.17
CA ILE A 354 19.59 22.58 6.29
C ILE A 354 20.25 21.49 7.13
N ARG A 355 19.87 20.23 6.87
CA ARG A 355 20.55 19.09 7.47
C ARG A 355 21.50 18.50 6.43
N TYR A 356 22.80 18.71 6.64
CA TYR A 356 23.87 18.14 5.81
C TYR A 356 24.74 17.34 6.76
N PRO A 357 24.40 16.07 7.01
CA PRO A 357 25.00 15.34 8.14
C PRO A 357 26.52 15.34 8.18
N GLN A 358 27.19 15.19 7.04
CA GLN A 358 28.63 15.10 7.02
C GLN A 358 29.33 16.45 7.06
N ARG A 359 28.78 17.46 6.39
CA ARG A 359 29.50 18.71 6.17
C ARG A 359 28.99 19.88 6.99
N LEU A 360 27.87 19.75 7.68
CA LEU A 360 27.29 20.85 8.45
C LEU A 360 26.99 20.40 9.88
N LYS A 361 27.47 21.18 10.85
CA LYS A 361 27.28 21.04 12.29
C LYS A 361 26.03 21.80 12.72
N PRO A 362 25.21 21.22 13.61
CA PRO A 362 23.95 21.87 14.02
C PRO A 362 24.21 23.17 14.77
N LYS A 363 23.64 24.25 14.24
CA LYS A 363 23.77 25.57 14.85
C LYS A 363 22.60 26.43 14.41
N VAL A 364 22.53 27.63 14.99
CA VAL A 364 21.53 28.63 14.64
C VAL A 364 22.24 29.86 14.11
N VAL A 365 21.85 30.29 12.91
CA VAL A 365 22.47 31.43 12.25
C VAL A 365 21.43 32.51 12.00
N ASP A 366 21.84 33.76 12.10
CA ASP A 366 20.97 34.91 11.87
C ASP A 366 21.22 35.55 10.50
N TYR A 367 21.72 34.79 9.55
CA TYR A 367 21.99 35.32 8.21
C TYR A 367 20.70 35.83 7.57
N LEU A 368 20.78 36.99 6.93
CA LEU A 368 19.66 37.54 6.18
C LEU A 368 19.59 36.82 4.83
N LEU A 369 19.04 35.61 4.86
CA LEU A 369 18.90 34.83 3.65
C LEU A 369 17.72 35.35 2.83
N SER A 370 17.93 35.52 1.53
CA SER A 370 16.90 35.95 0.61
C SER A 370 16.60 34.84 -0.40
N SER A 371 15.44 34.94 -1.03
CA SER A 371 15.04 33.95 -2.03
C SER A 371 16.07 33.79 -3.15
N PRO A 372 16.61 34.86 -3.75
CA PRO A 372 17.66 34.66 -4.77
C PRO A 372 18.95 34.06 -4.21
N ASP A 373 19.10 33.99 -2.90
CA ASP A 373 20.32 33.42 -2.30
C ASP A 373 20.28 31.91 -2.17
N ILE A 374 19.11 31.29 -2.37
CA ILE A 374 18.99 29.86 -2.12
C ILE A 374 19.72 29.06 -3.20
N MET A 375 19.48 29.40 -4.46
CA MET A 375 20.10 28.66 -5.55
C MET A 375 21.62 28.68 -5.50
N PRO A 376 22.29 29.84 -5.36
CA PRO A 376 23.76 29.80 -5.24
C PRO A 376 24.25 29.06 -4.01
N THR A 377 23.59 29.27 -2.87
CA THR A 377 23.98 28.56 -1.65
C THR A 377 23.86 27.04 -1.84
N LEU A 378 22.74 26.59 -2.42
CA LEU A 378 22.55 25.18 -2.73
C LEU A 378 23.69 24.66 -3.59
N LEU A 379 23.96 25.34 -4.71
CA LEU A 379 25.05 24.93 -5.59
C LEU A 379 26.38 24.93 -4.85
N GLY A 380 26.63 25.96 -4.05
CA GLY A 380 27.86 25.99 -3.26
C GLY A 380 27.95 24.83 -2.29
N LEU A 381 26.84 24.52 -1.60
CA LEU A 381 26.85 23.44 -0.63
C LEU A 381 27.03 22.07 -1.29
N SER A 382 26.83 21.97 -2.60
CA SER A 382 26.98 20.71 -3.32
C SER A 382 28.32 20.59 -4.03
N ASN A 383 29.30 21.40 -3.63
CA ASN A 383 30.60 21.50 -4.29
C ASN A 383 30.47 21.90 -5.76
N LEU A 384 29.36 22.54 -6.12
CA LEU A 384 29.13 23.07 -7.45
C LEU A 384 29.20 24.59 -7.48
N GLY A 385 29.88 25.19 -6.50
CA GLY A 385 29.97 26.64 -6.42
C GLY A 385 30.68 27.27 -7.61
N GLN A 386 31.51 26.52 -8.33
CA GLN A 386 32.19 27.02 -9.51
C GLN A 386 31.31 26.93 -10.76
N HIS A 387 30.04 26.56 -10.62
CA HIS A 387 29.12 26.45 -11.75
C HIS A 387 27.91 27.36 -11.62
N ILE A 388 27.91 28.29 -10.67
CA ILE A 388 26.80 29.22 -10.55
C ILE A 388 26.79 30.15 -11.75
N PRO A 389 25.67 30.29 -12.47
CA PRO A 389 25.63 31.20 -13.61
C PRO A 389 25.98 32.62 -13.20
N HIS A 390 26.40 33.42 -14.18
CA HIS A 390 27.08 34.66 -13.85
C HIS A 390 26.15 35.86 -13.71
N GLU A 391 24.94 35.82 -14.27
CA GLU A 391 23.96 36.84 -13.86
C GLU A 391 23.08 36.39 -12.71
N VAL A 392 23.53 35.41 -11.91
CA VAL A 392 22.83 35.05 -10.68
C VAL A 392 23.15 36.11 -9.62
N GLN A 393 22.13 36.81 -9.16
CA GLN A 393 22.34 37.92 -8.23
C GLN A 393 22.47 37.48 -6.79
N GLY A 394 22.00 36.28 -6.46
CA GLY A 394 22.02 35.80 -5.10
C GLY A 394 23.41 35.67 -4.51
N THR A 395 23.47 35.35 -3.21
CA THR A 395 24.72 35.24 -2.49
C THR A 395 24.92 33.79 -2.05
N ASP A 396 26.13 33.28 -2.27
CA ASP A 396 26.49 31.90 -1.93
C ASP A 396 26.92 31.85 -0.47
N PHE A 397 26.04 31.33 0.39
CA PHE A 397 26.32 31.22 1.82
C PHE A 397 27.07 29.95 2.18
N SER A 398 27.48 29.15 1.19
CA SER A 398 28.11 27.86 1.48
C SER A 398 29.44 28.04 2.21
N LYS A 399 30.26 29.00 1.74
CA LYS A 399 31.54 29.24 2.41
C LYS A 399 31.35 29.66 3.85
N ALA A 400 30.30 30.45 4.13
CA ALA A 400 30.02 30.84 5.50
C ALA A 400 29.45 29.68 6.31
N LEU A 401 28.59 28.87 5.69
CA LEU A 401 27.98 27.76 6.41
C LEU A 401 29.00 26.67 6.72
N PHE A 402 29.87 26.36 5.75
CA PHE A 402 30.88 25.32 5.94
C PHE A 402 31.87 25.71 7.04
N SER A 403 32.54 26.84 6.87
CA SER A 403 33.72 27.19 7.66
C SER A 403 33.29 28.00 8.89
N ASN A 404 34.25 28.69 9.52
CA ASN A 404 34.02 29.37 10.79
C ASN A 404 34.15 30.88 10.58
N GLN A 405 33.13 31.46 9.95
CA GLN A 405 33.03 32.90 9.67
C GLN A 405 34.35 33.48 9.15
N PRO A 406 34.84 33.05 7.99
CA PRO A 406 36.09 33.59 7.49
C PRO A 406 35.90 34.51 6.29
N ASP A 407 34.79 35.26 6.26
CA ASP A 407 34.46 36.10 5.13
C ASP A 407 33.80 37.39 5.61
N LYS A 408 33.95 38.43 4.80
CA LYS A 408 33.45 39.77 5.12
C LYS A 408 32.10 40.09 4.47
N PRO A 409 31.93 39.90 3.14
CA PRO A 409 30.74 40.46 2.48
C PRO A 409 29.45 39.73 2.79
N LEU A 410 29.21 39.42 4.06
CA LEU A 410 27.94 38.83 4.45
C LEU A 410 26.86 39.92 4.41
N PRO A 411 25.73 39.67 3.74
CA PRO A 411 24.72 40.72 3.57
C PRO A 411 24.23 41.28 4.90
N ASP A 412 24.18 42.61 4.98
CA ASP A 412 23.71 43.29 6.18
C ASP A 412 22.20 43.53 6.17
N ALA A 413 21.56 43.44 5.01
CA ALA A 413 20.14 43.68 4.90
C ALA A 413 19.61 42.93 3.68
N ALA A 414 18.28 42.74 3.67
CA ALA A 414 17.61 42.06 2.58
C ALA A 414 16.47 42.94 2.07
N LEU A 415 16.13 42.76 0.79
CA LEU A 415 15.12 43.60 0.15
C LEU A 415 13.71 43.12 0.49
N TYR A 416 12.77 44.05 0.45
CA TYR A 416 11.35 43.74 0.44
C TYR A 416 10.73 44.39 -0.79
N ILE A 417 9.99 43.60 -1.57
CA ILE A 417 9.52 44.01 -2.89
C ILE A 417 8.02 43.80 -2.96
N ARG A 418 7.30 44.85 -3.37
CA ARG A 418 5.87 44.74 -3.65
C ARG A 418 5.56 45.49 -4.94
N ASN A 419 4.89 44.82 -5.86
CA ASN A 419 4.53 45.38 -7.15
C ASN A 419 3.05 45.12 -7.40
N MET A 420 2.50 45.81 -8.41
CA MET A 420 1.10 45.62 -8.78
C MET A 420 0.91 46.00 -10.24
N ASP A 421 -0.30 45.78 -10.73
CA ASP A 421 -0.60 45.83 -12.15
C ASP A 421 -1.28 47.14 -12.55
N GLY A 422 -1.09 47.52 -13.81
CA GLY A 422 -1.85 48.58 -14.44
C GLY A 422 -2.47 48.06 -15.72
N ARG A 423 -3.79 48.03 -15.78
CA ARG A 423 -4.50 47.15 -16.70
C ARG A 423 -4.79 47.79 -18.05
N GLN A 424 -5.31 46.96 -18.96
CA GLN A 424 -5.66 47.33 -20.34
C GLN A 424 -4.45 47.78 -21.15
N LYS A 429 -4.23 41.16 -19.98
CA LYS A 429 -4.56 42.52 -20.39
C LYS A 429 -3.70 43.51 -19.61
N VAL A 430 -2.84 42.98 -18.76
CA VAL A 430 -1.82 43.76 -18.06
C VAL A 430 -0.46 43.39 -18.61
N ARG A 431 0.31 44.41 -18.99
CA ARG A 431 1.60 44.18 -19.64
C ARG A 431 2.78 44.75 -18.84
N THR A 432 2.52 45.55 -17.81
CA THR A 432 3.58 46.16 -17.01
C THR A 432 3.19 46.11 -15.54
N TYR A 433 4.20 46.27 -14.69
CA TYR A 433 4.00 46.32 -13.24
C TYR A 433 4.63 47.58 -12.68
N VAL A 434 4.10 48.02 -11.53
CA VAL A 434 4.53 49.26 -10.88
C VAL A 434 5.23 48.89 -9.59
N PRO A 435 6.50 49.30 -9.39
CA PRO A 435 7.23 49.02 -8.14
C PRO A 435 6.78 49.92 -7.00
N VAL A 436 5.58 49.66 -6.49
CA VAL A 436 4.95 50.58 -5.56
C VAL A 436 5.58 50.55 -4.17
N ALA A 437 6.31 49.49 -3.82
CA ALA A 437 6.85 49.38 -2.48
C ALA A 437 8.20 48.70 -2.50
N ARG A 438 9.16 49.28 -1.78
CA ARG A 438 10.48 48.71 -1.57
C ARG A 438 10.91 48.98 -0.14
N GLY A 439 11.75 48.10 0.39
CA GLY A 439 12.22 48.26 1.75
C GLY A 439 13.33 47.29 2.05
N ILE A 440 13.90 47.44 3.25
CA ILE A 440 14.98 46.57 3.69
C ILE A 440 14.66 46.01 5.07
N LYS A 441 15.16 44.80 5.33
CA LYS A 441 15.13 44.18 6.64
C LYS A 441 16.57 43.92 7.06
N THR A 442 16.99 44.55 8.15
CA THR A 442 18.32 44.31 8.70
C THR A 442 18.19 43.41 9.93
N HIS A 443 19.32 43.15 10.59
CA HIS A 443 19.29 42.34 11.80
C HIS A 443 18.38 42.94 12.86
N ARG A 444 18.25 44.27 12.88
CA ARG A 444 17.60 44.98 13.96
C ARG A 444 16.36 45.76 13.53
N TYR A 445 16.27 46.18 12.28
CA TYR A 445 15.24 47.13 11.87
C TYR A 445 14.50 46.62 10.64
N THR A 446 13.29 47.16 10.47
CA THR A 446 12.46 46.92 9.29
C THR A 446 12.02 48.26 8.75
N LEU A 447 12.27 48.50 7.47
CA LEU A 447 11.90 49.73 6.79
C LEU A 447 11.17 49.37 5.50
N SER A 448 10.03 50.03 5.25
CA SER A 448 9.25 49.78 4.06
C SER A 448 8.63 51.09 3.59
N LEU A 449 8.80 51.41 2.31
CA LEU A 449 8.33 52.66 1.73
C LEU A 449 7.35 52.36 0.60
N THR A 450 6.20 53.02 0.64
CA THR A 450 5.15 52.84 -0.37
C THR A 450 4.87 54.17 -1.04
N VAL A 451 4.63 54.13 -2.34
CA VAL A 451 4.43 55.33 -3.15
C VAL A 451 3.12 55.22 -3.91
N ASP A 452 2.70 56.35 -4.47
CA ASP A 452 1.50 56.40 -5.29
C ASP A 452 1.72 55.66 -6.61
N LYS A 453 0.64 55.07 -7.13
CA LYS A 453 0.75 54.27 -8.35
C LYS A 453 1.02 55.16 -9.56
N GLU A 454 0.24 56.22 -9.70
CA GLU A 454 0.34 57.08 -10.87
C GLU A 454 1.48 58.08 -10.76
N ASN A 455 1.78 58.56 -9.56
CA ASN A 455 2.89 59.50 -9.34
C ASN A 455 3.75 58.95 -8.21
N LYS A 456 4.89 58.36 -8.58
CA LYS A 456 5.81 57.73 -7.64
C LYS A 456 6.27 58.69 -6.54
N GLN A 457 5.35 59.17 -5.72
CA GLN A 457 5.65 60.04 -4.59
C GLN A 457 5.35 59.31 -3.28
N LEU A 458 6.11 59.67 -2.24
CA LEU A 458 6.01 58.96 -0.97
C LEU A 458 4.59 58.97 -0.43
N LYS A 459 4.10 57.79 -0.05
CA LYS A 459 2.75 57.62 0.46
C LYS A 459 2.72 57.06 1.88
N GLU A 460 3.62 56.14 2.21
CA GLU A 460 3.63 55.54 3.54
C GLU A 460 5.07 55.23 3.93
N ILE A 461 5.32 55.24 5.24
CA ILE A 461 6.63 54.93 5.80
C ILE A 461 6.45 53.98 6.97
N LEU A 462 7.13 52.84 6.91
CA LEU A 462 7.09 51.83 7.95
C LEU A 462 8.48 51.68 8.53
N LEU A 463 8.63 51.98 9.82
CA LEU A 463 9.91 51.79 10.50
C LEU A 463 9.66 51.13 11.84
N PHE A 464 10.27 49.96 12.05
CA PHE A 464 10.14 49.22 13.29
C PHE A 464 11.51 48.82 13.81
N ASP A 465 11.72 49.00 15.12
CA ASP A 465 12.89 48.45 15.80
C ASP A 465 12.51 47.03 16.21
N ASP A 466 12.89 46.05 15.39
CA ASP A 466 12.44 44.69 15.59
C ASP A 466 13.00 44.04 16.85
N LEU A 467 14.01 44.64 17.48
CA LEU A 467 14.52 44.09 18.74
C LEU A 467 13.67 44.52 19.93
N ASP A 468 13.29 45.79 19.98
CA ASP A 468 12.40 46.28 21.03
C ASP A 468 10.93 46.14 20.68
N ASP A 469 10.61 46.02 19.39
CA ASP A 469 9.24 45.91 18.91
C ASP A 469 9.14 44.68 18.01
N PRO A 470 9.25 43.47 18.57
CA PRO A 470 9.20 42.26 17.72
C PRO A 470 7.87 42.11 17.02
N TYR A 471 6.77 42.53 17.66
CA TYR A 471 5.44 42.44 17.08
C TYR A 471 5.11 43.66 16.24
N GLN A 472 6.09 44.55 16.00
CA GLN A 472 5.97 45.65 15.06
C GLN A 472 4.73 46.48 15.32
N MET A 473 4.62 46.95 16.56
CA MET A 473 3.47 47.73 17.02
C MET A 473 3.78 49.21 17.18
N ASN A 474 5.03 49.62 17.04
CA ASN A 474 5.45 51.00 17.25
C ASN A 474 6.09 51.49 15.95
N ASN A 475 5.26 52.02 15.05
CA ASN A 475 5.76 52.59 13.80
C ASN A 475 6.53 53.87 14.14
N ILE A 476 7.85 53.75 14.21
CA ILE A 476 8.70 54.88 14.52
C ILE A 476 8.67 55.88 13.37
N ASP A 477 8.45 57.15 13.68
CA ASP A 477 8.66 58.21 12.71
C ASP A 477 10.16 58.42 12.55
N TRP A 478 10.64 58.36 11.31
CA TRP A 478 12.08 58.34 11.11
C TRP A 478 12.72 59.71 11.30
N ASN A 479 11.94 60.79 11.27
CA ASN A 479 12.48 62.11 11.55
C ASN A 479 12.87 62.27 13.01
N THR A 480 12.29 61.47 13.91
CA THR A 480 12.71 61.49 15.31
C THR A 480 14.09 60.88 15.49
N ARG A 481 14.54 60.04 14.57
CA ARG A 481 15.85 59.40 14.65
C ARG A 481 16.56 59.60 13.31
N PRO A 482 17.18 60.77 13.12
CA PRO A 482 17.83 61.04 11.83
C PRO A 482 19.09 60.24 11.61
N GLN A 483 19.79 59.82 12.68
CA GLN A 483 20.99 59.01 12.49
C GLN A 483 20.63 57.65 11.90
N LEU A 484 19.54 57.04 12.38
CA LEU A 484 19.07 55.78 11.83
C LEU A 484 18.54 55.97 10.42
N LYS A 485 17.90 57.11 10.17
CA LYS A 485 17.39 57.41 8.83
C LYS A 485 18.51 57.43 7.79
N ARG A 486 19.68 57.97 8.17
CA ARG A 486 20.83 57.97 7.27
C ARG A 486 21.32 56.55 7.01
N GLN A 487 21.50 55.77 8.07
CA GLN A 487 21.96 54.39 7.92
C GLN A 487 21.05 53.60 6.98
N LEU A 488 19.74 53.61 7.26
CA LEU A 488 18.82 52.72 6.55
C LEU A 488 18.60 53.17 5.11
N LEU A 489 18.57 54.48 4.86
CA LEU A 489 18.38 54.95 3.50
C LEU A 489 19.61 54.67 2.64
N ILE A 490 20.81 54.70 3.23
CA ILE A 490 22.01 54.32 2.49
C ILE A 490 21.97 52.83 2.18
N GLN A 491 21.60 52.01 3.16
CA GLN A 491 21.55 50.57 2.96
C GLN A 491 20.51 50.20 1.90
N LEU A 492 19.35 50.86 1.92
CA LEU A 492 18.32 50.57 0.92
C LEU A 492 18.78 50.97 -0.48
N GLY A 493 19.44 52.12 -0.60
CA GLY A 493 19.98 52.52 -1.89
C GLY A 493 21.03 51.56 -2.41
N GLN A 494 21.96 51.15 -1.54
CA GLN A 494 22.97 50.18 -1.94
C GLN A 494 22.35 48.90 -2.46
N LEU A 495 21.34 48.39 -1.73
CA LEU A 495 20.68 47.16 -2.14
C LEU A 495 19.91 47.35 -3.46
N LEU A 496 19.26 48.50 -3.61
CA LEU A 496 18.43 48.71 -4.79
C LEU A 496 19.27 48.77 -6.06
N LYS A 497 20.49 49.33 -5.97
CA LYS A 497 21.38 49.44 -7.12
C LYS A 497 22.20 48.19 -7.35
N LYS A 498 22.64 47.54 -6.27
CA LYS A 498 23.44 46.33 -6.42
C LYS A 498 22.69 45.25 -7.19
N TYR A 499 21.36 45.28 -7.12
CA TYR A 499 20.52 44.36 -7.86
C TYR A 499 19.78 45.02 -9.01
N ASP A 500 20.01 46.32 -9.23
CA ASP A 500 19.43 47.05 -10.37
C ASP A 500 17.91 46.97 -10.37
N ASP A 501 17.32 47.44 -9.27
CA ASP A 501 15.89 47.40 -9.09
C ASP A 501 15.21 48.48 -9.93
N PRO A 502 13.97 48.27 -10.35
CA PRO A 502 13.23 49.31 -11.09
C PRO A 502 13.17 50.65 -10.37
N TRP A 503 13.21 50.64 -9.04
CA TRP A 503 13.36 51.88 -8.29
C TRP A 503 14.65 52.61 -8.62
N TYR A 504 15.58 51.93 -9.28
CA TYR A 504 16.81 52.53 -9.78
C TYR A 504 16.74 52.86 -11.26
N LYS A 505 16.15 51.98 -12.07
CA LYS A 505 15.97 52.27 -13.49
C LYS A 505 15.16 53.53 -13.68
N ASP A 506 14.03 53.63 -13.00
CA ASP A 506 13.22 54.85 -13.00
C ASP A 506 13.69 55.87 -11.99
N GLY A 507 14.73 55.55 -11.22
CA GLY A 507 15.22 56.47 -10.20
C GLY A 507 14.17 56.87 -9.19
N ILE A 508 13.29 55.93 -8.84
CA ILE A 508 12.17 56.24 -7.96
C ILE A 508 12.70 56.67 -6.60
N LEU A 509 12.15 57.77 -6.09
CA LEU A 509 12.52 58.33 -4.80
C LEU A 509 14.03 58.64 -4.74
N LYS A 510 14.47 59.45 -5.69
CA LYS A 510 15.81 60.01 -5.63
C LYS A 510 16.00 60.88 -4.40
N ASP A 511 14.91 61.20 -3.70
CA ASP A 511 14.93 61.94 -2.44
C ASP A 511 16.06 61.52 -1.52
N ARG B 31 -21.87 15.94 20.97
CA ARG B 31 -20.48 15.76 21.37
C ARG B 31 -19.86 14.42 20.94
N PRO B 32 -20.47 13.29 21.29
CA PRO B 32 -19.79 12.00 21.07
C PRO B 32 -19.99 11.49 19.64
N ASN B 33 -18.89 11.04 19.04
CA ASN B 33 -18.96 10.29 17.79
C ASN B 33 -19.46 8.88 18.06
N ILE B 34 -20.14 8.30 17.09
CA ILE B 34 -20.68 6.95 17.25
C ILE B 34 -20.46 6.16 15.96
N ILE B 35 -20.04 4.91 16.12
CA ILE B 35 -19.80 4.00 15.01
C ILE B 35 -20.62 2.73 15.27
N TYR B 36 -21.56 2.45 14.36
CA TYR B 36 -22.43 1.29 14.46
C TYR B 36 -22.05 0.31 13.36
N ILE B 37 -21.51 -0.84 13.74
CA ILE B 37 -21.01 -1.85 12.82
C ILE B 37 -21.88 -3.10 12.96
N PHE B 38 -22.39 -3.60 11.84
CA PHE B 38 -23.18 -4.81 11.90
C PHE B 38 -22.90 -5.71 10.71
N PRO B 39 -22.19 -6.82 10.91
CA PRO B 39 -22.02 -7.80 9.83
C PRO B 39 -23.31 -8.58 9.61
N ASP B 40 -23.36 -9.26 8.46
CA ASP B 40 -24.49 -10.10 8.14
C ASP B 40 -24.37 -11.46 8.83
N GLN B 41 -25.52 -12.05 9.15
CA GLN B 41 -25.64 -13.47 9.47
C GLN B 41 -24.81 -13.86 10.70
N MET B 42 -24.59 -12.95 11.65
CA MET B 42 -23.83 -13.26 12.85
C MET B 42 -24.79 -13.46 14.01
N ARG B 43 -24.79 -14.67 14.58
CA ARG B 43 -25.59 -14.96 15.76
C ARG B 43 -24.79 -14.63 17.02
N ASN B 44 -25.52 -14.37 18.11
CA ASN B 44 -24.91 -13.86 19.32
C ASN B 44 -23.98 -14.89 19.96
N SER B 45 -24.29 -16.17 19.85
CA SER B 45 -23.46 -17.20 20.47
C SER B 45 -22.08 -17.32 19.84
N ALA B 46 -21.85 -16.69 18.69
CA ALA B 46 -20.60 -16.87 17.94
C ALA B 46 -19.57 -15.81 18.29
N MET B 47 -19.27 -15.67 19.59
CA MET B 47 -18.14 -14.86 20.04
C MET B 47 -17.43 -15.61 21.16
N GLY B 48 -16.10 -15.59 21.11
CA GLY B 48 -15.32 -16.41 22.02
C GLY B 48 -15.51 -16.05 23.47
N PHE B 49 -15.77 -14.77 23.77
CA PHE B 49 -15.83 -14.35 25.17
C PHE B 49 -16.99 -14.97 25.93
N TRP B 50 -17.99 -15.52 25.23
CA TRP B 50 -19.10 -16.18 25.89
C TRP B 50 -18.66 -17.48 26.53
N ASN B 51 -17.40 -17.84 26.36
CA ASN B 51 -16.84 -19.05 26.96
C ASN B 51 -16.29 -18.82 28.36
N ASP B 52 -15.94 -17.59 28.70
CA ASP B 52 -15.38 -17.31 30.01
C ASP B 52 -16.48 -17.34 31.07
N PRO B 53 -16.12 -17.69 32.32
CA PRO B 53 -17.14 -17.74 33.38
C PRO B 53 -17.84 -16.41 33.60
N ALA B 54 -17.16 -15.29 33.33
CA ALA B 54 -17.74 -13.97 33.56
C ALA B 54 -18.88 -13.66 32.59
N PHE B 55 -19.09 -14.46 31.55
CA PHE B 55 -20.11 -14.18 30.56
C PHE B 55 -20.99 -15.39 30.27
N ALA B 56 -20.41 -16.59 30.37
CA ALA B 56 -21.07 -17.80 29.90
C ALA B 56 -22.42 -18.02 30.57
N SER B 57 -22.55 -17.64 31.84
CA SER B 57 -23.80 -17.86 32.56
C SER B 57 -24.97 -17.05 32.01
N HIS B 58 -24.71 -16.06 31.14
CA HIS B 58 -25.75 -15.18 30.64
C HIS B 58 -26.19 -15.53 29.22
N LEU B 59 -25.44 -16.36 28.50
CA LEU B 59 -25.81 -16.74 27.13
C LEU B 59 -26.66 -18.00 27.16
N GLN B 60 -27.75 -17.98 26.40
CA GLN B 60 -28.65 -19.12 26.27
C GLN B 60 -27.96 -20.16 25.39
N GLY B 61 -27.37 -21.18 26.01
CA GLY B 61 -26.63 -22.19 25.30
C GLY B 61 -25.13 -22.00 25.44
N LYS B 62 -24.40 -22.97 24.89
CA LYS B 62 -22.95 -22.89 24.92
C LYS B 62 -22.45 -21.93 23.83
N ALA B 63 -21.37 -21.21 24.16
CA ALA B 63 -20.71 -20.37 23.18
C ALA B 63 -20.21 -21.22 22.01
N ASP B 64 -20.19 -20.61 20.83
CA ASP B 64 -19.62 -21.28 19.68
C ASP B 64 -18.10 -21.26 19.80
N PRO B 65 -17.43 -22.34 19.42
CA PRO B 65 -15.98 -22.39 19.62
C PRO B 65 -15.24 -21.52 18.62
N VAL B 66 -15.61 -20.24 18.57
CA VAL B 66 -15.14 -19.34 17.52
C VAL B 66 -13.98 -18.53 18.04
N GLU B 67 -13.16 -18.01 17.11
CA GLU B 67 -12.02 -17.17 17.44
C GLU B 67 -12.37 -15.72 17.13
N THR B 68 -12.55 -14.91 18.18
CA THR B 68 -12.87 -13.50 18.05
C THR B 68 -12.06 -12.72 19.09
N PRO B 69 -10.75 -12.62 18.91
CA PRO B 69 -9.92 -11.95 19.94
C PRO B 69 -10.29 -10.50 20.17
N ASN B 70 -10.43 -9.72 19.11
CA ASN B 70 -10.72 -8.30 19.27
C ASN B 70 -12.11 -8.06 19.86
N LEU B 71 -13.08 -8.89 19.48
CA LEU B 71 -14.41 -8.77 20.06
C LEU B 71 -14.42 -9.18 21.53
N ASN B 72 -13.51 -10.07 21.93
CA ASN B 72 -13.40 -10.45 23.34
C ASN B 72 -12.91 -9.28 24.18
N ARG B 73 -11.79 -8.69 23.78
CA ARG B 73 -11.28 -7.50 24.49
C ARG B 73 -12.31 -6.38 24.48
N PHE B 74 -13.04 -6.24 23.37
CA PHE B 74 -14.09 -5.23 23.30
C PHE B 74 -15.19 -5.49 24.31
N ALA B 75 -15.54 -6.76 24.50
CA ALA B 75 -16.63 -7.10 25.42
C ALA B 75 -16.31 -6.70 26.85
N ARG B 76 -15.04 -6.82 27.24
CA ARG B 76 -14.63 -6.47 28.59
C ARG B 76 -14.52 -4.97 28.82
N GLU B 77 -14.66 -4.16 27.77
CA GLU B 77 -14.64 -2.72 27.88
C GLU B 77 -15.99 -2.09 27.56
N SER B 78 -17.05 -2.88 27.50
CA SER B 78 -18.32 -2.39 26.97
C SER B 78 -19.47 -3.04 27.73
N VAL B 79 -20.68 -2.61 27.40
CA VAL B 79 -21.90 -3.22 27.92
C VAL B 79 -22.35 -4.29 26.94
N VAL B 80 -22.43 -5.53 27.41
CA VAL B 80 -22.71 -6.69 26.56
C VAL B 80 -24.16 -7.11 26.75
N PHE B 81 -24.88 -7.25 25.63
CA PHE B 81 -26.29 -7.61 25.65
C PHE B 81 -26.42 -9.11 25.42
N SER B 82 -26.90 -9.83 26.43
CA SER B 82 -27.07 -11.27 26.30
C SER B 82 -28.34 -11.64 25.54
N SER B 83 -29.33 -10.77 25.54
CA SER B 83 -30.65 -11.08 24.99
C SER B 83 -31.14 -9.97 24.08
N ALA B 84 -30.28 -9.56 23.13
CA ALA B 84 -30.73 -8.66 22.07
C ALA B 84 -31.39 -9.48 20.96
N MET B 85 -32.48 -8.96 20.43
CA MET B 85 -33.35 -9.74 19.55
C MET B 85 -33.57 -9.02 18.22
N SER B 86 -33.82 -9.81 17.18
CA SER B 86 -34.15 -9.31 15.84
C SER B 86 -35.55 -9.79 15.51
N ASN B 87 -36.52 -8.89 15.66
CA ASN B 87 -37.93 -9.28 15.58
C ASN B 87 -38.25 -9.92 14.23
N CYS B 88 -37.84 -9.28 13.14
CA CYS B 88 -37.93 -9.90 11.83
C CYS B 88 -36.53 -10.31 11.40
N PRO B 89 -36.12 -11.56 11.62
CA PRO B 89 -34.76 -11.98 11.22
C PRO B 89 -34.59 -12.06 9.71
N LEU B 90 -34.79 -10.94 9.02
CA LEU B 90 -34.49 -10.80 7.60
C LEU B 90 -33.65 -9.55 7.40
N SER B 91 -32.94 -9.49 6.28
CA SER B 91 -31.95 -8.45 6.08
C SER B 91 -32.60 -7.08 5.90
N SER B 92 -33.43 -6.94 4.87
CA SER B 92 -34.08 -5.65 4.62
C SER B 92 -35.01 -5.25 5.76
N PRO B 93 -35.88 -6.11 6.30
CA PRO B 93 -36.74 -5.68 7.41
C PRO B 93 -35.97 -5.20 8.63
N HIS B 94 -34.93 -5.91 9.06
CA HIS B 94 -34.16 -5.46 10.22
C HIS B 94 -33.52 -4.11 9.98
N ARG B 95 -32.92 -3.93 8.79
CA ARG B 95 -32.19 -2.69 8.52
C ARG B 95 -33.12 -1.48 8.55
N ALA B 96 -34.37 -1.64 8.13
CA ALA B 96 -35.31 -0.52 8.20
C ALA B 96 -35.71 -0.23 9.63
N SER B 97 -35.99 -1.28 10.41
CA SER B 97 -36.25 -1.08 11.84
C SER B 97 -35.07 -0.40 12.52
N LEU B 98 -33.85 -0.71 12.08
CA LEU B 98 -32.66 -0.03 12.60
C LEU B 98 -32.66 1.45 12.21
N LEU B 99 -33.04 1.75 10.97
CA LEU B 99 -33.01 3.13 10.49
C LEU B 99 -34.20 3.94 10.98
N THR B 100 -35.36 3.32 11.10
CA THR B 100 -36.60 4.04 11.40
C THR B 100 -37.06 3.90 12.84
N GLY B 101 -36.59 2.89 13.56
CA GLY B 101 -37.01 2.72 14.94
C GLY B 101 -38.43 2.23 15.11
N MET B 102 -38.92 1.43 14.16
CA MET B 102 -40.30 0.98 14.19
C MET B 102 -40.46 -0.31 13.38
N TYR B 103 -41.60 -0.97 13.59
CA TYR B 103 -41.76 -2.37 13.24
C TYR B 103 -42.16 -2.55 11.78
N PRO B 104 -41.90 -3.74 11.21
CA PRO B 104 -41.92 -3.88 9.74
C PRO B 104 -43.21 -3.46 9.07
N HIS B 105 -44.37 -3.65 9.71
CA HIS B 105 -45.61 -3.23 9.06
C HIS B 105 -45.66 -1.72 8.87
N ARG B 106 -45.01 -0.98 9.75
CA ARG B 106 -44.97 0.47 9.70
C ARG B 106 -43.74 1.00 8.98
N SER B 107 -42.60 0.31 9.08
CA SER B 107 -41.36 0.80 8.49
C SER B 107 -41.39 0.77 6.97
N GLY B 108 -42.28 0.00 6.36
CA GLY B 108 -42.40 -0.03 4.92
C GLY B 108 -41.75 -1.21 4.24
N VAL B 109 -40.89 -1.95 4.95
CA VAL B 109 -40.31 -3.15 4.36
C VAL B 109 -40.61 -4.34 5.27
N PRO B 110 -41.61 -5.14 4.94
CA PRO B 110 -41.92 -6.32 5.75
C PRO B 110 -41.31 -7.58 5.16
N LEU B 111 -40.93 -7.50 3.89
CA LEU B 111 -40.31 -8.59 3.14
C LEU B 111 -38.96 -8.10 2.61
N ASN B 112 -38.14 -9.05 2.18
CA ASN B 112 -36.85 -8.68 1.61
C ASN B 112 -37.06 -7.84 0.35
N VAL B 113 -36.30 -6.75 0.24
CA VAL B 113 -36.43 -5.86 -0.92
C VAL B 113 -36.11 -6.64 -2.18
N ASN B 114 -37.01 -6.59 -3.16
CA ASN B 114 -36.87 -7.38 -4.38
C ASN B 114 -37.71 -6.75 -5.48
N SER B 115 -37.29 -7.00 -6.73
CA SER B 115 -37.92 -6.36 -7.88
C SER B 115 -39.38 -6.79 -8.03
N ARG B 116 -39.73 -8.01 -7.65
CA ARG B 116 -41.12 -8.44 -7.62
C ARG B 116 -41.85 -8.12 -6.33
N ARG B 117 -41.25 -7.39 -5.40
CA ARG B 117 -41.96 -6.87 -4.24
C ARG B 117 -41.90 -5.35 -4.28
N PRO B 118 -42.57 -4.72 -5.26
CA PRO B 118 -42.50 -3.27 -5.37
C PRO B 118 -43.09 -2.57 -4.16
N PHE B 119 -44.03 -3.22 -3.47
CA PHE B 119 -44.61 -2.63 -2.27
C PHE B 119 -43.64 -2.63 -1.10
N SER B 120 -42.64 -3.51 -1.11
CA SER B 120 -41.69 -3.64 0.00
C SER B 120 -40.54 -2.68 -0.24
N THR B 121 -40.66 -1.48 0.31
CA THR B 121 -39.64 -0.45 0.12
C THR B 121 -39.70 0.54 1.28
N LEU B 122 -38.56 1.12 1.60
CA LEU B 122 -38.46 2.05 2.73
C LEU B 122 -39.33 3.28 2.49
N ARG B 123 -39.94 3.78 3.56
CA ARG B 123 -40.83 4.93 3.43
C ARG B 123 -39.99 6.18 3.18
N ASN B 124 -40.23 6.83 2.04
CA ASN B 124 -39.53 8.06 1.71
C ASN B 124 -39.79 9.13 2.76
N ASP B 125 -41.03 9.23 3.24
CA ASP B 125 -41.45 10.27 4.18
C ASP B 125 -41.19 9.91 5.64
N ALA B 126 -40.05 9.26 5.92
CA ALA B 126 -39.72 8.83 7.26
C ALA B 126 -38.55 9.64 7.81
N THR B 127 -38.56 9.83 9.13
CA THR B 127 -37.47 10.51 9.83
C THR B 127 -36.57 9.44 10.44
N THR B 128 -35.40 9.23 9.82
CA THR B 128 -34.51 8.17 10.23
C THR B 128 -33.48 8.67 11.24
N VAL B 129 -32.73 7.72 11.80
CA VAL B 129 -31.72 8.06 12.80
C VAL B 129 -30.66 8.97 12.20
N SER B 130 -30.33 8.79 10.92
CA SER B 130 -29.39 9.68 10.26
C SER B 130 -30.02 11.04 10.00
N ASP B 131 -31.33 11.07 9.70
CA ASP B 131 -32.03 12.34 9.55
C ASP B 131 -31.89 13.19 10.81
N VAL B 132 -32.12 12.57 11.98
CA VAL B 132 -32.01 13.30 13.24
C VAL B 132 -30.57 13.74 13.47
N PHE B 133 -29.62 12.83 13.29
CA PHE B 133 -28.23 13.15 13.60
C PHE B 133 -27.70 14.26 12.70
N SER B 134 -27.95 14.14 11.39
CA SER B 134 -27.53 15.20 10.47
C SER B 134 -28.14 16.54 10.85
N ARG B 135 -29.42 16.56 11.21
CA ARG B 135 -30.10 17.79 11.59
C ARG B 135 -29.57 18.37 12.89
N ASN B 136 -28.81 17.61 13.67
CA ASN B 136 -28.22 18.09 14.91
C ASN B 136 -26.69 18.21 14.81
N GLY B 137 -26.21 18.60 13.64
CA GLY B 137 -24.80 18.93 13.48
C GLY B 137 -23.86 17.76 13.34
N TYR B 138 -24.32 16.63 12.82
CA TYR B 138 -23.51 15.44 12.66
C TYR B 138 -23.18 15.20 11.20
N ASP B 139 -21.95 14.77 10.94
CA ASP B 139 -21.64 14.14 9.67
C ASP B 139 -22.08 12.69 9.72
N CYS B 140 -22.77 12.23 8.68
CA CYS B 140 -23.40 10.92 8.70
C CYS B 140 -22.93 10.11 7.51
N ALA B 141 -22.32 8.95 7.78
CA ALA B 141 -21.71 8.13 6.75
C ALA B 141 -22.31 6.73 6.76
N TYR B 142 -22.67 6.23 5.59
CA TYR B 142 -23.14 4.87 5.42
C TYR B 142 -22.18 4.11 4.52
N ILE B 143 -21.68 2.97 5.00
CA ILE B 143 -20.80 2.11 4.24
C ILE B 143 -21.37 0.70 4.24
N GLY B 144 -21.50 0.10 3.06
CA GLY B 144 -21.95 -1.28 2.99
C GLY B 144 -23.30 -1.48 2.32
N LYS B 145 -23.92 -2.64 2.53
CA LYS B 145 -25.16 -2.96 1.85
C LYS B 145 -26.31 -2.11 2.41
N TYR B 146 -26.97 -1.36 1.52
CA TYR B 146 -28.17 -0.61 1.87
C TYR B 146 -29.39 -1.34 1.34
N HIS B 147 -29.69 -1.12 0.05
CA HIS B 147 -30.67 -1.91 -0.69
C HIS B 147 -32.05 -1.87 -0.02
N LEU B 148 -32.58 -0.65 0.11
CA LEU B 148 -33.89 -0.45 0.70
C LEU B 148 -34.89 0.18 -0.26
N ASP B 149 -34.50 0.41 -1.52
CA ASP B 149 -35.41 0.92 -2.53
C ASP B 149 -35.63 -0.15 -3.58
N THR B 150 -36.88 -0.53 -3.79
CA THR B 150 -37.22 -1.48 -4.84
C THR B 150 -36.96 -0.85 -6.21
N PRO B 151 -36.31 -1.57 -7.14
CA PRO B 151 -36.12 -1.06 -8.50
C PRO B 151 -37.43 -0.91 -9.25
N ARG B 178 -32.58 11.08 -2.09
CA ARG B 178 -32.91 9.70 -1.73
C ARG B 178 -32.32 9.35 -0.37
N ARG B 179 -31.27 10.06 0.02
CA ARG B 179 -30.63 9.83 1.31
C ARG B 179 -31.44 10.48 2.42
N HIS B 180 -31.04 10.19 3.66
CA HIS B 180 -31.70 10.71 4.85
C HIS B 180 -30.67 11.35 5.78
N GLY B 181 -29.99 12.38 5.28
CA GLY B 181 -28.95 13.04 6.02
C GLY B 181 -27.59 12.38 5.94
N PHE B 182 -27.46 11.29 5.18
CA PHE B 182 -26.19 10.61 4.97
C PHE B 182 -25.44 11.37 3.87
N ASN B 183 -24.49 12.23 4.27
CA ASN B 183 -23.73 12.98 3.27
C ASN B 183 -22.58 12.16 2.69
N PHE B 184 -22.09 11.15 3.39
CA PHE B 184 -21.10 10.23 2.85
C PHE B 184 -21.79 8.91 2.50
N TRP B 185 -21.43 8.36 1.35
CA TRP B 185 -22.07 7.16 0.84
C TRP B 185 -21.04 6.23 0.20
N TYR B 186 -21.01 4.98 0.65
CA TYR B 186 -20.23 3.92 0.01
C TYR B 186 -21.03 2.62 0.11
N SER B 187 -22.10 2.54 -0.67
CA SER B 187 -22.99 1.39 -0.64
C SER B 187 -22.35 0.20 -1.36
N TYR B 188 -22.91 -0.98 -1.12
CA TYR B 188 -22.36 -2.24 -1.61
C TYR B 188 -23.42 -2.98 -2.40
N GLY B 189 -23.01 -3.64 -3.47
CA GLY B 189 -23.90 -4.47 -4.26
C GLY B 189 -23.43 -5.91 -4.35
N PRO B 197 -19.14 -8.16 -6.90
CA PRO B 197 -18.82 -7.24 -5.82
C PRO B 197 -18.76 -5.80 -6.30
N HIS B 198 -19.72 -4.98 -5.89
CA HIS B 198 -19.86 -3.62 -6.39
C HIS B 198 -19.94 -2.64 -5.23
N TYR B 199 -19.45 -1.43 -5.46
CA TYR B 199 -19.55 -0.34 -4.50
C TYR B 199 -19.91 0.95 -5.23
N TRP B 200 -20.56 1.86 -4.52
CA TRP B 200 -21.04 3.09 -5.13
C TRP B 200 -20.62 4.31 -4.31
N ASP B 201 -20.15 5.33 -5.02
CA ASP B 201 -19.64 6.54 -4.43
C ASP B 201 -20.76 7.36 -3.80
N THR B 202 -20.37 8.40 -3.06
CA THR B 202 -21.31 9.47 -2.75
C THR B 202 -21.81 10.15 -4.02
N ASP B 203 -20.89 10.38 -4.97
CA ASP B 203 -21.22 11.03 -6.22
C ASP B 203 -21.94 10.12 -7.20
N GLY B 204 -21.85 8.80 -7.01
CA GLY B 204 -22.48 7.86 -7.92
C GLY B 204 -21.53 7.05 -8.78
N LYS B 205 -20.23 7.24 -8.62
CA LYS B 205 -19.27 6.44 -9.36
C LYS B 205 -19.22 5.02 -8.79
N ARG B 206 -19.37 4.03 -9.65
CA ARG B 206 -19.38 2.63 -9.22
C ARG B 206 -17.96 2.07 -9.24
N HIS B 207 -17.59 1.37 -8.18
CA HIS B 207 -16.27 0.77 -8.05
C HIS B 207 -16.39 -0.75 -8.02
N ASP B 208 -15.67 -1.42 -8.91
CA ASP B 208 -15.63 -2.88 -8.95
C ASP B 208 -14.32 -3.34 -8.33
N ILE B 209 -14.38 -3.80 -7.09
CA ILE B 209 -13.21 -4.26 -6.35
C ILE B 209 -13.51 -5.64 -5.80
N ASN B 210 -12.67 -6.62 -6.15
CA ASN B 210 -12.86 -8.00 -5.74
C ASN B 210 -12.21 -8.31 -4.39
N GLN B 211 -11.56 -7.34 -3.76
CA GLN B 211 -11.01 -7.53 -2.43
C GLN B 211 -12.12 -7.99 -1.48
N TRP B 212 -11.76 -8.90 -0.57
CA TRP B 212 -12.69 -9.39 0.44
C TRP B 212 -13.49 -8.25 1.05
N SER B 213 -14.81 -8.33 0.91
CA SER B 213 -15.65 -7.15 1.13
C SER B 213 -15.52 -6.56 2.53
N PRO B 214 -15.53 -7.32 3.62
CA PRO B 214 -15.31 -6.69 4.93
C PRO B 214 -13.99 -5.92 5.02
N SER B 215 -12.95 -6.38 4.32
CA SER B 215 -11.67 -5.66 4.34
C SER B 215 -11.78 -4.33 3.63
N HIS B 216 -12.40 -4.32 2.44
CA HIS B 216 -12.51 -3.08 1.68
C HIS B 216 -13.44 -2.08 2.36
N GLU B 217 -14.54 -2.56 2.96
CA GLU B 217 -15.43 -1.67 3.68
C GLU B 217 -14.75 -1.10 4.91
N THR B 218 -13.92 -1.90 5.58
CA THR B 218 -13.12 -1.38 6.69
C THR B 218 -12.09 -0.38 6.20
N ASP B 219 -11.43 -0.69 5.08
CA ASP B 219 -10.49 0.26 4.48
C ASP B 219 -11.15 1.60 4.26
N MET B 220 -12.33 1.60 3.64
CA MET B 220 -13.05 2.85 3.40
C MET B 220 -13.46 3.51 4.70
N ALA B 221 -13.86 2.72 5.70
CA ALA B 221 -14.25 3.28 6.98
C ALA B 221 -13.05 3.93 7.67
N ILE B 222 -11.88 3.31 7.58
CA ILE B 222 -10.68 3.87 8.19
C ILE B 222 -10.26 5.17 7.49
N SER B 223 -10.34 5.19 6.15
CA SER B 223 -10.04 6.41 5.42
C SER B 223 -11.01 7.52 5.77
N TYR B 224 -12.28 7.17 5.99
CA TYR B 224 -13.26 8.16 6.41
C TYR B 224 -12.91 8.74 7.78
N LEU B 225 -12.50 7.88 8.71
CA LEU B 225 -12.10 8.36 10.03
C LEU B 225 -10.86 9.25 9.93
N LYS B 226 -9.87 8.84 9.13
CA LYS B 226 -8.69 9.66 8.89
C LYS B 226 -9.04 10.98 8.23
N ASN B 227 -10.18 11.06 7.54
CA ASN B 227 -10.49 12.15 6.63
C ASN B 227 -9.40 12.27 5.56
N GLU B 228 -8.99 11.12 5.01
CA GLU B 228 -7.94 11.10 4.01
C GLU B 228 -8.34 11.79 2.73
N PHE B 229 -9.64 11.89 2.45
CA PHE B 229 -10.11 12.42 1.17
C PHE B 229 -11.11 13.56 1.34
N GLY B 230 -11.08 14.24 2.48
CA GLY B 230 -11.92 15.42 2.67
C GLY B 230 -13.40 15.16 2.54
N ARG B 231 -13.86 13.96 2.90
CA ARG B 231 -15.26 13.58 2.80
C ARG B 231 -16.03 13.88 4.09
N ARG B 232 -15.42 14.61 5.01
CA ARG B 232 -15.94 14.80 6.35
C ARG B 232 -15.55 16.18 6.84
N ASP B 233 -16.44 16.80 7.62
CA ASP B 233 -16.11 18.04 8.31
C ASP B 233 -15.58 17.67 9.69
N VAL B 234 -14.26 17.75 9.86
CA VAL B 234 -13.64 17.31 11.10
C VAL B 234 -14.07 18.15 12.30
N SER B 235 -14.57 19.37 12.06
CA SER B 235 -15.10 20.19 13.13
C SER B 235 -16.46 19.71 13.62
N LYS B 236 -17.05 18.71 12.95
CA LYS B 236 -18.34 18.13 13.32
C LYS B 236 -18.15 16.75 13.94
N PRO B 237 -19.07 16.33 14.81
CA PRO B 237 -19.12 14.92 15.17
C PRO B 237 -19.67 14.09 14.02
N PHE B 238 -19.34 12.81 14.01
CA PHE B 238 -19.71 11.94 12.90
C PHE B 238 -20.56 10.76 13.37
N PHE B 239 -21.42 10.29 12.47
CA PHE B 239 -22.26 9.11 12.66
C PHE B 239 -21.90 8.12 11.56
N LEU B 240 -21.19 7.06 11.91
CA LEU B 240 -20.62 6.13 10.95
C LEU B 240 -21.29 4.77 11.09
N MET B 241 -22.09 4.39 10.11
CA MET B 241 -22.75 3.08 10.09
C MET B 241 -22.09 2.21 9.04
N ILE B 242 -21.65 1.02 9.45
CA ILE B 242 -20.90 0.11 8.60
C ILE B 242 -21.63 -1.23 8.57
N SER B 243 -22.12 -1.61 7.39
CA SER B 243 -22.70 -2.93 7.17
C SER B 243 -21.64 -3.79 6.50
N MET B 244 -20.96 -4.63 7.29
CA MET B 244 -19.94 -5.51 6.75
C MET B 244 -20.59 -6.72 6.11
N ASN B 245 -20.17 -7.05 4.89
CA ASN B 245 -20.86 -8.04 4.07
C ASN B 245 -19.89 -9.09 3.55
N PRO B 246 -19.70 -10.19 4.29
CA PRO B 246 -18.90 -11.30 3.75
C PRO B 246 -19.62 -11.98 2.63
N PRO B 247 -18.90 -12.62 1.70
CA PRO B 247 -19.55 -13.25 0.54
C PRO B 247 -20.41 -14.44 0.95
N HIS B 248 -21.60 -14.52 0.36
CA HIS B 248 -22.60 -15.52 0.69
C HIS B 248 -23.12 -16.19 -0.58
N HIS B 249 -23.18 -17.53 -0.57
CA HIS B 249 -23.71 -18.40 -1.62
C HIS B 249 -23.51 -19.83 -1.14
N PRO B 250 -23.59 -20.88 -1.98
CA PRO B 250 -23.29 -22.23 -1.48
C PRO B 250 -21.92 -22.33 -0.82
N TYR B 251 -21.85 -23.23 0.17
CA TYR B 251 -20.71 -23.31 1.07
C TYR B 251 -19.50 -24.03 0.49
N ASN B 252 -19.67 -24.84 -0.56
CA ASN B 252 -18.54 -25.53 -1.18
C ASN B 252 -17.41 -24.55 -1.46
N SER B 253 -17.72 -23.52 -2.24
CA SER B 253 -16.96 -22.27 -2.32
C SER B 253 -16.29 -21.88 -1.02
N PHE B 254 -14.98 -22.12 -0.92
CA PHE B 254 -14.20 -21.58 0.18
C PHE B 254 -13.34 -20.40 -0.25
N ASN B 255 -13.56 -19.88 -1.47
CA ASN B 255 -12.79 -18.74 -1.93
C ASN B 255 -13.17 -17.46 -1.20
N ASP B 256 -14.34 -17.42 -0.55
CA ASP B 256 -14.75 -16.26 0.22
C ASP B 256 -14.00 -16.11 1.52
N CYS B 257 -13.13 -17.05 1.87
CA CYS B 257 -12.40 -17.02 3.12
C CYS B 257 -10.95 -16.64 2.87
N MET B 258 -10.42 -15.79 3.74
CA MET B 258 -8.99 -15.50 3.74
C MET B 258 -8.28 -16.56 4.57
N GLU B 259 -7.13 -17.01 4.08
CA GLU B 259 -6.36 -18.04 4.76
C GLU B 259 -6.14 -17.70 6.23
N GLU B 260 -5.89 -16.42 6.52
CA GLU B 260 -5.60 -15.99 7.89
C GLU B 260 -6.73 -16.33 8.84
N ASP B 261 -7.97 -16.34 8.37
CA ASP B 261 -9.11 -16.68 9.22
C ASP B 261 -9.46 -18.16 9.15
N TYR B 262 -9.43 -18.74 7.95
CA TYR B 262 -9.77 -20.15 7.78
C TYR B 262 -8.80 -21.05 8.54
N THR B 263 -7.56 -20.61 8.73
CA THR B 263 -6.54 -21.46 9.34
C THR B 263 -6.89 -21.86 10.76
N HIS B 264 -7.79 -21.14 11.43
CA HIS B 264 -8.19 -21.48 12.79
C HIS B 264 -9.20 -22.62 12.84
N TYR B 265 -9.81 -22.98 11.70
CA TYR B 265 -10.88 -23.95 11.69
C TYR B 265 -10.59 -25.17 10.82
N LYS B 266 -9.43 -25.21 10.16
CA LYS B 266 -8.97 -26.45 9.56
C LYS B 266 -8.57 -27.43 10.66
N ASP B 267 -8.57 -28.72 10.31
CA ASP B 267 -8.26 -29.80 11.24
C ASP B 267 -9.27 -29.87 12.40
N ARG B 268 -10.51 -29.48 12.14
CA ARG B 268 -11.59 -29.59 13.11
C ARG B 268 -12.80 -30.22 12.43
N THR B 269 -13.34 -31.27 13.05
CA THR B 269 -14.50 -31.93 12.46
C THR B 269 -15.76 -31.16 12.80
N LEU B 270 -16.84 -31.50 12.07
CA LEU B 270 -18.12 -30.85 12.29
C LEU B 270 -18.56 -30.94 13.74
N SER B 271 -18.31 -32.08 14.39
CA SER B 271 -18.72 -32.25 15.78
C SER B 271 -17.95 -31.33 16.71
N GLU B 272 -16.70 -31.00 16.37
CA GLU B 272 -15.93 -30.09 17.21
C GLU B 272 -16.40 -28.65 17.06
N LEU B 273 -16.97 -28.29 15.92
CA LEU B 273 -17.35 -26.91 15.65
C LEU B 273 -18.79 -26.62 16.02
N LEU B 274 -19.71 -27.55 15.78
CA LEU B 274 -21.10 -27.37 16.16
C LEU B 274 -21.31 -28.01 17.53
N VAL B 275 -21.27 -27.20 18.58
CA VAL B 275 -21.35 -27.70 19.95
C VAL B 275 -22.73 -27.55 20.57
N ARG B 276 -23.65 -26.84 19.91
CA ARG B 276 -24.99 -26.67 20.43
C ARG B 276 -25.79 -27.96 20.22
N HIS B 277 -26.47 -28.41 21.27
CA HIS B 277 -27.10 -29.73 21.27
C HIS B 277 -28.23 -29.86 20.26
N ASN B 278 -28.71 -28.76 19.71
CA ASN B 278 -29.74 -28.83 18.67
C ASN B 278 -29.17 -28.96 17.27
N ALA B 279 -27.84 -29.06 17.13
CA ALA B 279 -27.21 -29.03 15.83
C ALA B 279 -27.25 -30.39 15.15
N ASP B 280 -27.58 -30.37 13.86
CA ASP B 280 -27.58 -31.55 13.01
C ASP B 280 -26.14 -31.80 12.57
N THR B 281 -25.47 -32.76 13.20
CA THR B 281 -24.10 -33.11 12.88
C THR B 281 -24.02 -34.31 11.94
N THR B 282 -25.06 -34.53 11.13
CA THR B 282 -25.10 -35.57 10.11
C THR B 282 -25.20 -34.99 8.71
N MET B 283 -24.93 -33.70 8.58
CA MET B 283 -25.45 -32.85 7.52
C MET B 283 -24.68 -33.05 6.21
N GLU B 284 -25.36 -32.73 5.10
CA GLU B 284 -24.72 -32.62 3.79
C GLU B 284 -23.71 -31.48 3.74
N LYS B 285 -23.88 -30.46 4.59
CA LYS B 285 -22.94 -29.33 4.68
C LYS B 285 -21.87 -29.68 5.71
N SER B 286 -20.87 -30.42 5.26
CA SER B 286 -19.81 -30.89 6.15
C SER B 286 -18.77 -29.82 6.46
N SER B 287 -18.70 -28.75 5.67
CA SER B 287 -17.69 -27.72 5.85
C SER B 287 -18.29 -26.37 6.22
N SER B 288 -19.58 -26.32 6.55
CA SER B 288 -20.25 -25.05 6.73
C SER B 288 -19.81 -24.35 8.01
N ALA B 289 -19.61 -25.12 9.09
CA ALA B 289 -19.23 -24.53 10.36
C ALA B 289 -17.90 -23.79 10.25
N ALA B 290 -16.91 -24.41 9.61
CA ALA B 290 -15.62 -23.75 9.43
C ALA B 290 -15.77 -22.52 8.56
N TYR B 291 -16.51 -22.64 7.45
CA TYR B 291 -16.75 -21.50 6.57
C TYR B 291 -17.41 -20.35 7.33
N TYR B 292 -18.47 -20.66 8.06
CA TYR B 292 -19.22 -19.64 8.80
C TYR B 292 -18.33 -18.96 9.83
N PHE B 293 -17.64 -19.74 10.65
CA PHE B 293 -16.81 -19.18 11.71
C PHE B 293 -15.59 -18.45 11.16
N ALA B 294 -15.06 -18.91 10.02
CA ALA B 294 -13.92 -18.22 9.42
C ALA B 294 -14.29 -16.79 9.02
N GLN B 295 -15.48 -16.62 8.42
CA GLN B 295 -15.94 -15.29 8.06
C GLN B 295 -16.16 -14.44 9.30
N ILE B 296 -16.73 -15.02 10.35
CA ILE B 296 -16.94 -14.29 11.59
C ILE B 296 -15.61 -13.88 12.20
N THR B 297 -14.62 -14.78 12.15
CA THR B 297 -13.28 -14.43 12.61
C THR B 297 -12.71 -13.28 11.78
N GLY B 298 -12.96 -13.29 10.48
CA GLY B 298 -12.46 -12.20 9.64
C GLY B 298 -13.14 -10.89 9.91
N VAL B 299 -14.45 -10.92 10.14
CA VAL B 299 -15.17 -9.69 10.51
C VAL B 299 -14.62 -9.14 11.82
N ASP B 300 -14.33 -10.03 12.78
CA ASP B 300 -13.73 -9.60 14.03
C ASP B 300 -12.33 -9.02 13.78
N ARG B 301 -11.60 -9.58 12.82
CA ARG B 301 -10.28 -9.05 12.49
C ARG B 301 -10.37 -7.64 11.92
N GLU B 302 -11.33 -7.41 11.02
CA GLU B 302 -11.52 -6.07 10.47
C GLU B 302 -12.05 -5.11 11.52
N PHE B 303 -12.94 -5.59 12.39
CA PHE B 303 -13.42 -4.78 13.50
C PHE B 303 -12.27 -4.33 14.39
N GLY B 304 -11.32 -5.23 14.66
CA GLY B 304 -10.13 -4.85 15.41
C GLY B 304 -9.27 -3.83 14.68
N ARG B 305 -9.20 -3.93 13.35
CA ARG B 305 -8.52 -2.90 12.56
C ARG B 305 -9.18 -1.54 12.74
N LEU B 306 -10.51 -1.49 12.72
CA LEU B 306 -11.21 -0.22 12.91
C LEU B 306 -11.00 0.32 14.33
N LEU B 307 -10.98 -0.58 15.32
CA LEU B 307 -10.87 -0.15 16.71
C LEU B 307 -9.54 0.54 16.98
N GLU B 308 -8.43 -0.06 16.54
CA GLU B 308 -7.13 0.54 16.83
C GLU B 308 -6.78 1.67 15.88
N ALA B 309 -7.42 1.74 14.71
CA ALA B 309 -7.40 3.00 13.96
C ALA B 309 -8.10 4.09 14.74
N LEU B 310 -9.17 3.74 15.45
CA LEU B 310 -9.85 4.70 16.33
C LEU B 310 -8.95 5.16 17.47
N ASP B 311 -8.00 4.33 17.87
CA ASP B 311 -7.19 4.64 19.05
C ASP B 311 -6.14 5.70 18.74
N GLU B 312 -5.24 5.46 17.79
CA GLU B 312 -4.29 6.54 17.55
C GLU B 312 -4.74 7.49 16.46
N LEU B 313 -6.06 7.64 16.29
CA LEU B 313 -6.63 8.84 15.72
C LEU B 313 -7.12 9.81 16.79
N GLY B 314 -6.98 9.43 18.06
CA GLY B 314 -7.46 10.24 19.16
C GLY B 314 -8.95 10.19 19.38
N LEU B 315 -9.63 9.18 18.84
CA LEU B 315 -11.08 9.13 18.85
C LEU B 315 -11.68 8.12 19.83
N SER B 316 -10.87 7.23 20.39
CA SER B 316 -11.42 6.15 21.21
C SER B 316 -12.13 6.69 22.45
N LYS B 317 -11.56 7.71 23.07
CA LYS B 317 -12.10 8.21 24.34
C LYS B 317 -13.44 8.92 24.18
N ASN B 318 -13.76 9.45 23.00
CA ASN B 318 -14.97 10.23 22.78
C ASN B 318 -15.87 9.62 21.71
N THR B 319 -15.63 8.37 21.33
CA THR B 319 -16.47 7.66 20.37
C THR B 319 -17.15 6.49 21.07
N MET B 320 -18.47 6.40 20.91
CA MET B 320 -19.22 5.25 21.40
C MET B 320 -19.34 4.27 20.23
N VAL B 321 -18.91 3.03 20.46
CA VAL B 321 -18.83 2.02 19.40
C VAL B 321 -19.85 0.95 19.70
N VAL B 322 -20.72 0.68 18.72
CA VAL B 322 -21.78 -0.32 18.84
C VAL B 322 -21.50 -1.43 17.86
N PHE B 323 -21.48 -2.66 18.35
CA PHE B 323 -21.36 -3.85 17.51
C PHE B 323 -22.67 -4.62 17.59
N SER B 324 -23.22 -4.98 16.43
CA SER B 324 -24.49 -5.69 16.38
C SER B 324 -24.54 -6.50 15.08
N SER B 325 -25.72 -7.01 14.76
CA SER B 325 -25.91 -7.74 13.51
C SER B 325 -27.39 -7.68 13.14
N ASP B 326 -27.66 -7.85 11.85
CA ASP B 326 -29.05 -7.83 11.39
C ASP B 326 -29.73 -9.18 11.59
N HIS B 327 -28.97 -10.28 11.57
CA HIS B 327 -29.53 -11.62 11.54
C HIS B 327 -29.08 -12.44 12.73
N GLY B 328 -29.96 -13.37 13.13
CA GLY B 328 -29.55 -14.59 13.76
C GLY B 328 -29.48 -15.66 12.69
N GLU B 329 -28.79 -16.75 13.01
CA GLU B 329 -28.27 -17.60 11.93
C GLU B 329 -28.13 -19.03 12.45
N THR B 330 -28.94 -19.94 11.92
CA THR B 330 -29.11 -21.26 12.53
C THR B 330 -27.81 -22.05 12.54
N MET B 331 -27.23 -22.27 11.35
CA MET B 331 -26.01 -23.07 11.19
C MET B 331 -26.23 -24.50 11.69
N CYS B 332 -27.06 -25.22 10.93
CA CYS B 332 -27.41 -26.62 11.15
C CYS B 332 -28.16 -26.87 12.46
N SER B 333 -28.59 -25.81 13.15
CA SER B 333 -29.39 -25.99 14.35
C SER B 333 -30.80 -26.43 13.97
N HIS B 334 -31.31 -27.46 14.66
CA HIS B 334 -32.63 -28.02 14.37
C HIS B 334 -32.75 -28.48 12.93
N GLY B 335 -31.65 -28.94 12.35
CA GLY B 335 -31.64 -29.42 10.98
C GLY B 335 -31.83 -28.35 9.94
N LEU B 336 -31.67 -27.08 10.29
CA LEU B 336 -31.91 -25.98 9.37
C LEU B 336 -30.60 -25.57 8.70
N GLN B 337 -30.56 -25.68 7.37
CA GLN B 337 -29.34 -25.39 6.63
C GLN B 337 -28.98 -23.91 6.73
N ASP B 338 -29.85 -23.04 6.21
CA ASP B 338 -29.78 -21.61 6.47
C ASP B 338 -31.06 -21.16 7.16
N ALA B 339 -30.96 -20.02 7.85
CA ALA B 339 -31.95 -19.68 8.87
C ALA B 339 -33.33 -19.44 8.28
N LYS B 340 -33.39 -18.76 7.14
CA LYS B 340 -34.65 -18.23 6.57
C LYS B 340 -35.27 -17.35 7.65
N ASN B 341 -36.53 -17.54 8.01
CA ASN B 341 -37.19 -16.80 9.08
C ASN B 341 -37.72 -17.81 10.10
N SER B 342 -37.03 -17.93 11.24
CA SER B 342 -37.39 -18.90 12.25
C SER B 342 -37.11 -18.31 13.63
N PRO B 343 -37.94 -18.62 14.63
CA PRO B 343 -37.81 -17.98 15.94
C PRO B 343 -36.77 -18.61 16.87
N TYR B 344 -36.00 -19.59 16.41
CA TYR B 344 -35.02 -20.21 17.28
C TYR B 344 -33.98 -19.19 17.73
N ILE B 345 -33.47 -19.37 18.95
CA ILE B 345 -32.58 -18.39 19.55
C ILE B 345 -31.31 -18.23 18.71
N GLU B 346 -30.90 -19.27 18.00
CA GLU B 346 -29.79 -19.13 17.07
C GLU B 346 -30.13 -18.18 15.93
N SER B 347 -31.41 -17.98 15.63
CA SER B 347 -31.85 -17.10 14.57
C SER B 347 -32.36 -15.74 15.04
N MET B 348 -32.51 -15.54 16.35
CA MET B 348 -32.96 -14.26 16.87
C MET B 348 -32.01 -13.61 17.85
N ASN B 349 -31.28 -14.38 18.66
CA ASN B 349 -30.29 -13.80 19.55
C ASN B 349 -29.16 -13.19 18.74
N VAL B 350 -29.00 -11.87 18.85
CA VAL B 350 -28.12 -11.13 17.95
C VAL B 350 -27.01 -10.44 18.76
N PRO B 351 -25.85 -10.18 18.15
CA PRO B 351 -24.80 -9.43 18.86
C PRO B 351 -25.26 -8.05 19.28
N PHE B 352 -24.77 -7.61 20.44
CA PHE B 352 -24.94 -6.21 20.82
C PHE B 352 -23.92 -5.85 21.90
N LEU B 353 -23.03 -4.92 21.57
CA LEU B 353 -22.00 -4.45 22.48
C LEU B 353 -21.84 -2.94 22.30
N ILE B 354 -21.80 -2.20 23.41
CA ILE B 354 -21.72 -0.75 23.37
C ILE B 354 -20.58 -0.30 24.27
N ARG B 355 -19.54 0.30 23.68
CA ARG B 355 -18.41 0.83 24.42
C ARG B 355 -18.51 2.34 24.47
N TYR B 356 -18.55 2.88 25.68
CA TYR B 356 -18.68 4.33 25.91
C TYR B 356 -17.69 4.69 27.00
N PRO B 357 -16.47 5.08 26.63
CA PRO B 357 -15.35 5.06 27.59
C PRO B 357 -15.58 5.84 28.87
N GLN B 358 -16.15 7.04 28.81
CA GLN B 358 -16.36 7.80 30.05
C GLN B 358 -17.76 7.65 30.63
N ARG B 359 -18.73 7.19 29.84
CA ARG B 359 -20.14 7.29 30.22
C ARG B 359 -20.84 5.95 30.40
N LEU B 360 -20.16 4.83 30.17
CA LEU B 360 -20.76 3.52 30.37
C LEU B 360 -19.72 2.58 30.95
N LYS B 361 -20.11 1.84 31.99
CA LYS B 361 -19.14 0.98 32.66
C LYS B 361 -19.39 -0.47 32.28
N PRO B 362 -18.31 -1.26 32.15
CA PRO B 362 -18.45 -2.62 31.61
C PRO B 362 -19.30 -3.51 32.50
N LYS B 363 -20.34 -4.09 31.91
CA LYS B 363 -21.23 -5.02 32.58
C LYS B 363 -21.95 -5.84 31.51
N VAL B 364 -22.74 -6.81 31.95
CA VAL B 364 -23.55 -7.64 31.07
C VAL B 364 -25.01 -7.43 31.44
N VAL B 365 -25.81 -6.98 30.48
CA VAL B 365 -27.22 -6.69 30.70
C VAL B 365 -28.06 -7.65 29.87
N ASP B 366 -29.22 -8.03 30.42
CA ASP B 366 -30.11 -8.98 29.79
C ASP B 366 -31.37 -8.30 29.25
N TYR B 367 -31.30 -7.01 28.94
CA TYR B 367 -32.46 -6.29 28.46
C TYR B 367 -32.89 -6.84 27.10
N LEU B 368 -34.20 -6.94 26.90
CA LEU B 368 -34.75 -7.51 25.66
C LEU B 368 -34.82 -6.40 24.62
N LEU B 369 -33.66 -6.05 24.08
CA LEU B 369 -33.56 -5.01 23.07
C LEU B 369 -34.20 -5.50 21.76
N SER B 370 -35.02 -4.64 21.15
CA SER B 370 -35.71 -4.94 19.91
C SER B 370 -35.10 -4.14 18.77
N SER B 371 -35.39 -4.58 17.54
CA SER B 371 -34.86 -3.88 16.37
C SER B 371 -35.35 -2.45 16.26
N PRO B 372 -36.61 -2.10 16.56
CA PRO B 372 -37.01 -0.68 16.55
C PRO B 372 -36.47 0.13 17.73
N ASP B 373 -35.84 -0.50 18.72
CA ASP B 373 -35.44 0.20 19.93
C ASP B 373 -34.07 0.85 19.85
N ILE B 374 -33.29 0.56 18.83
CA ILE B 374 -31.89 0.98 18.80
C ILE B 374 -31.75 2.45 18.44
N MET B 375 -32.41 2.88 17.35
CA MET B 375 -32.39 4.29 16.99
C MET B 375 -32.82 5.20 18.13
N PRO B 376 -33.89 4.92 18.89
CA PRO B 376 -34.16 5.73 20.08
C PRO B 376 -33.08 5.59 21.13
N THR B 377 -32.57 4.37 21.36
CA THR B 377 -31.47 4.18 22.28
C THR B 377 -30.25 5.00 21.85
N LEU B 378 -29.84 4.86 20.59
CA LEU B 378 -28.70 5.60 20.05
C LEU B 378 -28.78 7.08 20.40
N LEU B 379 -29.86 7.73 19.97
CA LEU B 379 -30.06 9.15 20.27
C LEU B 379 -29.99 9.42 21.76
N GLY B 380 -30.58 8.55 22.56
CA GLY B 380 -30.56 8.69 24.00
C GLY B 380 -29.17 8.82 24.59
N LEU B 381 -28.31 7.83 24.37
CA LEU B 381 -26.97 7.91 24.95
C LEU B 381 -26.03 8.80 24.16
N SER B 382 -26.49 9.43 23.09
CA SER B 382 -25.75 10.52 22.46
C SER B 382 -26.18 11.88 22.98
N ASN B 383 -26.92 11.91 24.10
CA ASN B 383 -27.45 13.13 24.72
C ASN B 383 -28.46 13.86 23.85
N LEU B 384 -29.02 13.18 22.84
CA LEU B 384 -30.07 13.75 22.00
C LEU B 384 -31.45 13.19 22.35
N GLY B 385 -31.66 12.87 23.64
CA GLY B 385 -32.83 12.15 24.10
C GLY B 385 -34.13 12.94 24.09
N GLN B 386 -34.11 14.21 23.68
CA GLN B 386 -35.34 14.97 23.53
C GLN B 386 -35.71 15.18 22.07
N HIS B 387 -35.07 14.44 21.15
CA HIS B 387 -35.30 14.62 19.73
C HIS B 387 -35.78 13.35 19.04
N ILE B 388 -36.16 12.32 19.80
CA ILE B 388 -36.64 11.08 19.22
C ILE B 388 -37.87 11.38 18.37
N PRO B 389 -37.88 10.99 17.09
CA PRO B 389 -38.95 11.41 16.19
C PRO B 389 -40.34 10.97 16.62
N HIS B 390 -41.32 11.41 15.85
CA HIS B 390 -42.72 11.29 16.25
C HIS B 390 -43.34 9.96 15.86
N GLU B 391 -42.78 9.26 14.88
CA GLU B 391 -43.30 7.96 14.49
C GLU B 391 -42.62 6.82 15.23
N VAL B 392 -41.69 7.11 16.13
CA VAL B 392 -40.83 6.08 16.69
C VAL B 392 -41.62 5.23 17.68
N GLN B 393 -41.56 3.91 17.50
CA GLN B 393 -42.15 2.96 18.42
C GLN B 393 -41.14 2.31 19.35
N GLY B 394 -39.85 2.47 19.08
CA GLY B 394 -38.82 1.86 19.88
C GLY B 394 -38.73 2.45 21.28
N THR B 395 -37.85 1.86 22.06
CA THR B 395 -37.67 2.23 23.47
C THR B 395 -36.26 2.74 23.69
N ASP B 396 -36.15 3.87 24.38
CA ASP B 396 -34.86 4.47 24.69
C ASP B 396 -34.30 3.80 25.95
N PHE B 397 -33.32 2.92 25.76
CA PHE B 397 -32.70 2.20 26.87
C PHE B 397 -31.60 3.02 27.56
N SER B 398 -31.40 4.28 27.19
CA SER B 398 -30.21 5.01 27.65
C SER B 398 -30.17 5.13 29.17
N LYS B 399 -31.29 5.58 29.77
CA LYS B 399 -31.38 5.63 31.22
C LYS B 399 -30.91 4.33 31.87
N ALA B 400 -31.59 3.22 31.56
CA ALA B 400 -31.19 1.92 32.09
C ALA B 400 -29.70 1.65 31.90
N LEU B 401 -29.16 2.04 30.74
CA LEU B 401 -27.75 1.80 30.48
C LEU B 401 -26.87 2.75 31.31
N PHE B 402 -27.22 4.03 31.36
CA PHE B 402 -26.43 5.01 32.10
C PHE B 402 -26.34 4.66 33.58
N ALA B 413 -40.56 -8.08 27.25
CA ALA B 413 -40.85 -9.07 26.21
C ALA B 413 -40.73 -8.44 24.83
N ALA B 414 -40.44 -9.26 23.82
CA ALA B 414 -40.21 -8.79 22.46
C ALA B 414 -41.02 -9.62 21.47
N LEU B 415 -41.27 -9.02 20.32
CA LEU B 415 -42.09 -9.62 19.28
C LEU B 415 -41.25 -10.48 18.33
N TYR B 416 -41.94 -11.33 17.57
CA TYR B 416 -41.35 -12.06 16.46
C TYR B 416 -42.31 -11.98 15.29
N ILE B 417 -41.79 -11.59 14.11
CA ILE B 417 -42.62 -11.28 12.96
C ILE B 417 -42.14 -12.12 11.77
N ARG B 418 -43.08 -12.76 11.07
CA ARG B 418 -42.76 -13.53 9.88
C ARG B 418 -43.89 -13.35 8.87
N ASN B 419 -43.52 -13.11 7.61
CA ASN B 419 -44.49 -12.71 6.60
C ASN B 419 -44.26 -13.51 5.31
N MET B 420 -45.15 -13.31 4.34
CA MET B 420 -45.16 -14.14 3.13
C MET B 420 -45.80 -13.36 1.99
N ASP B 421 -45.58 -13.83 0.76
CA ASP B 421 -46.08 -13.19 -0.45
C ASP B 421 -47.59 -13.37 -0.61
N GLY B 422 -48.17 -12.59 -1.52
CA GLY B 422 -49.57 -12.70 -1.84
C GLY B 422 -49.84 -12.65 -3.33
N ARG B 423 -49.42 -13.68 -4.05
CA ARG B 423 -49.62 -13.74 -5.50
C ARG B 423 -49.62 -15.19 -5.97
N LYS B 429 -45.48 -8.21 -9.25
CA LYS B 429 -46.35 -9.31 -8.85
C LYS B 429 -47.11 -9.03 -7.58
N VAL B 430 -46.53 -9.49 -6.48
CA VAL B 430 -47.15 -9.39 -5.17
C VAL B 430 -47.15 -7.92 -4.74
N ARG B 431 -48.32 -7.44 -4.34
CA ARG B 431 -48.50 -6.05 -3.92
C ARG B 431 -48.90 -5.92 -2.47
N THR B 432 -49.05 -7.03 -1.76
CA THR B 432 -49.38 -7.03 -0.33
C THR B 432 -48.84 -8.31 0.27
N TYR B 433 -48.72 -8.35 1.60
CA TYR B 433 -48.12 -9.46 2.31
C TYR B 433 -49.15 -10.18 3.17
N VAL B 434 -48.77 -11.37 3.62
CA VAL B 434 -49.57 -12.19 4.54
C VAL B 434 -48.77 -12.34 5.83
N PRO B 435 -49.28 -11.86 6.96
CA PRO B 435 -48.56 -11.99 8.25
C PRO B 435 -48.75 -13.38 8.86
N VAL B 436 -48.03 -14.36 8.28
CA VAL B 436 -48.33 -15.76 8.55
C VAL B 436 -47.85 -16.25 9.90
N ALA B 437 -46.99 -15.51 10.59
CA ALA B 437 -46.49 -15.97 11.88
C ALA B 437 -46.17 -14.79 12.76
N ARG B 438 -46.58 -14.89 14.03
CA ARG B 438 -46.26 -13.91 15.06
C ARG B 438 -45.94 -14.66 16.35
N GLY B 439 -45.17 -14.01 17.22
CA GLY B 439 -44.77 -14.65 18.45
C GLY B 439 -44.13 -13.66 19.40
N ILE B 440 -43.70 -14.18 20.55
CA ILE B 440 -43.14 -13.37 21.61
C ILE B 440 -42.00 -14.14 22.27
N LYS B 441 -40.91 -13.43 22.56
CA LYS B 441 -39.79 -13.96 23.34
C LYS B 441 -39.70 -13.14 24.62
N THR B 442 -39.86 -13.82 25.76
CA THR B 442 -39.73 -13.18 27.06
C THR B 442 -38.36 -13.52 27.64
N HIS B 443 -38.13 -13.08 28.89
CA HIS B 443 -36.80 -13.21 29.48
C HIS B 443 -36.40 -14.67 29.62
N ARG B 444 -37.35 -15.53 30.00
CA ARG B 444 -37.06 -16.95 30.13
C ARG B 444 -37.75 -17.83 29.10
N TYR B 445 -38.86 -17.37 28.49
CA TYR B 445 -39.67 -18.23 27.65
C TYR B 445 -39.80 -17.67 26.24
N THR B 446 -40.04 -18.57 25.28
CA THR B 446 -40.12 -18.23 23.86
C THR B 446 -41.37 -18.86 23.27
N LEU B 447 -42.13 -18.07 22.51
CA LEU B 447 -43.42 -18.50 22.00
C LEU B 447 -43.57 -18.03 20.56
N SER B 448 -44.13 -18.89 19.72
CA SER B 448 -44.33 -18.56 18.31
C SER B 448 -45.58 -19.26 17.82
N LEU B 449 -46.39 -18.55 17.03
CA LEU B 449 -47.65 -19.03 16.50
C LEU B 449 -47.68 -18.83 14.99
N THR B 450 -48.05 -19.89 14.27
CA THR B 450 -48.12 -19.85 12.81
C THR B 450 -49.53 -20.22 12.37
N VAL B 451 -50.08 -19.43 11.44
CA VAL B 451 -51.42 -19.66 10.92
C VAL B 451 -51.34 -19.87 9.41
N ASP B 452 -52.43 -20.36 8.85
CA ASP B 452 -52.50 -20.65 7.42
C ASP B 452 -52.56 -19.36 6.60
N LYS B 453 -51.89 -19.36 5.45
CA LYS B 453 -51.88 -18.17 4.60
C LYS B 453 -53.22 -17.95 3.92
N GLU B 454 -53.95 -19.02 3.64
CA GLU B 454 -55.20 -18.99 2.89
C GLU B 454 -56.41 -18.82 3.79
N ASN B 455 -56.22 -18.31 5.00
CA ASN B 455 -57.02 -18.73 6.15
C ASN B 455 -56.58 -17.96 7.38
N LYS B 456 -57.25 -18.19 8.50
CA LYS B 456 -56.89 -17.59 9.78
C LYS B 456 -56.58 -18.62 10.85
N GLN B 457 -56.72 -19.90 10.55
CA GLN B 457 -56.79 -20.94 11.58
C GLN B 457 -55.39 -21.48 11.86
N LEU B 458 -55.06 -21.58 13.15
CA LEU B 458 -53.71 -21.87 13.60
C LEU B 458 -53.20 -23.21 13.07
N LYS B 459 -51.93 -23.23 12.71
CA LYS B 459 -51.27 -24.44 12.21
C LYS B 459 -50.20 -24.97 13.14
N GLU B 460 -49.37 -24.10 13.72
CA GLU B 460 -48.22 -24.56 14.48
C GLU B 460 -48.04 -23.73 15.74
N ILE B 461 -47.64 -24.39 16.82
CA ILE B 461 -47.41 -23.76 18.12
C ILE B 461 -46.01 -24.13 18.59
N LEU B 462 -45.26 -23.14 19.08
CA LEU B 462 -43.94 -23.39 19.64
C LEU B 462 -43.86 -22.72 21.00
N LEU B 463 -43.38 -23.45 21.99
CA LEU B 463 -43.16 -22.91 23.32
C LEU B 463 -41.98 -23.63 23.95
N PHE B 464 -40.98 -22.87 24.36
CA PHE B 464 -39.77 -23.43 24.96
C PHE B 464 -39.43 -22.68 26.24
N ASP B 465 -39.05 -23.44 27.27
CA ASP B 465 -38.53 -22.86 28.51
C ASP B 465 -37.02 -22.74 28.34
N ASP B 466 -36.57 -21.54 27.97
CA ASP B 466 -35.17 -21.34 27.60
C ASP B 466 -34.19 -21.52 28.76
N LEU B 467 -34.67 -21.57 30.00
CA LEU B 467 -33.73 -21.80 31.10
C LEU B 467 -33.43 -23.28 31.28
N ASP B 468 -34.45 -24.14 31.22
CA ASP B 468 -34.24 -25.58 31.33
C ASP B 468 -34.07 -26.25 29.98
N ASP B 469 -34.54 -25.63 28.90
CA ASP B 469 -34.44 -26.16 27.54
C ASP B 469 -33.73 -25.14 26.66
N PRO B 470 -32.44 -24.88 26.91
CA PRO B 470 -31.77 -23.77 26.20
C PRO B 470 -31.69 -24.00 24.70
N TYR B 471 -31.40 -25.22 24.27
CA TYR B 471 -31.29 -25.54 22.86
C TYR B 471 -32.65 -25.78 22.21
N GLN B 472 -33.73 -25.57 22.97
CA GLN B 472 -35.10 -25.53 22.42
C GLN B 472 -35.44 -26.82 21.69
N MET B 473 -35.24 -27.95 22.38
CA MET B 473 -35.52 -29.27 21.83
C MET B 473 -36.79 -29.88 22.40
N ASN B 474 -37.42 -29.25 23.38
CA ASN B 474 -38.65 -29.74 23.99
C ASN B 474 -39.74 -28.70 23.72
N ASN B 475 -40.52 -28.94 22.67
CA ASN B 475 -41.62 -28.05 22.29
C ASN B 475 -42.80 -28.33 23.22
N ILE B 476 -42.97 -27.50 24.25
CA ILE B 476 -43.98 -27.74 25.27
C ILE B 476 -45.36 -27.40 24.70
N ASP B 477 -46.29 -28.35 24.84
CA ASP B 477 -47.70 -28.11 24.55
C ASP B 477 -48.27 -27.21 25.65
N TRP B 478 -49.02 -26.17 25.25
CA TRP B 478 -49.42 -25.20 26.27
C TRP B 478 -50.55 -25.70 27.17
N ASN B 479 -51.09 -26.90 26.93
CA ASN B 479 -52.04 -27.47 27.87
C ASN B 479 -51.39 -27.73 29.22
N THR B 480 -50.16 -28.25 29.22
CA THR B 480 -49.38 -28.35 30.45
C THR B 480 -49.14 -26.95 31.02
N ARG B 481 -49.23 -26.85 32.36
CA ARG B 481 -49.18 -25.59 33.12
C ARG B 481 -49.88 -24.47 32.36
N PRO B 482 -51.22 -24.50 32.28
CA PRO B 482 -51.92 -23.59 31.37
C PRO B 482 -51.99 -22.15 31.86
N GLN B 483 -51.66 -21.88 33.13
CA GLN B 483 -51.61 -20.49 33.58
C GLN B 483 -50.58 -19.70 32.81
N LEU B 484 -49.46 -20.35 32.44
CA LEU B 484 -48.45 -19.68 31.64
C LEU B 484 -48.95 -19.39 30.23
N LYS B 485 -49.73 -20.31 29.66
CA LYS B 485 -50.26 -20.11 28.31
C LYS B 485 -51.13 -18.86 28.24
N ARG B 486 -52.07 -18.73 29.17
CA ARG B 486 -52.93 -17.54 29.21
C ARG B 486 -52.10 -16.28 29.47
N GLN B 487 -51.10 -16.38 30.35
CA GLN B 487 -50.28 -15.20 30.67
C GLN B 487 -49.45 -14.76 29.48
N LEU B 488 -48.90 -15.70 28.72
CA LEU B 488 -48.10 -15.31 27.56
C LEU B 488 -48.97 -14.78 26.44
N LEU B 489 -50.24 -15.19 26.39
CA LEU B 489 -51.14 -14.67 25.36
C LEU B 489 -51.51 -13.22 25.60
N ILE B 490 -51.59 -12.79 26.86
CA ILE B 490 -51.84 -11.37 27.12
C ILE B 490 -50.56 -10.56 26.92
N GLN B 491 -49.41 -11.13 27.26
CA GLN B 491 -48.14 -10.47 26.97
C GLN B 491 -47.98 -10.23 25.47
N LEU B 492 -48.21 -11.28 24.67
CA LEU B 492 -48.14 -11.13 23.22
C LEU B 492 -49.21 -10.17 22.71
N GLY B 493 -50.42 -10.24 23.28
CA GLY B 493 -51.49 -9.36 22.85
C GLY B 493 -51.21 -7.90 23.19
N GLN B 494 -50.66 -7.65 24.38
CA GLN B 494 -50.31 -6.29 24.76
C GLN B 494 -49.31 -5.68 23.78
N LEU B 495 -48.27 -6.45 23.44
CA LEU B 495 -47.30 -5.98 22.45
C LEU B 495 -47.93 -5.90 21.07
N LEU B 496 -48.76 -6.89 20.70
CA LEU B 496 -49.36 -6.93 19.36
C LEU B 496 -50.19 -5.70 19.09
N LYS B 497 -50.92 -5.23 20.10
CA LYS B 497 -51.78 -4.05 19.94
C LYS B 497 -51.04 -2.75 20.20
N LYS B 498 -49.99 -2.77 21.01
CA LYS B 498 -49.25 -1.56 21.32
C LYS B 498 -48.64 -0.95 20.06
N TYR B 499 -48.19 -1.79 19.13
CA TYR B 499 -47.55 -1.35 17.91
C TYR B 499 -48.45 -1.42 16.69
N ASP B 500 -49.73 -1.78 16.89
CA ASP B 500 -50.71 -1.87 15.81
C ASP B 500 -50.21 -2.77 14.68
N ASP B 501 -49.87 -3.98 15.04
CA ASP B 501 -49.53 -4.98 14.04
C ASP B 501 -50.82 -5.50 13.39
N PRO B 502 -50.76 -5.87 12.08
CA PRO B 502 -51.95 -6.35 11.37
C PRO B 502 -52.76 -7.41 12.12
N TRP B 503 -52.13 -8.16 13.02
CA TRP B 503 -52.86 -9.12 13.83
C TRP B 503 -53.82 -8.45 14.80
N TYR B 504 -53.66 -7.16 15.05
CA TYR B 504 -54.56 -6.42 15.94
C TYR B 504 -55.48 -5.52 15.15
N ARG C 31 -1.09 -33.20 0.95
CA ARG C 31 -1.01 -32.44 2.20
C ARG C 31 -0.20 -31.14 2.09
N PRO C 32 1.04 -31.19 1.61
CA PRO C 32 1.88 -29.99 1.68
C PRO C 32 1.59 -29.00 0.55
N ASN C 33 1.60 -27.72 0.93
CA ASN C 33 1.61 -26.66 -0.07
C ASN C 33 3.00 -26.50 -0.64
N ILE C 34 3.08 -25.99 -1.87
CA ILE C 34 4.33 -25.88 -2.60
C ILE C 34 4.49 -24.46 -3.11
N ILE C 35 5.62 -23.84 -2.81
CA ILE C 35 6.00 -22.56 -3.38
C ILE C 35 7.33 -22.74 -4.08
N TYR C 36 7.35 -22.54 -5.40
CA TYR C 36 8.57 -22.66 -6.19
C TYR C 36 8.92 -21.28 -6.73
N ILE C 37 9.99 -20.70 -6.20
CA ILE C 37 10.44 -19.36 -6.56
C ILE C 37 11.70 -19.49 -7.40
N PHE C 38 11.69 -18.87 -8.57
CA PHE C 38 12.93 -18.84 -9.35
C PHE C 38 13.09 -17.52 -10.08
N PRO C 39 14.01 -16.66 -9.63
CA PRO C 39 14.39 -15.49 -10.42
C PRO C 39 15.27 -15.90 -11.59
N ASP C 40 15.56 -14.92 -12.45
CA ASP C 40 16.34 -15.15 -13.65
C ASP C 40 17.82 -14.83 -13.44
N GLN C 41 18.68 -15.60 -14.10
CA GLN C 41 20.11 -15.32 -14.19
C GLN C 41 20.78 -15.27 -12.82
N MET C 42 20.28 -16.05 -11.86
CA MET C 42 20.87 -16.14 -10.53
C MET C 42 21.82 -17.34 -10.49
N ARG C 43 23.11 -17.06 -10.33
CA ARG C 43 24.08 -18.15 -10.19
C ARG C 43 24.22 -18.54 -8.72
N ASN C 44 24.73 -19.76 -8.50
CA ASN C 44 24.79 -20.32 -7.16
C ASN C 44 25.75 -19.54 -6.26
N SER C 45 26.82 -18.98 -6.83
CA SER C 45 27.78 -18.25 -6.02
C SER C 45 27.24 -16.91 -5.53
N ALA C 46 26.13 -16.43 -6.07
CA ALA C 46 25.59 -15.12 -5.72
C ALA C 46 24.64 -15.18 -4.52
N MET C 47 25.07 -15.90 -3.47
CA MET C 47 24.33 -15.94 -2.22
C MET C 47 25.32 -15.81 -1.08
N GLY C 48 24.98 -14.97 -0.10
CA GLY C 48 25.95 -14.59 0.91
C GLY C 48 26.43 -15.75 1.76
N PHE C 49 25.54 -16.71 2.05
CA PHE C 49 25.87 -17.77 2.99
C PHE C 49 27.00 -18.67 2.50
N TRP C 50 27.29 -18.68 1.20
CA TRP C 50 28.42 -19.45 0.70
C TRP C 50 29.76 -18.90 1.20
N ASN C 51 29.76 -17.74 1.87
CA ASN C 51 30.96 -17.24 2.52
C ASN C 51 31.18 -17.85 3.90
N ASP C 52 30.13 -18.41 4.50
CA ASP C 52 30.27 -19.01 5.83
C ASP C 52 31.12 -20.26 5.75
N PRO C 53 31.91 -20.56 6.78
CA PRO C 53 32.70 -21.79 6.78
C PRO C 53 31.84 -23.05 6.68
N ALA C 54 30.64 -23.02 7.24
CA ALA C 54 29.75 -24.19 7.22
C ALA C 54 29.19 -24.48 5.82
N PHE C 55 29.51 -23.67 4.82
CA PHE C 55 28.95 -23.87 3.48
C PHE C 55 30.03 -23.78 2.40
N ALA C 56 31.06 -22.97 2.65
CA ALA C 56 32.00 -22.60 1.58
C ALA C 56 32.72 -23.80 0.99
N SER C 57 32.93 -24.86 1.78
CA SER C 57 33.66 -26.02 1.30
C SER C 57 32.91 -26.77 0.20
N HIS C 58 31.64 -26.45 -0.03
CA HIS C 58 30.85 -27.14 -1.06
C HIS C 58 30.68 -26.34 -2.34
N LEU C 59 30.93 -25.03 -2.31
CA LEU C 59 30.75 -24.18 -3.48
C LEU C 59 32.03 -24.14 -4.31
N GLN C 60 31.90 -24.44 -5.59
CA GLN C 60 33.03 -24.37 -6.52
C GLN C 60 33.41 -22.90 -6.73
N GLY C 61 34.44 -22.45 -6.03
CA GLY C 61 34.89 -21.09 -6.13
C GLY C 61 34.39 -20.22 -4.99
N LYS C 62 34.89 -18.99 -4.98
CA LYS C 62 34.55 -18.03 -3.93
C LYS C 62 33.12 -17.54 -4.09
N ALA C 63 32.46 -17.31 -2.97
CA ALA C 63 31.12 -16.74 -2.99
C ALA C 63 31.18 -15.29 -3.46
N ASP C 64 30.07 -14.84 -4.03
CA ASP C 64 30.00 -13.44 -4.44
C ASP C 64 29.70 -12.56 -3.22
N PRO C 65 30.26 -11.34 -3.16
CA PRO C 65 30.09 -10.47 -2.00
C PRO C 65 28.71 -9.80 -1.94
N VAL C 66 27.66 -10.62 -1.97
CA VAL C 66 26.30 -10.13 -2.11
C VAL C 66 25.66 -10.01 -0.72
N GLU C 67 24.70 -9.10 -0.61
CA GLU C 67 23.88 -8.97 0.57
C GLU C 67 22.61 -9.79 0.37
N THR C 68 22.47 -10.87 1.14
CA THR C 68 21.41 -11.86 0.91
C THR C 68 20.96 -12.39 2.27
N PRO C 69 20.34 -11.53 3.10
CA PRO C 69 20.04 -11.92 4.48
C PRO C 69 18.97 -12.99 4.60
N ASN C 70 17.86 -12.83 3.85
CA ASN C 70 16.74 -13.74 4.02
C ASN C 70 17.07 -15.14 3.52
N LEU C 71 17.76 -15.25 2.38
CA LEU C 71 18.17 -16.56 1.91
C LEU C 71 19.21 -17.18 2.83
N ASN C 72 19.98 -16.35 3.54
CA ASN C 72 20.96 -16.87 4.50
C ASN C 72 20.27 -17.62 5.63
N ARG C 73 19.22 -17.03 6.20
CA ARG C 73 18.39 -17.75 7.16
C ARG C 73 17.77 -18.99 6.52
N PHE C 74 17.25 -18.84 5.30
CA PHE C 74 16.58 -19.94 4.62
C PHE C 74 17.50 -21.16 4.48
N ALA C 75 18.77 -20.93 4.11
CA ALA C 75 19.71 -22.03 3.95
C ALA C 75 19.85 -22.83 5.24
N ARG C 76 19.86 -22.14 6.38
CA ARG C 76 20.00 -22.84 7.66
C ARG C 76 18.74 -23.58 8.08
N GLU C 77 17.62 -23.40 7.38
CA GLU C 77 16.40 -24.15 7.64
C GLU C 77 16.07 -25.15 6.55
N SER C 78 16.99 -25.39 5.62
CA SER C 78 16.64 -26.11 4.40
C SER C 78 17.78 -27.01 3.96
N VAL C 79 17.47 -27.83 2.95
CA VAL C 79 18.46 -28.63 2.25
C VAL C 79 19.03 -27.78 1.12
N VAL C 80 20.34 -27.59 1.12
CA VAL C 80 21.02 -26.73 0.16
C VAL C 80 21.77 -27.60 -0.83
N PHE C 81 21.53 -27.37 -2.12
CA PHE C 81 22.16 -28.14 -3.18
C PHE C 81 23.39 -27.38 -3.67
N SER C 82 24.57 -27.98 -3.50
CA SER C 82 25.79 -27.32 -3.94
C SER C 82 26.00 -27.46 -5.44
N SER C 83 25.47 -28.52 -6.04
CA SER C 83 25.76 -28.85 -7.43
C SER C 83 24.48 -28.97 -8.27
N ALA C 84 23.55 -28.05 -8.06
CA ALA C 84 22.37 -27.99 -8.92
C ALA C 84 22.75 -27.39 -10.26
N MET C 85 22.31 -28.03 -11.35
CA MET C 85 22.74 -27.64 -12.69
C MET C 85 21.56 -27.27 -13.56
N SER C 86 21.82 -26.41 -14.53
CA SER C 86 20.88 -26.10 -15.61
C SER C 86 21.49 -26.67 -16.89
N ASN C 87 21.04 -27.86 -17.27
CA ASN C 87 21.66 -28.58 -18.39
C ASN C 87 21.69 -27.73 -19.65
N CYS C 88 20.54 -27.19 -20.05
CA CYS C 88 20.50 -26.17 -21.08
C CYS C 88 20.35 -24.82 -20.39
N PRO C 89 21.45 -24.11 -20.11
CA PRO C 89 21.34 -22.84 -19.37
C PRO C 89 20.78 -21.72 -20.23
N LEU C 90 19.50 -21.85 -20.56
CA LEU C 90 18.75 -20.83 -21.28
C LEU C 90 17.35 -20.75 -20.69
N SER C 91 16.73 -19.56 -20.81
CA SER C 91 15.48 -19.30 -20.11
C SER C 91 14.37 -20.25 -20.57
N SER C 92 14.12 -20.31 -21.88
CA SER C 92 13.01 -21.12 -22.38
C SER C 92 13.29 -22.62 -22.24
N PRO C 93 14.46 -23.16 -22.63
CA PRO C 93 14.68 -24.59 -22.40
C PRO C 93 14.57 -25.02 -20.94
N HIS C 94 15.11 -24.22 -20.02
CA HIS C 94 14.99 -24.57 -18.60
C HIS C 94 13.54 -24.57 -18.15
N ARG C 95 12.76 -23.57 -18.58
CA ARG C 95 11.37 -23.49 -18.17
C ARG C 95 10.58 -24.68 -18.69
N ALA C 96 10.86 -25.12 -19.91
CA ALA C 96 10.16 -26.29 -20.45
C ALA C 96 10.58 -27.57 -19.73
N SER C 97 11.89 -27.73 -19.49
CA SER C 97 12.37 -28.90 -18.76
C SER C 97 11.87 -28.88 -17.32
N LEU C 98 11.83 -27.71 -16.70
CA LEU C 98 11.30 -27.59 -15.34
C LEU C 98 9.84 -28.03 -15.29
N LEU C 99 9.05 -27.62 -16.27
CA LEU C 99 7.62 -27.93 -16.24
C LEU C 99 7.30 -29.35 -16.67
N THR C 100 8.11 -29.93 -17.57
CA THR C 100 7.81 -31.23 -18.13
C THR C 100 8.65 -32.37 -17.57
N GLY C 101 9.80 -32.09 -16.97
CA GLY C 101 10.66 -33.16 -16.51
C GLY C 101 11.37 -33.89 -17.61
N MET C 102 11.42 -33.33 -18.81
CA MET C 102 12.11 -33.92 -19.95
C MET C 102 13.22 -32.97 -20.41
N TYR C 103 14.11 -33.50 -21.24
CA TYR C 103 15.22 -32.73 -21.76
C TYR C 103 14.78 -31.94 -23.00
N PRO C 104 15.53 -30.89 -23.36
CA PRO C 104 15.06 -29.97 -24.41
C PRO C 104 14.58 -30.62 -25.70
N HIS C 105 15.10 -31.81 -26.05
CA HIS C 105 14.66 -32.43 -27.29
C HIS C 105 13.30 -33.13 -27.14
N ARG C 106 12.90 -33.48 -25.93
CA ARG C 106 11.59 -34.07 -25.69
C ARG C 106 10.57 -33.06 -25.18
N SER C 107 11.02 -31.99 -24.52
CA SER C 107 10.10 -30.98 -24.01
C SER C 107 9.53 -30.10 -25.11
N GLY C 108 10.16 -30.09 -26.28
CA GLY C 108 9.71 -29.28 -27.39
C GLY C 108 10.36 -27.92 -27.48
N VAL C 109 11.23 -27.56 -26.54
CA VAL C 109 11.88 -26.25 -26.52
C VAL C 109 13.39 -26.43 -26.42
N PRO C 110 14.11 -26.55 -27.54
CA PRO C 110 15.57 -26.65 -27.48
C PRO C 110 16.27 -25.30 -27.57
N LEU C 111 15.57 -24.29 -28.09
CA LEU C 111 16.09 -22.94 -28.17
C LEU C 111 15.07 -21.98 -27.58
N ASN C 112 15.49 -20.75 -27.34
CA ASN C 112 14.62 -19.74 -26.73
C ASN C 112 13.37 -19.53 -27.59
N VAL C 113 12.20 -19.57 -26.95
CA VAL C 113 10.94 -19.45 -27.67
C VAL C 113 10.86 -18.09 -28.33
N ASN C 114 10.54 -18.08 -29.63
CA ASN C 114 10.62 -16.87 -30.45
C ASN C 114 9.90 -17.16 -31.76
N SER C 115 9.38 -16.10 -32.37
CA SER C 115 8.65 -16.22 -33.63
C SER C 115 9.54 -16.70 -34.77
N ARG C 116 10.85 -16.49 -34.67
CA ARG C 116 11.76 -16.93 -35.72
C ARG C 116 11.99 -18.44 -35.70
N ARG C 117 11.70 -19.11 -34.59
CA ARG C 117 11.86 -20.56 -34.45
C ARG C 117 10.52 -21.16 -34.03
N PRO C 118 9.57 -21.30 -34.96
CA PRO C 118 8.25 -21.86 -34.60
C PRO C 118 8.32 -23.29 -34.07
N PHE C 119 9.36 -24.04 -34.42
CA PHE C 119 9.49 -25.41 -33.93
C PHE C 119 9.79 -25.47 -32.44
N SER C 120 10.27 -24.37 -31.85
CA SER C 120 10.63 -24.33 -30.44
C SER C 120 9.40 -23.87 -29.65
N THR C 121 8.65 -24.83 -29.12
CA THR C 121 7.42 -24.53 -28.41
C THR C 121 7.04 -25.71 -27.54
N LEU C 122 6.35 -25.43 -26.44
CA LEU C 122 5.99 -26.46 -25.48
C LEU C 122 5.03 -27.46 -26.10
N ARG C 123 5.28 -28.75 -25.87
CA ARG C 123 4.43 -29.80 -26.42
C ARG C 123 3.01 -29.69 -25.87
N ASN C 124 2.03 -29.67 -26.78
CA ASN C 124 0.64 -29.65 -26.36
C ASN C 124 0.29 -30.90 -25.56
N ASP C 125 0.83 -32.05 -25.96
CA ASP C 125 0.49 -33.34 -25.39
C ASP C 125 1.30 -33.67 -24.15
N ALA C 126 1.90 -32.67 -23.50
CA ALA C 126 2.76 -32.91 -22.35
C ALA C 126 1.97 -32.78 -21.05
N THR C 127 2.31 -33.63 -20.08
CA THR C 127 1.72 -33.60 -18.74
C THR C 127 2.71 -32.90 -17.82
N THR C 128 2.44 -31.64 -17.51
CA THR C 128 3.38 -30.83 -16.74
C THR C 128 3.15 -31.01 -15.24
N VAL C 129 4.06 -30.44 -14.45
CA VAL C 129 3.97 -30.57 -12.99
C VAL C 129 2.66 -29.96 -12.48
N SER C 130 2.19 -28.90 -13.15
CA SER C 130 0.90 -28.32 -12.77
C SER C 130 -0.25 -29.22 -13.19
N ASP C 131 -0.12 -29.92 -14.31
CA ASP C 131 -1.13 -30.89 -14.71
C ASP C 131 -1.32 -31.93 -13.62
N VAL C 132 -0.20 -32.47 -13.11
CA VAL C 132 -0.27 -33.53 -12.10
C VAL C 132 -0.86 -33.00 -10.80
N PHE C 133 -0.34 -31.87 -10.32
CA PHE C 133 -0.79 -31.34 -9.04
C PHE C 133 -2.26 -30.98 -9.07
N SER C 134 -2.71 -30.29 -10.13
CA SER C 134 -4.11 -29.90 -10.23
C SER C 134 -5.00 -31.14 -10.36
N ARG C 135 -4.52 -32.17 -11.06
CA ARG C 135 -5.29 -33.41 -11.17
C ARG C 135 -5.37 -34.17 -9.87
N ASN C 136 -4.59 -33.80 -8.85
CA ASN C 136 -4.63 -34.43 -7.54
C ASN C 136 -5.04 -33.44 -6.46
N GLY C 137 -5.98 -32.56 -6.80
CA GLY C 137 -6.62 -31.71 -5.81
C GLY C 137 -5.84 -30.50 -5.36
N TYR C 138 -4.97 -29.97 -6.21
CA TYR C 138 -4.19 -28.77 -5.88
C TYR C 138 -4.74 -27.57 -6.63
N ASP C 139 -4.70 -26.42 -5.98
CA ASP C 139 -4.80 -25.15 -6.69
C ASP C 139 -3.42 -24.79 -7.23
N CYS C 140 -3.35 -24.48 -8.52
CA CYS C 140 -2.08 -24.23 -9.18
C CYS C 140 -2.02 -22.79 -9.68
N ALA C 141 -0.95 -22.09 -9.33
CA ALA C 141 -0.79 -20.68 -9.68
C ALA C 141 0.57 -20.45 -10.31
N TYR C 142 0.59 -19.69 -11.40
CA TYR C 142 1.83 -19.27 -12.04
C TYR C 142 1.89 -17.75 -12.06
N ILE C 143 3.01 -17.20 -11.62
CA ILE C 143 3.25 -15.76 -11.64
C ILE C 143 4.62 -15.53 -12.27
N GLY C 144 4.69 -14.59 -13.21
CA GLY C 144 5.95 -14.20 -13.79
C GLY C 144 6.07 -14.54 -15.26
N LYS C 145 7.30 -14.50 -15.77
CA LYS C 145 7.56 -14.76 -17.17
C LYS C 145 7.32 -16.23 -17.49
N TYR C 146 6.38 -16.49 -18.40
CA TYR C 146 6.12 -17.84 -18.88
C TYR C 146 6.71 -18.00 -20.27
N HIS C 147 5.97 -17.56 -21.29
CA HIS C 147 6.50 -17.42 -22.66
C HIS C 147 7.08 -18.74 -23.16
N LEU C 148 6.25 -19.77 -23.16
CA LEU C 148 6.66 -21.10 -23.61
C LEU C 148 5.92 -21.56 -24.85
N ASP C 149 4.99 -20.77 -25.36
CA ASP C 149 4.27 -21.08 -26.59
C ASP C 149 4.77 -20.16 -27.69
N THR C 150 5.21 -20.74 -28.81
CA THR C 150 5.62 -19.94 -29.93
C THR C 150 4.43 -19.12 -30.42
N PRO C 151 4.65 -17.89 -30.88
CA PRO C 151 3.52 -17.06 -31.36
C PRO C 151 2.90 -17.64 -32.62
N THR C 152 1.73 -17.11 -32.95
CA THR C 152 0.98 -17.59 -34.10
C THR C 152 1.07 -16.61 -35.26
N ASN C 161 -7.82 -21.89 -43.13
CA ASN C 161 -7.65 -20.46 -42.87
C ASN C 161 -8.03 -20.13 -41.43
N TYR C 162 -9.12 -20.74 -40.95
CA TYR C 162 -9.57 -20.49 -39.59
C TYR C 162 -8.54 -20.97 -38.58
N VAL C 163 -8.42 -20.23 -37.49
CA VAL C 163 -7.48 -20.54 -36.42
C VAL C 163 -8.26 -20.66 -35.11
N GLU C 164 -8.05 -21.76 -34.40
CA GLU C 164 -8.74 -21.98 -33.13
C GLU C 164 -8.25 -20.98 -32.08
N ASN C 165 -9.14 -20.68 -31.13
CA ASN C 165 -8.80 -19.75 -30.06
C ASN C 165 -7.62 -20.23 -29.25
N ARG C 166 -7.52 -21.55 -29.05
CA ARG C 166 -6.40 -22.13 -28.30
C ARG C 166 -5.06 -21.95 -28.99
N ASP C 167 -5.05 -21.58 -30.27
CA ASP C 167 -3.81 -21.41 -31.01
C ASP C 167 -3.42 -19.95 -31.21
N LEU C 168 -4.27 -19.02 -30.80
CA LEU C 168 -3.96 -17.59 -30.88
C LEU C 168 -3.09 -17.22 -29.70
N VAL C 169 -1.78 -17.16 -29.93
CA VAL C 169 -0.81 -16.87 -28.89
C VAL C 169 0.05 -15.70 -29.36
N TRP C 170 0.12 -14.66 -28.55
CA TRP C 170 0.92 -13.47 -28.87
C TRP C 170 1.30 -12.78 -27.57
N ASP C 171 2.39 -12.02 -27.64
CA ASP C 171 2.81 -11.15 -26.54
C ASP C 171 3.14 -12.05 -25.35
N ALA C 172 2.58 -11.80 -24.16
CA ALA C 172 2.69 -12.68 -23.00
C ALA C 172 1.34 -13.27 -22.61
N TYR C 173 0.40 -13.29 -23.54
CA TYR C 173 -0.91 -13.90 -23.31
C TYR C 173 -0.87 -15.37 -23.66
N THR C 174 -1.61 -16.16 -22.89
CA THR C 174 -1.76 -17.59 -23.15
C THR C 174 -3.23 -17.91 -22.95
N PRO C 175 -3.90 -18.50 -23.94
CA PRO C 175 -5.28 -18.92 -23.73
C PRO C 175 -5.37 -19.90 -22.58
N PRO C 176 -6.47 -19.88 -21.82
CA PRO C 176 -6.56 -20.71 -20.61
C PRO C 176 -6.35 -22.19 -20.87
N GLU C 177 -6.76 -22.67 -22.04
CA GLU C 177 -6.66 -24.08 -22.39
C GLU C 177 -5.22 -24.52 -22.64
N ARG C 178 -4.26 -23.59 -22.62
CA ARG C 178 -2.86 -23.91 -22.77
C ARG C 178 -2.07 -23.70 -21.47
N ARG C 179 -2.76 -23.48 -20.35
CA ARG C 179 -2.10 -23.14 -19.10
C ARG C 179 -1.85 -24.35 -18.21
N HIS C 180 -2.14 -25.56 -18.70
CA HIS C 180 -1.71 -26.81 -18.09
C HIS C 180 -2.10 -26.89 -16.61
N GLY C 181 -3.37 -26.65 -16.34
CA GLY C 181 -3.91 -26.82 -15.00
C GLY C 181 -3.71 -25.65 -14.06
N PHE C 182 -3.03 -24.59 -14.49
CA PHE C 182 -2.85 -23.39 -13.67
C PHE C 182 -4.17 -22.63 -13.66
N ASN C 183 -4.95 -22.77 -12.58
CA ASN C 183 -6.20 -22.02 -12.49
C ASN C 183 -6.00 -20.62 -11.95
N PHE C 184 -4.77 -20.23 -11.62
CA PHE C 184 -4.40 -18.85 -11.36
C PHE C 184 -3.24 -18.49 -12.27
N TRP C 185 -3.36 -17.36 -12.96
CA TRP C 185 -2.42 -17.00 -14.02
C TRP C 185 -2.14 -15.50 -13.97
N TYR C 186 -0.84 -15.14 -13.95
CA TYR C 186 -0.43 -13.74 -13.93
C TYR C 186 0.94 -13.66 -14.62
N SER C 187 0.93 -13.77 -15.94
CA SER C 187 2.14 -13.82 -16.73
C SER C 187 2.68 -12.41 -16.99
N TYR C 188 3.98 -12.34 -17.28
CA TYR C 188 4.69 -11.08 -17.42
C TYR C 188 5.34 -10.98 -18.79
N GLY C 189 5.37 -9.76 -19.33
CA GLY C 189 5.98 -9.54 -20.63
C GLY C 189 6.37 -8.09 -20.80
N THR C 190 7.14 -7.83 -21.85
CA THR C 190 7.55 -6.48 -22.19
C THR C 190 7.39 -6.21 -23.68
N PRO C 197 6.08 -2.94 -20.00
CA PRO C 197 5.94 -3.86 -18.87
C PRO C 197 4.48 -4.11 -18.52
N HIS C 198 3.98 -5.30 -18.82
CA HIS C 198 2.57 -5.59 -18.67
C HIS C 198 2.38 -7.00 -18.12
N TYR C 199 1.19 -7.24 -17.57
CA TYR C 199 0.83 -8.53 -17.01
C TYR C 199 -0.56 -8.93 -17.51
N TRP C 200 -0.79 -10.24 -17.57
CA TRP C 200 -2.06 -10.79 -18.05
C TRP C 200 -2.74 -11.55 -16.94
N ASP C 201 -4.00 -11.21 -16.68
CA ASP C 201 -4.77 -11.78 -15.59
C ASP C 201 -5.00 -13.29 -15.79
N THR C 202 -5.50 -13.92 -14.73
CA THR C 202 -6.09 -15.24 -14.88
C THR C 202 -7.23 -15.21 -15.89
N ASP C 203 -7.98 -14.12 -15.92
CA ASP C 203 -9.11 -13.96 -16.80
C ASP C 203 -8.77 -13.19 -18.09
N GLY C 204 -7.49 -12.95 -18.34
CA GLY C 204 -7.07 -12.32 -19.57
C GLY C 204 -7.08 -10.81 -19.59
N LYS C 205 -7.26 -10.15 -18.45
CA LYS C 205 -7.18 -8.70 -18.39
C LYS C 205 -5.73 -8.25 -18.33
N ARG C 206 -5.41 -7.21 -19.11
CA ARG C 206 -4.04 -6.73 -19.22
C ARG C 206 -3.79 -5.62 -18.20
N HIS C 207 -2.69 -5.73 -17.46
CA HIS C 207 -2.31 -4.76 -16.45
C HIS C 207 -0.97 -4.14 -16.82
N ASP C 208 -0.92 -2.81 -16.85
CA ASP C 208 0.29 -2.07 -17.19
C ASP C 208 0.86 -1.49 -15.89
N ILE C 209 1.86 -2.17 -15.34
CA ILE C 209 2.43 -1.84 -14.04
C ILE C 209 3.89 -1.48 -14.24
N ASN C 210 4.28 -0.28 -13.79
CA ASN C 210 5.67 0.16 -13.88
C ASN C 210 6.47 -0.12 -12.61
N GLN C 211 5.83 -0.66 -11.57
CA GLN C 211 6.54 -1.05 -10.36
C GLN C 211 7.60 -2.08 -10.67
N TRP C 212 8.70 -2.04 -9.91
CA TRP C 212 9.78 -3.01 -10.05
C TRP C 212 9.23 -4.42 -10.10
N SER C 213 9.43 -5.08 -11.24
CA SER C 213 8.72 -6.32 -11.56
C SER C 213 8.78 -7.38 -10.48
N PRO C 214 9.94 -7.73 -9.90
CA PRO C 214 9.92 -8.74 -8.83
C PRO C 214 9.09 -8.32 -7.62
N SER C 215 9.10 -7.03 -7.30
CA SER C 215 8.30 -6.53 -6.18
C SER C 215 6.82 -6.72 -6.44
N HIS C 216 6.36 -6.38 -7.64
CA HIS C 216 4.94 -6.50 -7.96
C HIS C 216 4.50 -7.96 -8.03
N GLU C 217 5.35 -8.82 -8.60
CA GLU C 217 5.02 -10.25 -8.64
C GLU C 217 4.94 -10.83 -7.24
N THR C 218 5.79 -10.34 -6.33
CA THR C 218 5.71 -10.75 -4.94
C THR C 218 4.43 -10.24 -4.28
N ASP C 219 3.98 -9.03 -4.66
CA ASP C 219 2.70 -8.53 -4.19
C ASP C 219 1.57 -9.48 -4.56
N MET C 220 1.56 -9.93 -5.82
CA MET C 220 0.53 -10.86 -6.28
C MET C 220 0.59 -12.17 -5.51
N ALA C 221 1.80 -12.67 -5.24
CA ALA C 221 1.95 -13.92 -4.51
C ALA C 221 1.38 -13.80 -3.10
N ILE C 222 1.68 -12.70 -2.41
CA ILE C 222 1.14 -12.50 -1.06
C ILE C 222 -0.38 -12.45 -1.10
N SER C 223 -0.95 -11.74 -2.08
CA SER C 223 -2.39 -11.70 -2.22
C SER C 223 -2.96 -13.09 -2.48
N TYR C 224 -2.30 -13.87 -3.33
CA TYR C 224 -2.76 -15.23 -3.60
C TYR C 224 -2.67 -16.10 -2.35
N LEU C 225 -1.59 -15.97 -1.59
CA LEU C 225 -1.47 -16.70 -0.33
C LEU C 225 -2.59 -16.31 0.63
N LYS C 226 -2.84 -15.00 0.76
CA LYS C 226 -3.88 -14.52 1.66
C LYS C 226 -5.28 -14.90 1.21
N ASN C 227 -5.44 -15.26 -0.07
CA ASN C 227 -6.75 -15.33 -0.71
C ASN C 227 -7.48 -13.99 -0.57
N GLU C 228 -6.73 -12.90 -0.79
CA GLU C 228 -7.27 -11.56 -0.62
C GLU C 228 -8.39 -11.27 -1.60
N PHE C 229 -8.37 -11.91 -2.77
CA PHE C 229 -9.33 -11.64 -3.83
C PHE C 229 -10.09 -12.89 -4.26
N GLY C 230 -10.13 -13.90 -3.41
CA GLY C 230 -10.95 -15.08 -3.68
C GLY C 230 -10.57 -15.84 -4.93
N ARG C 231 -9.28 -15.89 -5.25
CA ARG C 231 -8.80 -16.56 -6.45
C ARG C 231 -8.35 -17.99 -6.20
N ARG C 232 -8.46 -18.48 -4.97
CA ARG C 232 -8.08 -19.86 -4.68
C ARG C 232 -8.96 -20.40 -3.56
N ASP C 233 -9.12 -21.72 -3.55
CA ASP C 233 -9.88 -22.41 -2.54
C ASP C 233 -8.95 -22.69 -1.36
N VAL C 234 -9.18 -21.99 -0.24
CA VAL C 234 -8.30 -22.14 0.92
C VAL C 234 -8.41 -23.52 1.55
N SER C 235 -9.48 -24.25 1.27
CA SER C 235 -9.62 -25.61 1.76
C SER C 235 -8.81 -26.62 0.96
N LYS C 236 -8.11 -26.17 -0.08
CA LYS C 236 -7.26 -27.01 -0.90
C LYS C 236 -5.79 -26.62 -0.72
N PRO C 237 -4.87 -27.57 -0.87
CA PRO C 237 -3.45 -27.21 -0.96
C PRO C 237 -3.20 -26.44 -2.24
N PHE C 238 -2.11 -25.69 -2.25
CA PHE C 238 -1.76 -24.87 -3.40
C PHE C 238 -0.36 -25.19 -3.89
N PHE C 239 -0.16 -25.01 -5.19
CA PHE C 239 1.13 -25.18 -5.85
C PHE C 239 1.42 -23.89 -6.60
N LEU C 240 2.37 -23.11 -6.10
CA LEU C 240 2.58 -21.73 -6.55
C LEU C 240 3.97 -21.59 -7.14
N MET C 241 4.04 -21.35 -8.45
CA MET C 241 5.30 -21.07 -9.14
C MET C 241 5.44 -19.57 -9.34
N ILE C 242 6.61 -19.04 -9.01
CA ILE C 242 6.89 -17.61 -9.12
C ILE C 242 8.16 -17.45 -9.94
N SER C 243 8.01 -16.92 -11.15
CA SER C 243 9.15 -16.52 -11.97
C SER C 243 9.39 -15.03 -11.70
N MET C 244 10.40 -14.73 -10.88
CA MET C 244 10.75 -13.36 -10.57
C MET C 244 11.64 -12.80 -11.66
N ASN C 245 11.24 -11.67 -12.22
CA ASN C 245 11.87 -11.13 -13.44
C ASN C 245 12.39 -9.72 -13.19
N PRO C 246 13.61 -9.57 -12.69
CA PRO C 246 14.23 -8.27 -12.67
C PRO C 246 14.40 -7.74 -14.10
N PRO C 247 14.38 -6.43 -14.27
CA PRO C 247 14.59 -5.87 -15.62
C PRO C 247 16.00 -6.15 -16.10
N HIS C 248 16.12 -6.59 -17.34
CA HIS C 248 17.42 -6.93 -17.89
C HIS C 248 17.75 -6.19 -19.18
N HIS C 249 16.77 -5.94 -20.03
CA HIS C 249 17.00 -5.11 -21.21
C HIS C 249 17.54 -3.72 -20.85
N PRO C 250 17.07 -3.03 -19.81
CA PRO C 250 17.70 -1.74 -19.43
C PRO C 250 18.95 -1.94 -18.58
N TYR C 251 19.90 -2.72 -19.09
CA TYR C 251 21.21 -2.85 -18.46
C TYR C 251 22.03 -1.58 -18.61
N ASN C 252 21.73 -0.76 -19.63
CA ASN C 252 22.50 0.44 -19.89
C ASN C 252 22.48 1.40 -18.71
N SER C 253 21.33 1.51 -18.04
CA SER C 253 21.12 2.47 -16.98
C SER C 253 20.58 1.78 -15.75
N PHE C 254 20.97 2.28 -14.58
CA PHE C 254 20.54 1.74 -13.31
C PHE C 254 19.11 2.15 -12.94
N ASN C 255 18.33 2.65 -13.91
CA ASN C 255 16.96 3.06 -13.64
C ASN C 255 16.13 1.94 -13.01
N ASP C 256 16.41 0.70 -13.39
CA ASP C 256 15.61 -0.43 -12.90
C ASP C 256 15.84 -0.65 -11.40
N CYS C 257 17.10 -0.61 -10.97
CA CYS C 257 17.43 -1.01 -9.61
C CYS C 257 16.78 -0.09 -8.58
N MET C 258 16.33 -0.68 -7.48
CA MET C 258 15.78 0.07 -6.36
C MET C 258 16.91 0.53 -5.44
N GLU C 259 16.82 1.78 -4.97
CA GLU C 259 17.86 2.33 -4.12
C GLU C 259 18.11 1.47 -2.88
N GLU C 260 17.07 0.84 -2.35
CA GLU C 260 17.22 -0.01 -1.17
C GLU C 260 18.22 -1.13 -1.40
N ASP C 261 18.35 -1.61 -2.63
CA ASP C 261 19.26 -2.70 -2.95
C ASP C 261 20.61 -2.21 -3.44
N TYR C 262 20.62 -1.22 -4.33
CA TYR C 262 21.86 -0.73 -4.89
C TYR C 262 22.77 -0.12 -3.83
N THR C 263 22.19 0.40 -2.75
CA THR C 263 22.98 1.11 -1.73
C THR C 263 24.04 0.22 -1.09
N HIS C 264 23.86 -1.11 -1.12
CA HIS C 264 24.87 -2.00 -0.56
C HIS C 264 26.08 -2.17 -1.47
N TYR C 265 25.97 -1.78 -2.74
CA TYR C 265 27.05 -1.97 -3.70
C TYR C 265 27.58 -0.68 -4.28
N LYS C 266 26.99 0.46 -3.95
CA LYS C 266 27.61 1.74 -4.27
C LYS C 266 28.89 1.91 -3.45
N ASP C 267 29.82 2.69 -3.99
CA ASP C 267 31.12 2.91 -3.37
C ASP C 267 31.86 1.58 -3.17
N ARG C 268 31.77 0.71 -4.17
CA ARG C 268 32.47 -0.57 -4.17
C ARG C 268 33.31 -0.66 -5.44
N THR C 269 34.56 -1.08 -5.30
CA THR C 269 35.44 -1.21 -6.45
C THR C 269 35.14 -2.49 -7.21
N LEU C 270 35.50 -2.48 -8.50
CA LEU C 270 35.28 -3.66 -9.34
C LEU C 270 36.02 -4.86 -8.78
N SER C 271 37.25 -4.67 -8.32
CA SER C 271 38.00 -5.76 -7.69
C SER C 271 37.30 -6.26 -6.44
N GLU C 272 36.59 -5.38 -5.72
CA GLU C 272 35.83 -5.81 -4.55
C GLU C 272 34.60 -6.60 -4.95
N LEU C 273 34.05 -6.35 -6.14
CA LEU C 273 32.82 -7.00 -6.59
C LEU C 273 33.11 -8.30 -7.35
N LEU C 274 34.09 -8.27 -8.25
CA LEU C 274 34.45 -9.47 -9.03
C LEU C 274 35.56 -10.19 -8.27
N VAL C 275 35.16 -11.11 -7.40
CA VAL C 275 36.10 -11.79 -6.52
C VAL C 275 36.54 -13.15 -7.05
N ARG C 276 35.87 -13.68 -8.06
CA ARG C 276 36.25 -14.97 -8.61
C ARG C 276 37.46 -14.79 -9.53
N HIS C 277 38.44 -15.68 -9.40
CA HIS C 277 39.75 -15.47 -10.01
C HIS C 277 39.69 -15.46 -11.54
N ASN C 278 38.61 -15.92 -12.14
CA ASN C 278 38.48 -15.94 -13.59
C ASN C 278 37.79 -14.70 -14.15
N ALA C 279 37.44 -13.74 -13.29
CA ALA C 279 36.66 -12.58 -13.71
C ALA C 279 37.56 -11.51 -14.30
N ASP C 280 37.23 -11.04 -15.50
CA ASP C 280 37.92 -9.93 -16.13
C ASP C 280 37.28 -8.64 -15.65
N THR C 281 38.04 -7.85 -14.88
CA THR C 281 37.53 -6.62 -14.28
C THR C 281 37.82 -5.39 -15.14
N THR C 282 38.00 -5.56 -16.45
CA THR C 282 38.30 -4.45 -17.34
C THR C 282 37.33 -4.34 -18.51
N MET C 283 36.29 -5.17 -18.56
CA MET C 283 35.30 -5.04 -19.62
C MET C 283 34.36 -3.87 -19.34
N GLU C 284 33.58 -3.51 -20.36
CA GLU C 284 32.54 -2.52 -20.16
C GLU C 284 31.37 -3.09 -19.38
N LYS C 285 31.22 -4.41 -19.35
CA LYS C 285 30.21 -5.09 -18.58
C LYS C 285 30.61 -5.23 -17.11
N SER C 286 31.88 -5.01 -16.76
CA SER C 286 32.33 -5.21 -15.40
C SER C 286 31.70 -4.22 -14.41
N SER C 287 31.16 -3.11 -14.89
CA SER C 287 30.46 -2.19 -14.02
C SER C 287 29.01 -2.58 -13.78
N SER C 288 28.48 -3.55 -14.54
CA SER C 288 27.15 -4.07 -14.29
C SER C 288 27.08 -5.02 -13.11
N ALA C 289 28.24 -5.38 -12.53
CA ALA C 289 28.27 -6.33 -11.42
C ALA C 289 27.48 -5.81 -10.23
N ALA C 290 27.71 -4.55 -9.84
CA ALA C 290 26.94 -3.95 -8.76
C ALA C 290 25.46 -3.98 -9.07
N TYR C 291 25.08 -3.57 -10.28
CA TYR C 291 23.70 -3.67 -10.74
C TYR C 291 23.18 -5.10 -10.61
N TYR C 292 23.96 -6.07 -11.11
CA TYR C 292 23.56 -7.47 -11.03
C TYR C 292 23.33 -7.91 -9.59
N PHE C 293 24.31 -7.63 -8.71
CA PHE C 293 24.17 -8.01 -7.31
C PHE C 293 23.03 -7.25 -6.63
N ALA C 294 22.78 -6.01 -7.03
CA ALA C 294 21.67 -5.26 -6.48
C ALA C 294 20.33 -5.93 -6.77
N GLN C 295 20.15 -6.42 -8.01
CA GLN C 295 18.94 -7.17 -8.32
C GLN C 295 18.85 -8.43 -7.48
N ILE C 296 19.99 -9.07 -7.22
CA ILE C 296 20.03 -10.24 -6.35
C ILE C 296 19.49 -9.88 -4.97
N THR C 297 20.05 -8.82 -4.39
CA THR C 297 19.61 -8.37 -3.07
C THR C 297 18.13 -8.01 -3.08
N GLY C 298 17.67 -7.33 -4.14
CA GLY C 298 16.25 -7.05 -4.26
C GLY C 298 15.41 -8.30 -4.37
N VAL C 299 15.90 -9.30 -5.13
CA VAL C 299 15.21 -10.58 -5.22
C VAL C 299 15.13 -11.23 -3.85
N ASP C 300 16.25 -11.22 -3.12
CA ASP C 300 16.27 -11.79 -1.77
C ASP C 300 15.31 -11.06 -0.85
N ARG C 301 15.22 -9.72 -0.98
CA ARG C 301 14.32 -8.95 -0.13
C ARG C 301 12.88 -9.36 -0.34
N GLU C 302 12.45 -9.49 -1.59
CA GLU C 302 11.09 -9.94 -1.88
C GLU C 302 10.86 -11.35 -1.36
N PHE C 303 11.89 -12.20 -1.46
CA PHE C 303 11.81 -13.54 -0.88
C PHE C 303 11.54 -13.47 0.62
N GLY C 304 12.18 -12.53 1.31
CA GLY C 304 11.89 -12.32 2.72
C GLY C 304 10.45 -11.92 2.95
N ARG C 305 9.92 -11.01 2.13
CA ARG C 305 8.51 -10.64 2.23
C ARG C 305 7.60 -11.86 2.08
N LEU C 306 7.93 -12.75 1.15
CA LEU C 306 7.11 -13.94 0.94
C LEU C 306 7.19 -14.89 2.14
N LEU C 307 8.41 -15.16 2.61
CA LEU C 307 8.58 -16.01 3.79
C LEU C 307 7.86 -15.41 4.99
N GLU C 308 7.90 -14.08 5.11
CA GLU C 308 7.22 -13.41 6.22
C GLU C 308 5.72 -13.63 6.16
N ALA C 309 5.11 -13.43 4.99
CA ALA C 309 3.68 -13.70 4.82
C ALA C 309 3.36 -15.16 5.12
N LEU C 310 4.24 -16.07 4.72
CA LEU C 310 4.03 -17.49 5.02
C LEU C 310 3.92 -17.72 6.51
N ASP C 311 4.70 -17.00 7.32
CA ASP C 311 4.63 -17.16 8.76
C ASP C 311 3.32 -16.61 9.32
N GLU C 312 3.00 -15.35 8.99
CA GLU C 312 1.84 -14.69 9.57
C GLU C 312 0.53 -15.31 9.12
N LEU C 313 0.53 -16.11 8.06
CA LEU C 313 -0.67 -16.80 7.60
C LEU C 313 -0.79 -18.21 8.16
N GLY C 314 0.22 -18.69 8.87
CA GLY C 314 0.18 -20.04 9.43
C GLY C 314 0.46 -21.14 8.43
N LEU C 315 1.07 -20.82 7.29
CA LEU C 315 1.33 -21.79 6.25
C LEU C 315 2.74 -22.37 6.29
N SER C 316 3.66 -21.77 7.04
CA SER C 316 5.07 -22.16 6.97
C SER C 316 5.29 -23.60 7.40
N LYS C 317 4.44 -24.12 8.30
CA LYS C 317 4.72 -25.43 8.89
C LYS C 317 4.53 -26.56 7.88
N ASN C 318 3.55 -26.45 7.00
CA ASN C 318 3.28 -27.49 6.01
C ASN C 318 3.36 -26.96 4.58
N THR C 319 4.23 -25.99 4.33
CA THR C 319 4.50 -25.51 2.98
C THR C 319 5.96 -25.80 2.65
N MET C 320 6.17 -26.57 1.58
CA MET C 320 7.52 -26.76 1.07
C MET C 320 7.90 -25.59 0.18
N VAL C 321 8.99 -24.91 0.54
CA VAL C 321 9.46 -23.73 -0.16
C VAL C 321 10.73 -24.09 -0.89
N VAL C 322 10.73 -23.91 -2.21
CA VAL C 322 11.89 -24.20 -3.05
C VAL C 322 12.36 -22.91 -3.70
N PHE C 323 13.66 -22.65 -3.62
CA PHE C 323 14.29 -21.50 -4.27
C PHE C 323 15.28 -22.02 -5.29
N SER C 324 15.25 -21.46 -6.49
CA SER C 324 16.13 -21.88 -7.57
C SER C 324 16.23 -20.76 -8.59
N SER C 325 16.74 -21.08 -9.78
CA SER C 325 16.89 -20.13 -10.86
C SER C 325 16.93 -20.91 -12.17
N ASP C 326 16.73 -20.20 -13.28
CA ASP C 326 16.73 -20.87 -14.57
C ASP C 326 18.14 -21.15 -15.06
N HIS C 327 19.03 -20.17 -14.92
CA HIS C 327 20.43 -20.36 -15.29
C HIS C 327 21.27 -19.35 -14.53
N GLY C 328 22.59 -19.49 -14.65
CA GLY C 328 23.52 -18.59 -14.00
C GLY C 328 23.84 -17.40 -14.86
N GLU C 329 24.90 -16.69 -14.48
CA GLU C 329 25.36 -15.52 -15.20
C GLU C 329 26.88 -15.44 -15.08
N THR C 330 27.58 -15.41 -16.21
CA THR C 330 29.03 -15.39 -16.17
C THR C 330 29.54 -14.15 -15.43
N MET C 331 28.98 -12.99 -15.75
CA MET C 331 29.36 -11.71 -15.17
C MET C 331 30.89 -11.52 -15.25
N CYS C 332 31.32 -11.33 -16.49
CA CYS C 332 32.71 -11.05 -16.84
C CYS C 332 33.66 -12.20 -16.51
N SER C 333 33.13 -13.35 -16.10
CA SER C 333 33.99 -14.52 -15.92
C SER C 333 34.43 -15.04 -17.28
N HIS C 334 35.71 -15.39 -17.37
CA HIS C 334 36.33 -15.84 -18.61
C HIS C 334 36.18 -14.84 -19.74
N GLY C 335 35.94 -13.57 -19.39
CA GLY C 335 35.87 -12.50 -20.38
C GLY C 335 34.73 -12.63 -21.37
N LEU C 336 33.54 -13.02 -20.91
CA LEU C 336 32.42 -13.29 -21.80
C LEU C 336 31.36 -12.21 -21.67
N GLN C 337 30.99 -11.61 -22.81
CA GLN C 337 29.72 -10.91 -22.91
C GLN C 337 28.61 -11.86 -22.54
N ASP C 338 28.44 -12.87 -23.41
CA ASP C 338 27.37 -13.85 -23.35
C ASP C 338 27.12 -14.34 -21.93
N ALA C 339 25.89 -14.11 -21.46
CA ALA C 339 25.61 -14.26 -20.04
C ALA C 339 25.56 -15.73 -19.62
N LYS C 340 24.95 -16.60 -20.43
CA LYS C 340 24.48 -17.85 -19.82
C LYS C 340 24.52 -19.12 -20.66
N ASN C 341 24.82 -19.05 -21.96
CA ASN C 341 24.83 -20.28 -22.77
C ASN C 341 26.26 -20.79 -22.89
N SER C 342 26.75 -21.37 -21.81
CA SER C 342 28.13 -21.83 -21.73
C SER C 342 28.23 -22.91 -20.68
N PRO C 343 29.27 -23.77 -20.74
CA PRO C 343 29.44 -24.82 -19.74
C PRO C 343 30.19 -24.38 -18.49
N TYR C 344 30.56 -23.11 -18.37
CA TYR C 344 31.30 -22.69 -17.19
C TYR C 344 30.39 -22.72 -15.96
N ILE C 345 30.99 -23.02 -14.81
CA ILE C 345 30.20 -23.26 -13.59
C ILE C 345 29.39 -22.04 -13.21
N GLU C 346 29.86 -20.84 -13.57
CA GLU C 346 29.10 -19.64 -13.27
C GLU C 346 27.79 -19.59 -14.05
N SER C 347 27.74 -20.28 -15.20
CA SER C 347 26.55 -20.27 -16.04
C SER C 347 25.65 -21.47 -15.80
N MET C 348 26.18 -22.57 -15.30
CA MET C 348 25.40 -23.79 -15.11
C MET C 348 24.95 -24.00 -13.67
N ASN C 349 25.80 -23.69 -12.68
CA ASN C 349 25.46 -23.93 -11.28
C ASN C 349 24.43 -22.91 -10.83
N VAL C 350 23.22 -23.37 -10.51
CA VAL C 350 22.12 -22.51 -10.08
C VAL C 350 21.83 -22.80 -8.61
N PRO C 351 21.19 -21.89 -7.89
CA PRO C 351 20.80 -22.20 -6.51
C PRO C 351 19.72 -23.26 -6.46
N PHE C 352 19.68 -23.96 -5.34
CA PHE C 352 18.58 -24.88 -5.07
C PHE C 352 18.49 -25.12 -3.56
N LEU C 353 17.39 -24.69 -2.96
CA LEU C 353 17.17 -24.80 -1.53
C LEU C 353 15.73 -25.24 -1.29
N ILE C 354 15.55 -26.30 -0.52
CA ILE C 354 14.24 -26.85 -0.21
C ILE C 354 14.03 -26.79 1.30
N ARG C 355 13.08 -25.98 1.74
CA ARG C 355 12.64 -25.98 3.13
C ARG C 355 11.34 -26.75 3.23
N TYR C 356 11.38 -27.92 3.86
CA TYR C 356 10.22 -28.76 4.13
C TYR C 356 10.22 -28.97 5.63
N PRO C 357 9.70 -28.00 6.40
CA PRO C 357 10.02 -27.92 7.83
C PRO C 357 9.88 -29.22 8.62
N GLN C 358 8.83 -29.99 8.39
CA GLN C 358 8.64 -31.19 9.21
C GLN C 358 9.25 -32.45 8.62
N ARG C 359 9.52 -32.48 7.31
CA ARG C 359 9.98 -33.69 6.66
C ARG C 359 11.41 -33.61 6.15
N LEU C 360 12.09 -32.48 6.33
CA LEU C 360 13.46 -32.34 5.82
C LEU C 360 14.33 -31.69 6.89
N LYS C 361 15.51 -32.26 7.12
CA LYS C 361 16.50 -31.75 8.05
C LYS C 361 17.51 -30.88 7.32
N PRO C 362 17.88 -29.74 7.90
CA PRO C 362 18.84 -28.84 7.24
C PRO C 362 20.18 -29.52 7.02
N LYS C 363 20.59 -29.57 5.75
CA LYS C 363 21.86 -30.19 5.39
C LYS C 363 22.31 -29.61 4.05
N VAL C 364 23.54 -29.96 3.67
CA VAL C 364 24.11 -29.57 2.39
C VAL C 364 24.37 -30.85 1.60
N VAL C 365 23.81 -30.92 0.40
CA VAL C 365 23.90 -32.12 -0.44
C VAL C 365 24.64 -31.77 -1.72
N ASP C 366 25.50 -32.69 -2.16
CA ASP C 366 26.26 -32.53 -3.40
C ASP C 366 25.63 -33.28 -4.57
N TYR C 367 24.32 -33.53 -4.51
CA TYR C 367 23.64 -34.23 -5.60
C TYR C 367 23.73 -33.43 -6.88
N LEU C 368 23.94 -34.13 -8.00
CA LEU C 368 24.02 -33.48 -9.30
C LEU C 368 22.60 -33.38 -9.88
N LEU C 369 21.82 -32.49 -9.24
CA LEU C 369 20.44 -32.22 -9.63
C LEU C 369 20.38 -31.46 -10.95
N SER C 370 19.54 -31.92 -11.86
CA SER C 370 19.35 -31.28 -13.15
C SER C 370 17.93 -30.73 -13.27
N SER C 371 17.72 -29.89 -14.27
CA SER C 371 16.40 -29.26 -14.46
C SER C 371 15.28 -30.28 -14.68
N PRO C 372 15.43 -31.32 -15.52
CA PRO C 372 14.35 -32.31 -15.63
C PRO C 372 14.12 -33.13 -14.36
N ASP C 373 15.00 -33.03 -13.37
CA ASP C 373 14.81 -33.73 -12.10
C ASP C 373 13.86 -33.00 -11.16
N ILE C 374 13.58 -31.72 -11.42
CA ILE C 374 12.83 -30.92 -10.46
C ILE C 374 11.39 -31.42 -10.33
N MET C 375 10.70 -31.56 -11.46
CA MET C 375 9.32 -32.02 -11.42
C MET C 375 9.16 -33.39 -10.74
N PRO C 376 9.98 -34.41 -11.04
CA PRO C 376 9.84 -35.67 -10.29
C PRO C 376 10.10 -35.51 -8.81
N THR C 377 11.17 -34.82 -8.43
CA THR C 377 11.50 -34.64 -7.02
C THR C 377 10.36 -33.94 -6.28
N LEU C 378 9.77 -32.92 -6.90
CA LEU C 378 8.67 -32.19 -6.27
C LEU C 378 7.50 -33.13 -5.98
N LEU C 379 7.08 -33.88 -7.00
CA LEU C 379 5.98 -34.84 -6.82
C LEU C 379 6.31 -35.86 -5.75
N GLY C 380 7.54 -36.39 -5.77
CA GLY C 380 7.94 -37.35 -4.75
C GLY C 380 7.89 -36.76 -3.35
N LEU C 381 8.38 -35.53 -3.18
CA LEU C 381 8.35 -34.88 -1.88
C LEU C 381 6.94 -34.55 -1.41
N SER C 382 5.94 -34.62 -2.29
CA SER C 382 4.56 -34.30 -1.95
C SER C 382 3.68 -35.54 -1.85
N ASN C 383 4.28 -36.72 -1.70
CA ASN C 383 3.59 -38.00 -1.65
C ASN C 383 2.82 -38.29 -2.94
N LEU C 384 3.21 -37.65 -4.04
CA LEU C 384 2.62 -37.92 -5.35
C LEU C 384 3.59 -38.65 -6.27
N GLY C 385 4.63 -39.26 -5.71
CA GLY C 385 5.64 -39.94 -6.50
C GLY C 385 5.09 -41.04 -7.38
N GLN C 386 3.94 -41.60 -7.03
CA GLN C 386 3.28 -42.60 -7.86
C GLN C 386 2.44 -41.98 -8.97
N HIS C 387 2.54 -40.66 -9.18
CA HIS C 387 1.78 -39.97 -10.22
C HIS C 387 2.69 -39.28 -11.23
N ILE C 388 4.00 -39.54 -11.17
CA ILE C 388 4.95 -39.00 -12.13
C ILE C 388 4.64 -39.61 -13.50
N PRO C 389 4.41 -38.79 -14.53
CA PRO C 389 4.19 -39.34 -15.86
C PRO C 389 5.36 -40.20 -16.33
N HIS C 390 5.05 -41.17 -17.19
CA HIS C 390 6.08 -42.09 -17.67
C HIS C 390 7.05 -41.43 -18.63
N GLU C 391 6.59 -40.41 -19.36
CA GLU C 391 7.42 -39.68 -20.31
C GLU C 391 8.52 -38.88 -19.62
N VAL C 392 8.46 -38.72 -18.30
CA VAL C 392 9.44 -37.91 -17.59
C VAL C 392 10.77 -38.65 -17.56
N GLN C 393 11.83 -37.95 -17.97
CA GLN C 393 13.17 -38.52 -17.96
C GLN C 393 13.94 -38.17 -16.69
N GLY C 394 13.51 -37.16 -15.94
CA GLY C 394 14.21 -36.75 -14.75
C GLY C 394 14.17 -37.80 -13.65
N THR C 395 14.89 -37.49 -12.57
CA THR C 395 15.09 -38.42 -11.47
C THR C 395 14.40 -37.90 -10.21
N ASP C 396 13.73 -38.80 -9.51
CA ASP C 396 13.03 -38.46 -8.27
C ASP C 396 14.02 -38.53 -7.11
N PHE C 397 14.42 -37.36 -6.62
CA PHE C 397 15.39 -37.29 -5.53
C PHE C 397 14.74 -37.29 -4.16
N SER C 398 13.42 -37.46 -4.08
CA SER C 398 12.74 -37.35 -2.80
C SER C 398 13.19 -38.45 -1.84
N LYS C 399 13.34 -39.68 -2.35
CA LYS C 399 13.77 -40.78 -1.49
C LYS C 399 15.14 -40.51 -0.88
N ALA C 400 16.05 -39.95 -1.67
CA ALA C 400 17.37 -39.61 -1.15
C ALA C 400 17.29 -38.45 -0.16
N LEU C 401 16.46 -37.46 -0.45
CA LEU C 401 16.37 -36.28 0.41
C LEU C 401 15.77 -36.63 1.78
N PHE C 402 14.74 -37.47 1.80
CA PHE C 402 14.06 -37.80 3.05
C PHE C 402 14.96 -38.56 4.02
N SER C 403 16.00 -39.22 3.54
CA SER C 403 16.89 -39.97 4.41
C SER C 403 17.90 -39.05 5.08
N PRO C 409 22.20 -45.30 -5.84
CA PRO C 409 21.18 -45.17 -6.89
C PRO C 409 21.05 -43.74 -7.38
N LEU C 410 22.05 -42.91 -7.09
CA LEU C 410 22.00 -41.49 -7.41
C LEU C 410 22.93 -41.16 -8.58
N PRO C 411 22.62 -40.09 -9.33
CA PRO C 411 23.40 -39.80 -10.53
C PRO C 411 24.80 -39.31 -10.22
N ASP C 412 25.72 -39.67 -11.10
CA ASP C 412 27.13 -39.30 -10.97
C ASP C 412 27.54 -38.17 -11.91
N ALA C 413 26.70 -37.84 -12.90
CA ALA C 413 27.03 -36.80 -13.85
C ALA C 413 25.73 -36.19 -14.39
N ALA C 414 25.84 -34.97 -14.90
CA ALA C 414 24.71 -34.27 -15.47
C ALA C 414 25.05 -33.81 -16.89
N LEU C 415 24.03 -33.77 -17.74
CA LEU C 415 24.22 -33.36 -19.11
C LEU C 415 24.41 -31.86 -19.22
N TYR C 416 25.19 -31.44 -20.22
CA TYR C 416 25.23 -30.05 -20.65
C TYR C 416 24.80 -30.00 -22.11
N ILE C 417 23.91 -29.06 -22.43
CA ILE C 417 23.30 -28.99 -23.74
C ILE C 417 23.46 -27.58 -24.28
N ARG C 418 23.92 -27.48 -25.53
CA ARG C 418 23.89 -26.21 -26.25
C ARG C 418 23.39 -26.46 -27.65
N ASN C 419 22.41 -25.68 -28.08
CA ASN C 419 21.85 -25.78 -29.42
C ASN C 419 21.96 -24.43 -30.12
N MET C 420 21.84 -24.47 -31.44
CA MET C 420 21.86 -23.26 -32.25
C MET C 420 20.92 -23.44 -33.42
N ASP C 421 20.72 -22.37 -34.18
CA ASP C 421 19.77 -22.36 -35.27
C ASP C 421 20.31 -23.14 -36.47
N GLY C 422 19.38 -23.80 -37.18
CA GLY C 422 19.66 -24.26 -38.52
C GLY C 422 19.53 -23.11 -39.51
N ARG C 423 20.00 -23.36 -40.74
CA ARG C 423 19.99 -22.31 -41.75
C ARG C 423 18.58 -21.89 -42.08
N GLN C 424 18.30 -20.59 -41.95
CA GLN C 424 17.00 -20.06 -42.36
C GLN C 424 16.77 -20.34 -43.83
N ASP C 425 15.51 -20.54 -44.19
CA ASP C 425 15.15 -20.85 -45.57
C ASP C 425 14.07 -19.89 -46.04
N GLN C 426 13.68 -20.04 -47.30
CA GLN C 426 12.77 -19.10 -47.94
C GLN C 426 11.40 -19.10 -47.26
N ASP C 427 10.96 -20.27 -46.79
CA ASP C 427 9.63 -20.42 -46.19
C ASP C 427 9.67 -20.05 -44.71
N GLY C 428 9.81 -18.75 -44.46
CA GLY C 428 9.62 -18.21 -43.13
C GLY C 428 10.74 -18.45 -42.14
N LYS C 429 11.99 -18.59 -42.62
CA LYS C 429 13.20 -18.64 -41.80
C LYS C 429 13.38 -19.99 -41.11
N VAL C 430 13.78 -19.97 -39.83
CA VAL C 430 14.35 -21.14 -39.18
C VAL C 430 13.27 -22.17 -38.87
N ARG C 431 13.56 -23.45 -39.13
CA ARG C 431 12.64 -24.53 -38.80
C ARG C 431 13.33 -25.75 -38.20
N THR C 432 14.62 -25.70 -37.92
CA THR C 432 15.32 -26.82 -37.30
C THR C 432 16.48 -26.28 -36.48
N TYR C 433 17.04 -27.13 -35.62
CA TYR C 433 18.12 -26.75 -34.72
C TYR C 433 19.25 -27.75 -34.81
N VAL C 434 20.44 -27.29 -34.45
CA VAL C 434 21.68 -28.05 -34.54
C VAL C 434 22.22 -28.25 -33.13
N PRO C 435 22.49 -29.47 -32.71
CA PRO C 435 23.08 -29.73 -31.36
C PRO C 435 24.60 -29.56 -31.37
N VAL C 436 25.04 -28.30 -31.33
CA VAL C 436 26.44 -27.98 -31.56
C VAL C 436 27.34 -28.37 -30.39
N ALA C 437 26.80 -28.53 -29.19
CA ALA C 437 27.64 -28.80 -28.03
C ALA C 437 26.90 -29.69 -27.04
N ARG C 438 27.60 -30.72 -26.57
CA ARG C 438 27.14 -31.56 -25.46
C ARG C 438 28.29 -31.73 -24.48
N GLY C 439 27.94 -32.01 -23.23
CA GLY C 439 28.97 -32.09 -22.22
C GLY C 439 28.51 -32.81 -20.96
N ILE C 440 29.45 -32.98 -20.06
CA ILE C 440 29.24 -33.66 -18.79
C ILE C 440 29.78 -32.80 -17.66
N LYS C 441 29.01 -32.66 -16.60
CA LYS C 441 29.47 -32.09 -15.33
C LYS C 441 29.35 -33.18 -14.28
N THR C 442 30.48 -33.75 -13.89
CA THR C 442 30.52 -34.73 -12.80
C THR C 442 30.94 -34.02 -11.51
N HIS C 443 31.14 -34.81 -10.45
CA HIS C 443 31.47 -34.22 -9.15
C HIS C 443 32.81 -33.50 -9.18
N ARG C 444 33.75 -33.98 -10.01
CA ARG C 444 35.10 -33.44 -10.01
C ARG C 444 35.47 -32.72 -11.30
N TYR C 445 34.93 -33.13 -12.44
CA TYR C 445 35.37 -32.61 -13.73
C TYR C 445 34.21 -31.99 -14.50
N THR C 446 34.57 -31.14 -15.46
CA THR C 446 33.62 -30.56 -16.40
C THR C 446 34.19 -30.74 -17.80
N LEU C 447 33.51 -31.53 -18.63
CA LEU C 447 33.89 -31.72 -20.01
C LEU C 447 32.78 -31.25 -20.92
N SER C 448 33.13 -30.46 -21.94
CA SER C 448 32.17 -30.00 -22.93
C SER C 448 32.80 -30.16 -24.30
N LEU C 449 32.04 -30.71 -25.24
CA LEU C 449 32.53 -30.99 -26.59
C LEU C 449 31.68 -30.24 -27.59
N THR C 450 32.34 -29.42 -28.41
CA THR C 450 31.67 -28.68 -29.47
C THR C 450 32.06 -29.29 -30.82
N VAL C 451 31.06 -29.51 -31.67
CA VAL C 451 31.29 -30.04 -33.01
C VAL C 451 30.94 -28.96 -34.01
N ASP C 452 31.48 -29.11 -35.23
CA ASP C 452 31.18 -28.16 -36.29
C ASP C 452 29.71 -28.26 -36.68
N LYS C 453 29.09 -27.09 -36.88
CA LYS C 453 27.69 -27.03 -37.30
C LYS C 453 27.46 -27.81 -38.59
N GLU C 454 28.44 -27.84 -39.48
CA GLU C 454 28.24 -28.37 -40.83
C GLU C 454 28.50 -29.87 -40.93
N ASN C 455 29.53 -30.39 -40.26
CA ASN C 455 29.94 -31.78 -40.46
C ASN C 455 30.05 -32.61 -39.20
N LYS C 456 29.70 -32.07 -38.03
CA LYS C 456 29.54 -32.81 -36.78
C LYS C 456 30.82 -33.55 -36.35
N GLN C 457 31.98 -33.11 -36.79
CA GLN C 457 33.24 -33.61 -36.25
C GLN C 457 33.74 -32.63 -35.19
N LEU C 458 34.56 -33.16 -34.28
CA LEU C 458 34.94 -32.42 -33.09
C LEU C 458 35.66 -31.12 -33.44
N LYS C 459 35.23 -30.03 -32.81
CA LYS C 459 35.81 -28.72 -33.05
C LYS C 459 36.47 -28.11 -31.82
N GLU C 460 35.95 -28.35 -30.62
CA GLU C 460 36.50 -27.75 -29.42
C GLU C 460 36.32 -28.69 -28.24
N ILE C 461 37.27 -28.62 -27.30
CA ILE C 461 37.32 -29.51 -26.16
C ILE C 461 37.53 -28.66 -24.92
N LEU C 462 36.62 -28.77 -23.96
CA LEU C 462 36.74 -28.10 -22.67
C LEU C 462 36.84 -29.18 -21.60
N LEU C 463 37.90 -29.16 -20.81
CA LEU C 463 38.08 -30.15 -19.75
C LEU C 463 38.77 -29.49 -18.58
N PHE C 464 38.11 -29.47 -17.42
CA PHE C 464 38.63 -28.84 -16.22
C PHE C 464 38.45 -29.76 -15.03
N ASP C 465 39.46 -29.79 -14.16
CA ASP C 465 39.36 -30.45 -12.85
C ASP C 465 38.77 -29.43 -11.88
N ASP C 466 37.46 -29.51 -11.66
CA ASP C 466 36.79 -28.51 -10.84
C ASP C 466 37.20 -28.55 -9.38
N LEU C 467 37.84 -29.63 -8.93
CA LEU C 467 38.29 -29.72 -7.55
C LEU C 467 39.57 -28.93 -7.34
N ASP C 468 40.59 -29.16 -8.17
CA ASP C 468 41.84 -28.42 -8.09
C ASP C 468 41.81 -27.11 -8.85
N ASP C 469 40.88 -26.96 -9.78
CA ASP C 469 40.76 -25.75 -10.61
C ASP C 469 39.30 -25.29 -10.57
N PRO C 470 38.85 -24.77 -9.42
CA PRO C 470 37.43 -24.38 -9.31
C PRO C 470 37.03 -23.28 -10.27
N TYR C 471 37.93 -22.36 -10.60
CA TYR C 471 37.64 -21.27 -11.52
C TYR C 471 37.85 -21.67 -12.98
N GLN C 472 38.18 -22.93 -13.24
CA GLN C 472 38.18 -23.51 -14.59
C GLN C 472 39.05 -22.70 -15.55
N MET C 473 40.28 -22.42 -15.13
CA MET C 473 41.22 -21.67 -15.95
C MET C 473 42.29 -22.54 -16.58
N ASN C 474 42.34 -23.83 -16.27
CA ASN C 474 43.31 -24.76 -16.82
C ASN C 474 42.57 -25.76 -17.70
N ASN C 475 42.49 -25.45 -18.99
CA ASN C 475 41.87 -26.35 -19.97
C ASN C 475 42.79 -27.55 -20.16
N ILE C 476 42.46 -28.67 -19.51
CA ILE C 476 43.35 -29.82 -19.48
C ILE C 476 43.56 -30.36 -20.90
N ASP C 477 44.81 -30.69 -21.21
CA ASP C 477 45.10 -31.34 -22.49
C ASP C 477 44.62 -32.78 -22.46
N TRP C 478 43.87 -33.18 -23.49
CA TRP C 478 43.27 -34.50 -23.53
C TRP C 478 44.34 -35.59 -23.59
N ASN C 479 45.41 -35.34 -24.35
CA ASN C 479 46.36 -36.39 -24.68
C ASN C 479 47.28 -36.72 -23.51
N THR C 480 47.42 -35.83 -22.54
CA THR C 480 48.33 -36.07 -21.42
C THR C 480 47.77 -37.06 -20.41
N ARG C 481 46.46 -37.19 -20.30
CA ARG C 481 45.84 -38.16 -19.39
C ARG C 481 44.67 -38.84 -20.08
N PRO C 482 44.91 -39.96 -20.75
CA PRO C 482 43.81 -40.69 -21.41
C PRO C 482 42.94 -41.49 -20.45
N GLN C 483 43.41 -41.77 -19.22
CA GLN C 483 42.55 -42.45 -18.25
C GLN C 483 41.35 -41.60 -17.92
N LEU C 484 41.57 -40.29 -17.76
CA LEU C 484 40.47 -39.36 -17.58
C LEU C 484 39.58 -39.34 -18.81
N LYS C 485 40.19 -39.18 -19.99
CA LYS C 485 39.45 -39.18 -21.25
C LYS C 485 38.46 -40.33 -21.33
N ARG C 486 38.88 -41.54 -20.92
CA ARG C 486 37.99 -42.69 -21.02
C ARG C 486 36.81 -42.56 -20.06
N GLN C 487 37.08 -42.22 -18.80
CA GLN C 487 36.01 -42.15 -17.81
C GLN C 487 34.92 -41.18 -18.23
N LEU C 488 35.29 -39.96 -18.63
CA LEU C 488 34.28 -38.96 -18.96
C LEU C 488 33.60 -39.26 -20.28
N LEU C 489 34.33 -39.81 -21.26
CA LEU C 489 33.67 -40.19 -22.51
C LEU C 489 32.70 -41.34 -22.31
N ILE C 490 33.01 -42.26 -21.40
CA ILE C 490 32.05 -43.31 -21.04
C ILE C 490 30.82 -42.69 -20.38
N GLN C 491 31.04 -41.79 -19.42
CA GLN C 491 29.91 -41.14 -18.75
C GLN C 491 29.07 -40.33 -19.74
N LEU C 492 29.73 -39.64 -20.67
CA LEU C 492 28.98 -38.84 -21.64
C LEU C 492 28.14 -39.73 -22.55
N GLY C 493 28.71 -40.84 -23.02
CA GLY C 493 27.95 -41.74 -23.88
C GLY C 493 26.78 -42.39 -23.16
N GLN C 494 26.99 -42.80 -21.91
CA GLN C 494 25.91 -43.42 -21.15
C GLN C 494 24.75 -42.46 -20.94
N LEU C 495 25.05 -41.21 -20.60
CA LEU C 495 24.00 -40.23 -20.39
C LEU C 495 23.33 -39.84 -21.69
N LEU C 496 24.09 -39.73 -22.77
CA LEU C 496 23.50 -39.41 -24.07
C LEU C 496 22.54 -40.50 -24.51
N LYS C 497 22.78 -41.75 -24.10
CA LYS C 497 21.87 -42.84 -24.46
C LYS C 497 20.68 -42.91 -23.51
N LYS C 498 20.89 -42.58 -22.23
CA LYS C 498 19.80 -42.70 -21.26
C LYS C 498 18.64 -41.77 -21.60
N TYR C 499 18.93 -40.63 -22.21
CA TYR C 499 17.90 -39.65 -22.53
C TYR C 499 17.64 -39.51 -24.02
N ASP C 500 18.33 -40.29 -24.85
CA ASP C 500 18.11 -40.30 -26.30
C ASP C 500 18.32 -38.91 -26.89
N ASP C 501 19.47 -38.32 -26.59
CA ASP C 501 19.81 -37.01 -27.10
C ASP C 501 20.11 -37.10 -28.60
N PRO C 502 19.86 -36.02 -29.35
CA PRO C 502 20.20 -36.03 -30.79
C PRO C 502 21.59 -36.55 -31.11
N TRP C 503 22.55 -36.44 -30.17
CA TRP C 503 23.89 -37.00 -30.42
C TRP C 503 23.87 -38.52 -30.41
N TYR C 504 22.84 -39.14 -29.83
CA TYR C 504 22.71 -40.59 -29.83
C TYR C 504 21.91 -41.08 -31.03
N LYS C 505 20.78 -40.43 -31.30
CA LYS C 505 19.96 -40.80 -32.45
C LYS C 505 20.73 -40.61 -33.75
N ASP C 506 21.39 -39.46 -33.91
CA ASP C 506 22.12 -39.13 -35.12
C ASP C 506 23.56 -39.62 -35.11
N GLY C 507 24.01 -40.22 -34.01
CA GLY C 507 25.36 -40.75 -33.94
C GLY C 507 26.44 -39.70 -34.13
N ILE C 508 26.31 -38.58 -33.43
CA ILE C 508 27.33 -37.53 -33.48
C ILE C 508 28.46 -37.91 -32.53
N LEU C 509 29.67 -37.99 -33.06
CA LEU C 509 30.85 -38.42 -32.30
C LEU C 509 30.65 -39.83 -31.73
N LYS C 510 30.03 -40.70 -32.53
CA LYS C 510 29.78 -42.06 -32.09
C LYS C 510 31.09 -42.81 -31.83
N ASP C 511 32.06 -42.65 -32.73
CA ASP C 511 33.35 -43.30 -32.57
C ASP C 511 34.14 -42.76 -31.39
N LEU C 512 33.69 -41.67 -30.77
CA LEU C 512 34.31 -41.09 -29.57
C LEU C 512 35.75 -40.67 -29.83
#